data_3HLM
#
_entry.id   3HLM
#
_cell.length_a   284.322
_cell.length_b   76.792
_cell.length_c   87.416
_cell.angle_alpha   90.00
_cell.angle_beta   90.00
_cell.angle_gamma   90.00
#
_symmetry.space_group_name_H-M   'P 21 21 2'
#
loop_
_entity.id
_entity.type
_entity.pdbx_description
1 polymer 'Aspartate aminotransferase, mitochondrial'
2 non-polymer GLYCEROL
3 water water
#
_entity_poly.entity_id   1
_entity_poly.type   'polypeptide(L)'
_entity_poly.pdbx_seq_one_letter_code
;SSWWTHVEMGPPDPILGVTEAFKRDTNSKKMNLGVGAYRDDNGKPYVLPSVRKAEAQIAAKNLDKEYLPIGGLAEFCKAS
AELALGENNEVLKSGRFVTVQTISGTGALRVGASFLQRFFKFSRDVFLPKPSWGNHTPIFRDAGMQLQGYRYYDPKTCGF
DFSGALEDISKIPEQSVLLLHACAHNPTGVDPRPEQWKEIASVVKKKNLFAFFDMAYQGFASGDGDKDAWAVRHFIEQGI
NVCLCQSYA(LLP)NMGLYGERVGAFTVVCKDAEEAKRVESQLKILIRPLYSNPPLNGARIAATILTSPDLRKQWLQEVK
GMADRIISMRTQLVSNLKKEGSSHNWQHITDQIGMFCFTGLKPEQVERLTKEFSVYMTKDGRISVAGVTSGNVGYLAHAI
HQVTK
;
_entity_poly.pdbx_strand_id   A,B,C,D
#
loop_
_chem_comp.id
_chem_comp.type
_chem_comp.name
_chem_comp.formula
GOL non-polymer GLYCEROL 'C3 H8 O3'
#
# COMPACT_ATOMS: atom_id res chain seq x y z
N SER A 1 32.22 -32.65 -43.06
CA SER A 1 31.50 -31.91 -41.98
C SER A 1 30.09 -31.56 -42.48
N SER A 2 29.55 -30.44 -41.94
CA SER A 2 28.11 -30.24 -42.03
C SER A 2 27.66 -28.88 -41.53
N TRP A 3 26.47 -28.46 -41.93
CA TRP A 3 25.97 -27.10 -41.57
C TRP A 3 25.80 -26.96 -40.09
N TRP A 4 25.41 -28.04 -39.42
CA TRP A 4 24.98 -27.91 -38.03
C TRP A 4 25.80 -28.62 -36.96
N THR A 5 27.02 -28.97 -37.30
CA THR A 5 27.91 -29.64 -36.40
C THR A 5 28.03 -28.89 -35.04
N HIS A 6 27.91 -27.56 -35.07
CA HIS A 6 28.17 -26.73 -33.93
C HIS A 6 26.86 -26.41 -33.15
N VAL A 7 25.70 -26.90 -33.59
CA VAL A 7 24.43 -26.66 -32.92
C VAL A 7 24.30 -27.57 -31.68
N GLU A 8 24.33 -27.02 -30.49
CA GLU A 8 24.26 -27.90 -29.32
C GLU A 8 22.85 -28.40 -28.98
N MET A 9 22.75 -29.58 -28.35
CA MET A 9 21.50 -30.06 -27.77
C MET A 9 21.00 -29.03 -26.77
N GLY A 10 19.74 -28.64 -26.88
CA GLY A 10 19.14 -27.69 -25.96
C GLY A 10 18.99 -28.30 -24.58
N PRO A 11 18.78 -27.50 -23.52
CA PRO A 11 18.55 -28.09 -22.22
C PRO A 11 17.20 -28.81 -22.10
N PRO A 12 17.08 -29.80 -21.23
CA PRO A 12 15.78 -30.56 -21.04
C PRO A 12 14.63 -29.64 -20.58
N ASP A 13 13.41 -29.83 -21.09
CA ASP A 13 12.26 -29.02 -20.64
C ASP A 13 11.84 -29.54 -19.25
N PRO A 14 12.05 -28.74 -18.18
CA PRO A 14 11.73 -29.31 -16.85
C PRO A 14 10.26 -29.77 -16.73
N ILE A 15 9.31 -28.94 -17.17
CA ILE A 15 7.92 -29.30 -16.94
C ILE A 15 7.55 -30.59 -17.64
N LEU A 16 7.98 -30.75 -18.91
CA LEU A 16 7.79 -32.02 -19.64
C LEU A 16 8.42 -33.24 -18.92
N GLY A 17 9.58 -33.07 -18.30
CA GLY A 17 10.22 -34.16 -17.64
C GLY A 17 9.31 -34.65 -16.52
N VAL A 18 8.80 -33.71 -15.71
CA VAL A 18 7.95 -34.09 -14.61
C VAL A 18 6.76 -34.91 -15.21
N THR A 19 6.14 -34.39 -16.24
CA THR A 19 5.06 -35.07 -16.87
C THR A 19 5.41 -36.46 -17.39
N GLU A 20 6.54 -36.63 -18.05
CA GLU A 20 6.93 -37.94 -18.57
C GLU A 20 7.33 -38.94 -17.48
N ALA A 21 8.02 -38.47 -16.43
CA ALA A 21 8.26 -39.27 -15.19
C ALA A 21 6.92 -39.78 -14.59
N PHE A 22 5.95 -38.91 -14.45
CA PHE A 22 4.60 -39.32 -14.01
C PHE A 22 3.95 -40.44 -14.84
N LYS A 23 4.06 -40.34 -16.16
CA LYS A 23 3.46 -41.33 -17.03
C LYS A 23 4.15 -42.68 -16.85
N ARG A 24 5.47 -42.68 -16.61
CA ARG A 24 6.21 -43.91 -16.40
C ARG A 24 6.07 -44.49 -15.01
N ASP A 25 5.29 -43.88 -14.14
CA ASP A 25 5.28 -44.38 -12.79
C ASP A 25 4.18 -45.42 -12.64
N THR A 26 4.54 -46.61 -12.18
CA THR A 26 3.49 -47.64 -11.97
C THR A 26 2.69 -47.46 -10.63
N ASN A 27 3.12 -46.59 -9.71
CA ASN A 27 2.39 -46.42 -8.47
C ASN A 27 0.94 -46.07 -8.74
N SER A 28 0.02 -46.84 -8.17
CA SER A 28 -1.42 -46.62 -8.44
C SER A 28 -1.95 -45.36 -7.75
N LYS A 29 -1.17 -44.84 -6.80
CA LYS A 29 -1.53 -43.62 -6.08
C LYS A 29 -1.05 -42.31 -6.73
N LYS A 30 -0.27 -42.40 -7.82
CA LYS A 30 0.47 -41.28 -8.34
C LYS A 30 -0.47 -40.20 -8.76
N MET A 31 0.04 -38.97 -8.74
CA MET A 31 -0.69 -37.74 -9.00
C MET A 31 0.16 -36.81 -9.88
N ASN A 32 -0.49 -36.13 -10.83
CA ASN A 32 0.20 -35.17 -11.74
C ASN A 32 -0.19 -33.79 -11.47
N LEU A 33 0.69 -33.10 -10.76
CA LEU A 33 0.46 -31.76 -10.34
C LEU A 33 1.36 -30.77 -11.16
N GLY A 34 1.84 -31.23 -12.32
CA GLY A 34 2.60 -30.38 -13.28
C GLY A 34 1.81 -30.08 -14.56
N VAL A 35 0.61 -30.69 -14.71
CA VAL A 35 -0.21 -30.52 -15.93
C VAL A 35 -0.57 -29.02 -16.03
N GLY A 36 -0.53 -28.44 -17.22
CA GLY A 36 -0.63 -26.97 -17.35
C GLY A 36 -1.94 -26.61 -18.06
N ALA A 37 -3.02 -27.33 -17.78
CA ALA A 37 -4.27 -27.23 -18.48
C ALA A 37 -5.35 -27.79 -17.53
N TYR A 38 -6.59 -27.32 -17.67
CA TYR A 38 -7.68 -27.76 -16.79
C TYR A 38 -7.89 -29.25 -16.87
N ARG A 39 -8.10 -29.90 -15.72
CA ARG A 39 -8.68 -31.27 -15.67
C ARG A 39 -9.94 -31.28 -14.80
N ASP A 40 -10.91 -32.09 -15.18
CA ASP A 40 -12.14 -32.29 -14.38
C ASP A 40 -11.86 -33.26 -13.23
N ASP A 41 -12.90 -33.58 -12.46
CA ASP A 41 -12.71 -34.37 -11.23
C ASP A 41 -12.19 -35.80 -11.41
N ASN A 42 -12.23 -36.35 -12.62
CA ASN A 42 -11.62 -37.66 -12.88
C ASN A 42 -10.27 -37.53 -13.60
N GLY A 43 -9.71 -36.33 -13.59
CA GLY A 43 -8.46 -36.06 -14.30
C GLY A 43 -8.50 -36.13 -15.82
N LYS A 44 -9.59 -35.71 -16.41
CA LYS A 44 -9.76 -35.78 -17.82
C LYS A 44 -9.89 -34.41 -18.45
N PRO A 45 -9.34 -34.25 -19.64
CA PRO A 45 -9.56 -33.07 -20.46
C PRO A 45 -11.03 -32.77 -20.58
N TYR A 46 -11.35 -31.50 -20.67
CA TYR A 46 -12.72 -31.08 -20.60
C TYR A 46 -13.06 -30.09 -21.65
N VAL A 47 -13.73 -30.54 -22.68
CA VAL A 47 -14.23 -29.66 -23.68
C VAL A 47 -15.52 -29.15 -23.21
N LEU A 48 -15.63 -27.87 -23.00
CA LEU A 48 -16.88 -27.28 -22.59
C LEU A 48 -18.07 -27.61 -23.51
N PRO A 49 -19.27 -27.93 -22.92
CA PRO A 49 -20.48 -28.11 -23.74
C PRO A 49 -20.86 -26.89 -24.60
N SER A 50 -20.72 -25.66 -24.09
CA SER A 50 -20.97 -24.45 -24.97
C SER A 50 -20.08 -24.36 -26.22
N VAL A 51 -18.86 -24.92 -26.11
CA VAL A 51 -17.95 -24.95 -27.23
C VAL A 51 -18.45 -25.98 -28.20
N ARG A 52 -19.00 -27.06 -27.67
CA ARG A 52 -19.54 -28.10 -28.55
C ARG A 52 -20.75 -27.55 -29.29
N LYS A 53 -21.57 -26.78 -28.59
CA LYS A 53 -22.75 -26.16 -29.17
C LYS A 53 -22.35 -25.21 -30.29
N ALA A 54 -21.47 -24.27 -29.97
CA ALA A 54 -21.00 -23.35 -30.96
C ALA A 54 -20.47 -24.10 -32.22
N GLU A 55 -19.75 -25.22 -32.02
CA GLU A 55 -19.12 -26.00 -33.12
C GLU A 55 -20.08 -26.69 -34.05
N ALA A 56 -21.16 -27.21 -33.49
CA ALA A 56 -22.20 -27.88 -34.26
C ALA A 56 -22.91 -26.81 -35.07
N GLN A 57 -23.20 -25.70 -34.44
CA GLN A 57 -23.83 -24.53 -35.03
C GLN A 57 -22.96 -23.78 -36.01
N ILE A 58 -21.68 -24.05 -36.03
CA ILE A 58 -20.83 -23.52 -37.08
C ILE A 58 -20.77 -24.50 -38.30
N ALA A 59 -20.78 -25.82 -38.06
CA ALA A 59 -20.60 -26.76 -39.16
C ALA A 59 -21.87 -26.62 -40.03
N ALA A 60 -23.00 -26.42 -39.36
CA ALA A 60 -24.29 -26.13 -40.04
C ALA A 60 -24.29 -24.97 -41.08
N LYS A 61 -23.44 -23.95 -40.92
CA LYS A 61 -23.39 -22.87 -41.96
C LYS A 61 -22.52 -23.21 -43.21
N ASN A 62 -21.91 -24.39 -43.25
CA ASN A 62 -21.07 -24.73 -44.36
C ASN A 62 -20.09 -23.57 -44.77
N LEU A 63 -19.48 -22.93 -43.75
CA LEU A 63 -18.44 -21.88 -43.88
C LEU A 63 -17.23 -22.30 -44.73
N ASP A 64 -16.72 -21.33 -45.48
CA ASP A 64 -15.46 -21.48 -46.23
C ASP A 64 -14.20 -21.50 -45.30
N LYS A 65 -13.03 -21.66 -45.94
CA LYS A 65 -11.78 -21.71 -45.20
C LYS A 65 -10.80 -20.61 -45.64
N GLU A 66 -11.30 -19.51 -46.17
CA GLU A 66 -10.41 -18.47 -46.72
C GLU A 66 -9.61 -17.76 -45.63
N TYR A 67 -8.59 -16.99 -46.06
CA TYR A 67 -7.69 -16.28 -45.21
C TYR A 67 -8.48 -15.27 -44.48
N LEU A 68 -8.16 -14.97 -43.22
CA LEU A 68 -8.78 -13.84 -42.54
C LEU A 68 -7.95 -12.64 -42.85
N PRO A 69 -8.46 -11.46 -42.55
CA PRO A 69 -7.48 -10.36 -42.53
C PRO A 69 -6.28 -10.61 -41.56
N ILE A 70 -5.22 -9.79 -41.69
CA ILE A 70 -3.99 -9.91 -40.95
C ILE A 70 -4.32 -9.78 -39.48
N GLY A 71 -5.09 -8.77 -39.13
CA GLY A 71 -5.65 -8.66 -37.80
C GLY A 71 -6.74 -9.69 -37.44
N GLY A 72 -7.04 -10.64 -38.30
CA GLY A 72 -8.02 -11.67 -37.97
C GLY A 72 -9.52 -11.29 -38.06
N LEU A 73 -10.35 -12.11 -37.41
CA LEU A 73 -11.77 -12.03 -37.57
C LEU A 73 -12.33 -10.84 -36.81
N ALA A 74 -12.75 -9.81 -37.59
CA ALA A 74 -13.25 -8.56 -37.03
C ALA A 74 -14.25 -8.74 -35.86
N GLU A 75 -15.18 -9.67 -35.93
CA GLU A 75 -16.15 -9.82 -34.86
C GLU A 75 -15.63 -10.47 -33.64
N PHE A 76 -14.73 -11.41 -33.79
CA PHE A 76 -13.93 -11.86 -32.66
C PHE A 76 -13.15 -10.69 -31.99
N CYS A 77 -12.46 -9.90 -32.79
CA CYS A 77 -11.75 -8.76 -32.26
C CYS A 77 -12.57 -7.86 -31.39
N LYS A 78 -13.76 -7.44 -31.89
CA LYS A 78 -14.61 -6.41 -31.19
C LYS A 78 -15.24 -7.03 -29.91
N ALA A 79 -15.82 -8.22 -30.07
CA ALA A 79 -16.33 -8.99 -28.90
C ALA A 79 -15.26 -9.19 -27.80
N SER A 80 -14.01 -9.35 -28.23
CA SER A 80 -12.94 -9.69 -27.34
C SER A 80 -12.52 -8.43 -26.52
N ALA A 81 -12.58 -7.28 -27.13
CA ALA A 81 -12.35 -6.07 -26.40
C ALA A 81 -13.49 -5.83 -25.43
N GLU A 82 -14.71 -6.22 -25.84
CA GLU A 82 -15.90 -6.04 -24.97
C GLU A 82 -15.80 -6.96 -23.79
N LEU A 83 -15.50 -8.23 -24.07
CA LEU A 83 -15.17 -9.17 -22.98
C LEU A 83 -14.28 -8.51 -21.93
N ALA A 84 -13.21 -7.83 -22.33
CA ALA A 84 -12.22 -7.39 -21.35
C ALA A 84 -12.53 -6.04 -20.74
N LEU A 85 -13.01 -5.15 -21.58
CA LEU A 85 -13.11 -3.79 -21.10
C LEU A 85 -14.48 -3.60 -20.51
N GLY A 86 -15.38 -4.53 -20.77
CA GLY A 86 -16.74 -4.34 -20.43
C GLY A 86 -17.59 -3.52 -21.37
N GLU A 87 -18.90 -3.75 -21.23
CA GLU A 87 -19.94 -3.32 -22.19
C GLU A 87 -19.89 -1.86 -22.70
N ASN A 88 -20.07 -0.90 -21.80
CA ASN A 88 -20.07 0.48 -22.22
C ASN A 88 -18.80 1.18 -21.80
N ASN A 89 -17.64 0.56 -22.01
CA ASN A 89 -16.47 1.23 -21.57
C ASN A 89 -16.25 2.40 -22.49
N GLU A 90 -15.89 3.55 -21.94
CA GLU A 90 -15.61 4.72 -22.78
C GLU A 90 -14.59 4.50 -23.90
N VAL A 91 -13.68 3.53 -23.71
CA VAL A 91 -12.69 3.18 -24.70
C VAL A 91 -13.49 2.65 -25.87
N LEU A 92 -14.42 1.74 -25.61
CA LEU A 92 -15.30 1.18 -26.68
C LEU A 92 -16.10 2.28 -27.41
N LYS A 93 -16.78 3.12 -26.64
CA LYS A 93 -17.64 4.14 -27.24
C LYS A 93 -16.84 5.13 -28.06
N SER A 94 -15.72 5.59 -27.56
CA SER A 94 -14.94 6.52 -28.35
C SER A 94 -14.08 5.86 -29.44
N GLY A 95 -14.09 4.51 -29.54
CA GLY A 95 -13.27 3.75 -30.47
C GLY A 95 -11.75 3.91 -30.30
N ARG A 96 -11.25 4.43 -29.17
CA ARG A 96 -9.78 4.70 -28.96
C ARG A 96 -8.88 3.48 -28.55
N PHE A 97 -8.87 2.46 -29.39
CA PHE A 97 -8.22 1.20 -29.18
C PHE A 97 -8.14 0.44 -30.48
N VAL A 98 -7.27 -0.53 -30.57
CA VAL A 98 -7.28 -1.49 -31.64
C VAL A 98 -7.07 -2.84 -31.03
N THR A 99 -7.71 -3.86 -31.54
CA THR A 99 -7.51 -5.20 -31.08
C THR A 99 -7.19 -6.05 -32.25
N VAL A 100 -6.19 -6.89 -32.13
CA VAL A 100 -5.93 -7.85 -33.16
C VAL A 100 -5.98 -9.26 -32.63
N GLN A 101 -6.46 -10.19 -33.43
CA GLN A 101 -6.41 -11.61 -33.07
C GLN A 101 -4.98 -12.07 -33.25
N THR A 102 -4.54 -12.94 -32.38
CA THR A 102 -3.16 -13.40 -32.34
C THR A 102 -3.24 -14.91 -32.09
N ILE A 103 -2.09 -15.57 -32.04
CA ILE A 103 -2.00 -17.02 -31.90
C ILE A 103 -1.97 -17.32 -30.44
N SER A 104 -3.16 -17.26 -29.83
CA SER A 104 -3.40 -17.42 -28.38
C SER A 104 -2.70 -16.27 -27.66
N GLY A 105 -2.54 -16.36 -26.33
CA GLY A 105 -1.92 -15.30 -25.54
C GLY A 105 -0.38 -15.30 -25.71
N THR A 106 0.24 -16.43 -26.06
CA THR A 106 1.67 -16.34 -26.38
C THR A 106 1.92 -15.43 -27.61
N GLY A 107 1.17 -15.64 -28.69
CA GLY A 107 1.25 -14.76 -29.85
C GLY A 107 0.98 -13.30 -29.59
N ALA A 108 0.14 -13.01 -28.60
CA ALA A 108 -0.20 -11.62 -28.28
C ALA A 108 0.99 -11.05 -27.51
N LEU A 109 1.61 -11.82 -26.60
CA LEU A 109 2.84 -11.34 -25.91
C LEU A 109 3.94 -11.02 -26.95
N ARG A 110 4.12 -11.94 -27.91
CA ARG A 110 5.12 -11.79 -28.90
C ARG A 110 4.81 -10.60 -29.82
N VAL A 111 3.56 -10.52 -30.34
CA VAL A 111 3.17 -9.39 -31.12
C VAL A 111 3.33 -8.12 -30.32
N GLY A 112 2.84 -8.06 -29.11
CA GLY A 112 3.03 -6.83 -28.33
C GLY A 112 4.50 -6.43 -28.12
N ALA A 113 5.32 -7.42 -27.77
CA ALA A 113 6.75 -7.20 -27.58
C ALA A 113 7.42 -6.64 -28.86
N SER A 114 7.08 -7.21 -30.01
CA SER A 114 7.71 -6.73 -31.22
C SER A 114 7.27 -5.26 -31.54
N PHE A 115 6.14 -4.87 -31.01
CA PHE A 115 5.61 -3.57 -31.28
C PHE A 115 6.33 -2.62 -30.36
N LEU A 116 6.57 -3.01 -29.11
CA LEU A 116 7.44 -2.21 -28.23
C LEU A 116 8.88 -2.02 -28.82
N GLN A 117 9.44 -3.10 -29.34
CA GLN A 117 10.75 -3.08 -29.89
C GLN A 117 10.81 -2.00 -30.98
N ARG A 118 9.87 -2.03 -31.92
CA ARG A 118 9.91 -1.04 -32.99
C ARG A 118 9.46 0.37 -32.63
N PHE A 119 8.46 0.54 -31.74
CA PHE A 119 7.91 1.87 -31.54
C PHE A 119 7.99 2.44 -30.14
N PHE A 120 8.34 1.63 -29.15
CA PHE A 120 8.40 2.18 -27.84
C PHE A 120 9.80 2.76 -27.62
N LYS A 121 9.99 3.99 -28.08
CA LYS A 121 11.28 4.65 -28.18
C LYS A 121 11.75 5.03 -26.77
N PHE A 122 10.83 5.03 -25.81
CA PHE A 122 11.16 5.53 -24.51
C PHE A 122 11.98 4.62 -23.62
N SER A 123 12.08 3.32 -23.97
CA SER A 123 12.77 2.34 -23.11
C SER A 123 13.07 1.07 -23.89
N ARG A 124 14.05 0.26 -23.46
CA ARG A 124 14.16 -1.10 -23.97
C ARG A 124 13.93 -2.11 -22.81
N ASP A 125 13.51 -1.59 -21.65
CA ASP A 125 13.40 -2.41 -20.44
C ASP A 125 11.95 -2.85 -20.11
N VAL A 126 11.71 -4.16 -20.10
CA VAL A 126 10.45 -4.66 -19.57
C VAL A 126 10.60 -5.29 -18.18
N PHE A 127 9.98 -4.67 -17.18
CA PHE A 127 10.00 -5.19 -15.81
C PHE A 127 8.99 -6.29 -15.60
N LEU A 128 9.48 -7.47 -15.21
CA LEU A 128 8.66 -8.62 -14.92
C LEU A 128 8.63 -8.83 -13.42
N PRO A 129 7.50 -9.35 -12.87
CA PRO A 129 7.39 -9.65 -11.46
C PRO A 129 8.37 -10.75 -11.14
N LYS A 130 8.90 -10.84 -9.90
CA LYS A 130 9.63 -12.03 -9.41
C LYS A 130 8.80 -13.01 -8.58
N PRO A 131 8.54 -14.24 -9.09
CA PRO A 131 8.85 -14.73 -10.46
C PRO A 131 7.75 -14.36 -11.47
N SER A 132 7.86 -14.86 -12.71
CA SER A 132 6.81 -14.64 -13.74
C SER A 132 6.65 -15.90 -14.60
N TRP A 133 5.77 -15.91 -15.59
CA TRP A 133 5.69 -17.05 -16.50
C TRP A 133 7.03 -17.21 -17.18
N GLY A 134 7.60 -18.39 -17.07
CA GLY A 134 8.91 -18.59 -17.61
C GLY A 134 9.09 -18.12 -19.07
N ASN A 135 8.03 -18.24 -19.89
CA ASN A 135 8.17 -17.84 -21.31
C ASN A 135 8.32 -16.33 -21.51
N HIS A 136 7.87 -15.59 -20.52
CA HIS A 136 7.85 -14.16 -20.67
C HIS A 136 9.24 -13.71 -21.07
N THR A 137 10.27 -14.30 -20.47
CA THR A 137 11.65 -13.82 -20.66
C THR A 137 12.15 -14.04 -22.09
N PRO A 138 12.08 -15.30 -22.58
CA PRO A 138 12.48 -15.55 -23.96
C PRO A 138 11.65 -14.80 -25.02
N ILE A 139 10.39 -14.52 -24.76
CA ILE A 139 9.55 -13.81 -25.73
C ILE A 139 10.09 -12.39 -25.87
N PHE A 140 10.33 -11.73 -24.73
CA PHE A 140 10.79 -10.32 -24.86
C PHE A 140 12.22 -10.25 -25.37
N ARG A 141 13.05 -11.18 -24.95
CA ARG A 141 14.44 -11.25 -25.42
C ARG A 141 14.44 -11.43 -26.93
N ASP A 142 13.98 -12.58 -27.39
CA ASP A 142 13.81 -12.81 -28.84
C ASP A 142 13.14 -11.61 -29.55
N ALA A 143 12.16 -10.96 -28.96
CA ALA A 143 11.59 -9.78 -29.59
C ALA A 143 12.57 -8.63 -29.68
N GLY A 144 13.68 -8.68 -28.93
CA GLY A 144 14.72 -7.58 -28.92
C GLY A 144 14.51 -6.59 -27.77
N MET A 145 13.83 -6.97 -26.65
CA MET A 145 13.78 -6.10 -25.50
C MET A 145 14.72 -6.65 -24.38
N GLN A 146 14.85 -5.89 -23.28
CA GLN A 146 15.65 -6.31 -22.12
C GLN A 146 14.71 -6.52 -20.91
N LEU A 147 15.02 -7.49 -20.05
CA LEU A 147 14.22 -7.85 -18.89
C LEU A 147 14.87 -7.35 -17.65
N GLN A 148 14.02 -6.83 -16.75
CA GLN A 148 14.43 -6.47 -15.37
C GLN A 148 13.37 -7.12 -14.53
N GLY A 149 13.38 -6.90 -13.25
CA GLY A 149 12.37 -7.48 -12.38
C GLY A 149 11.95 -6.57 -11.24
N TYR A 150 10.84 -6.91 -10.60
CA TYR A 150 10.43 -6.20 -9.42
C TYR A 150 9.97 -7.25 -8.41
N ARG A 151 10.28 -7.03 -7.13
CA ARG A 151 9.79 -7.92 -6.10
C ARG A 151 8.27 -8.14 -6.05
N TYR A 152 7.84 -9.39 -6.12
CA TYR A 152 6.43 -9.67 -6.09
C TYR A 152 6.10 -10.74 -5.07
N TYR A 153 6.56 -11.97 -5.32
CA TYR A 153 6.30 -13.07 -4.42
C TYR A 153 7.02 -12.96 -3.03
N ASP A 154 6.27 -13.14 -1.96
CA ASP A 154 6.84 -13.19 -0.64
C ASP A 154 7.03 -14.60 -0.13
N PRO A 155 8.26 -15.01 -0.08
CA PRO A 155 8.55 -16.37 0.26
C PRO A 155 8.32 -16.61 1.73
N LYS A 156 8.29 -15.54 2.50
CA LYS A 156 8.10 -15.57 3.93
C LYS A 156 6.67 -15.76 4.33
N THR A 157 5.76 -15.33 3.49
CA THR A 157 4.35 -15.57 3.70
C THR A 157 3.67 -16.33 2.62
N CYS A 158 4.37 -16.66 1.52
CA CYS A 158 3.67 -17.23 0.33
C CYS A 158 2.54 -16.35 -0.20
N GLY A 159 2.72 -15.02 -0.06
CA GLY A 159 1.74 -14.02 -0.51
C GLY A 159 2.43 -12.89 -1.27
N PHE A 160 1.72 -11.79 -1.41
CA PHE A 160 2.15 -10.67 -2.15
C PHE A 160 3.07 -9.83 -1.27
N ASP A 161 4.31 -9.66 -1.70
CA ASP A 161 5.20 -8.79 -0.99
C ASP A 161 4.85 -7.39 -1.51
N PHE A 162 3.88 -6.77 -0.84
CA PHE A 162 3.34 -5.46 -1.28
C PHE A 162 4.38 -4.36 -1.13
N SER A 163 5.03 -4.33 0.02
CA SER A 163 5.99 -3.24 0.29
C SER A 163 7.22 -3.27 -0.61
N GLY A 164 7.67 -4.46 -0.90
CA GLY A 164 8.76 -4.66 -1.86
C GLY A 164 8.33 -4.28 -3.27
N ALA A 165 7.15 -4.70 -3.68
CA ALA A 165 6.71 -4.39 -5.00
C ALA A 165 6.66 -2.89 -5.13
N LEU A 166 6.06 -2.23 -4.14
CA LEU A 166 5.75 -0.80 -4.29
C LEU A 166 7.00 0.03 -4.27
N GLU A 167 7.95 -0.44 -3.46
CA GLU A 167 9.26 0.20 -3.41
C GLU A 167 10.04 0.09 -4.80
N ASP A 168 10.10 -1.14 -5.32
CA ASP A 168 10.67 -1.41 -6.62
C ASP A 168 9.92 -0.60 -7.70
N ILE A 169 8.58 -0.64 -7.71
CA ILE A 169 7.86 0.01 -8.80
C ILE A 169 8.08 1.50 -8.74
N SER A 170 8.10 2.05 -7.56
CA SER A 170 8.26 3.47 -7.49
C SER A 170 9.69 3.89 -7.83
N LYS A 171 10.62 2.96 -8.01
CA LYS A 171 12.00 3.30 -8.43
C LYS A 171 12.32 2.96 -9.92
N ILE A 172 11.34 2.36 -10.59
CA ILE A 172 11.51 2.01 -12.00
C ILE A 172 11.76 3.31 -12.72
N PRO A 173 12.81 3.36 -13.58
CA PRO A 173 13.07 4.62 -14.33
C PRO A 173 11.82 5.11 -15.08
N GLU A 174 11.53 6.41 -15.03
CA GLU A 174 10.28 6.86 -15.61
C GLU A 174 10.20 6.44 -17.08
N GLN A 175 8.97 6.19 -17.53
CA GLN A 175 8.75 5.68 -18.92
C GLN A 175 9.36 4.32 -19.31
N SER A 176 9.57 3.43 -18.34
CA SER A 176 9.89 2.06 -18.62
C SER A 176 8.60 1.29 -18.83
N VAL A 177 8.66 0.08 -19.31
CA VAL A 177 7.50 -0.79 -19.40
C VAL A 177 7.34 -1.70 -18.18
N LEU A 178 6.14 -1.82 -17.63
CA LEU A 178 5.85 -2.70 -16.50
C LEU A 178 4.94 -3.81 -16.90
N LEU A 179 5.34 -5.07 -16.75
CA LEU A 179 4.43 -6.16 -17.03
C LEU A 179 3.68 -6.66 -15.78
N LEU A 180 2.38 -6.83 -15.89
CA LEU A 180 1.51 -7.09 -14.72
C LEU A 180 0.57 -8.23 -15.14
N HIS A 181 0.48 -9.26 -14.28
CA HIS A 181 -0.53 -10.28 -14.52
C HIS A 181 -1.84 -9.76 -14.03
N ALA A 182 -2.88 -9.82 -14.87
CA ALA A 182 -4.19 -9.16 -14.58
C ALA A 182 -4.89 -9.83 -13.46
N CYS A 183 -4.56 -11.07 -13.21
CA CYS A 183 -5.11 -11.87 -12.15
C CYS A 183 -4.74 -13.35 -12.37
N ALA A 184 -4.85 -14.14 -11.31
CA ALA A 184 -4.22 -15.48 -11.28
C ALA A 184 -2.74 -15.48 -11.80
N HIS A 185 -1.86 -14.73 -11.13
CA HIS A 185 -0.43 -14.74 -11.43
C HIS A 185 0.13 -16.18 -11.61
N ASN A 186 0.74 -16.47 -12.77
CA ASN A 186 1.37 -17.77 -13.03
C ASN A 186 2.86 -17.53 -12.80
N PRO A 187 3.52 -18.33 -11.95
CA PRO A 187 3.28 -19.62 -11.29
C PRO A 187 2.73 -19.62 -9.84
N THR A 188 2.55 -18.46 -9.20
CA THR A 188 2.40 -18.44 -7.75
C THR A 188 0.97 -18.42 -7.25
N GLY A 189 0.06 -17.97 -8.09
CA GLY A 189 -1.34 -17.90 -7.68
C GLY A 189 -1.59 -16.68 -6.80
N VAL A 190 -0.53 -15.86 -6.60
CA VAL A 190 -0.63 -14.72 -5.70
C VAL A 190 -1.00 -13.45 -6.46
N ASP A 191 -2.13 -12.79 -6.09
CA ASP A 191 -2.60 -11.51 -6.73
C ASP A 191 -2.77 -10.37 -5.74
N PRO A 192 -2.53 -9.12 -6.17
CA PRO A 192 -2.83 -8.01 -5.28
C PRO A 192 -4.32 -7.94 -5.12
N ARG A 193 -4.74 -7.25 -4.06
CA ARG A 193 -6.14 -7.05 -3.78
C ARG A 193 -6.52 -5.69 -4.41
N PRO A 194 -7.84 -5.50 -4.70
CA PRO A 194 -8.26 -4.26 -5.30
C PRO A 194 -7.58 -3.09 -4.63
N GLU A 195 -7.61 -3.04 -3.33
CA GLU A 195 -7.01 -1.97 -2.57
C GLU A 195 -5.55 -1.77 -2.90
N GLN A 196 -4.82 -2.84 -3.12
CA GLN A 196 -3.37 -2.74 -3.41
C GLN A 196 -3.16 -2.32 -4.86
N TRP A 197 -3.96 -2.89 -5.74
CA TRP A 197 -3.99 -2.51 -7.17
C TRP A 197 -4.13 -1.02 -7.34
N LYS A 198 -4.98 -0.42 -6.49
CA LYS A 198 -5.18 1.01 -6.55
C LYS A 198 -3.83 1.68 -6.41
N GLU A 199 -3.04 1.32 -5.39
CA GLU A 199 -1.80 2.04 -5.11
C GLU A 199 -0.74 1.74 -6.11
N ILE A 200 -0.75 0.55 -6.69
CA ILE A 200 0.17 0.36 -7.81
C ILE A 200 -0.15 1.35 -8.93
N ALA A 201 -1.43 1.43 -9.32
CA ALA A 201 -1.89 2.37 -10.39
C ALA A 201 -1.47 3.78 -10.17
N SER A 202 -1.63 4.21 -8.95
CA SER A 202 -1.27 5.55 -8.61
C SER A 202 0.24 5.76 -8.78
N VAL A 203 1.06 4.76 -8.47
CA VAL A 203 2.46 4.89 -8.77
C VAL A 203 2.76 4.85 -10.30
N VAL A 204 2.24 3.85 -10.99
CA VAL A 204 2.38 3.77 -12.42
C VAL A 204 2.03 5.14 -13.10
N LYS A 205 0.84 5.67 -12.78
CA LYS A 205 0.46 6.98 -13.26
C LYS A 205 1.49 8.05 -12.87
N LYS A 206 1.88 8.13 -11.61
CA LYS A 206 2.69 9.21 -11.15
C LYS A 206 4.09 9.18 -11.82
N LYS A 207 4.70 8.01 -11.93
CA LYS A 207 6.05 7.86 -12.52
C LYS A 207 6.04 7.72 -14.07
N ASN A 208 4.84 7.75 -14.61
CA ASN A 208 4.62 7.69 -16.04
C ASN A 208 5.16 6.40 -16.73
N LEU A 209 4.79 5.29 -16.14
CA LEU A 209 5.25 4.01 -16.63
C LEU A 209 4.33 3.44 -17.70
N PHE A 210 4.83 2.63 -18.61
CA PHE A 210 3.92 2.04 -19.56
C PHE A 210 3.43 0.70 -19.04
N ALA A 211 2.12 0.46 -19.03
CA ALA A 211 1.56 -0.74 -18.38
C ALA A 211 1.16 -1.71 -19.42
N PHE A 212 1.70 -2.94 -19.28
CA PHE A 212 1.51 -4.06 -20.19
C PHE A 212 0.86 -5.22 -19.42
N PHE A 213 -0.39 -5.54 -19.70
CA PHE A 213 -1.11 -6.54 -18.92
C PHE A 213 -1.16 -7.88 -19.62
N ASP A 214 -0.93 -8.94 -18.89
CA ASP A 214 -1.09 -10.28 -19.42
C ASP A 214 -2.34 -10.82 -18.72
N MET A 215 -3.33 -11.19 -19.52
CA MET A 215 -4.61 -11.60 -18.96
C MET A 215 -5.00 -12.88 -19.63
N ALA A 216 -4.51 -13.99 -19.07
CA ALA A 216 -4.79 -15.32 -19.63
C ALA A 216 -5.94 -16.07 -18.90
N TYR A 217 -6.53 -15.46 -17.86
CA TYR A 217 -7.45 -16.19 -16.95
C TYR A 217 -8.72 -15.45 -16.55
N GLN A 218 -9.06 -14.32 -17.19
CA GLN A 218 -10.39 -13.73 -17.00
C GLN A 218 -11.54 -14.78 -16.90
N GLY A 219 -12.26 -14.78 -15.76
CA GLY A 219 -13.40 -15.63 -15.62
C GLY A 219 -13.02 -16.98 -15.03
N PHE A 220 -11.91 -17.59 -15.54
CA PHE A 220 -11.38 -18.91 -15.07
C PHE A 220 -10.78 -18.70 -13.66
N ALA A 221 -10.21 -17.54 -13.42
CA ALA A 221 -9.57 -17.22 -12.15
C ALA A 221 -10.53 -17.40 -10.95
N SER A 222 -11.57 -16.56 -10.88
CA SER A 222 -12.49 -16.66 -9.75
C SER A 222 -13.91 -17.09 -10.10
N GLY A 223 -14.21 -17.31 -11.39
CA GLY A 223 -15.59 -17.56 -11.83
C GLY A 223 -16.28 -16.26 -12.16
N ASP A 224 -15.74 -15.12 -11.71
CA ASP A 224 -16.32 -13.83 -12.05
C ASP A 224 -15.48 -12.92 -13.01
N GLY A 225 -15.93 -12.91 -14.26
CA GLY A 225 -15.27 -12.15 -15.33
C GLY A 225 -15.07 -10.68 -14.99
N ASP A 226 -16.09 -10.04 -14.43
CA ASP A 226 -15.88 -8.69 -14.01
C ASP A 226 -14.83 -8.49 -12.86
N LYS A 227 -14.77 -9.39 -11.86
CA LYS A 227 -13.78 -9.20 -10.78
C LYS A 227 -12.37 -9.36 -11.36
N ASP A 228 -12.21 -10.45 -12.10
CA ASP A 228 -10.98 -10.84 -12.70
C ASP A 228 -10.35 -9.75 -13.58
N ALA A 229 -11.16 -9.05 -14.39
CA ALA A 229 -10.66 -7.96 -15.22
C ALA A 229 -10.62 -6.54 -14.53
N TRP A 230 -10.82 -6.50 -13.22
CA TRP A 230 -11.12 -5.26 -12.53
C TRP A 230 -9.92 -4.36 -12.54
N ALA A 231 -8.77 -4.93 -12.26
CA ALA A 231 -7.53 -4.12 -12.30
C ALA A 231 -7.22 -3.49 -13.68
N VAL A 232 -7.25 -4.28 -14.76
CA VAL A 232 -7.07 -3.69 -16.14
C VAL A 232 -7.99 -2.50 -16.30
N ARG A 233 -9.30 -2.74 -16.03
CA ARG A 233 -10.33 -1.70 -16.14
C ARG A 233 -9.97 -0.44 -15.30
N HIS A 234 -9.52 -0.67 -14.08
CA HIS A 234 -9.22 0.43 -13.18
C HIS A 234 -8.01 1.24 -13.64
N PHE A 235 -6.97 0.53 -14.11
CA PHE A 235 -5.84 1.27 -14.68
C PHE A 235 -6.34 2.16 -15.84
N ILE A 236 -7.25 1.63 -16.65
CA ILE A 236 -7.70 2.39 -17.79
C ILE A 236 -8.44 3.64 -17.29
N GLU A 237 -9.21 3.46 -16.23
CA GLU A 237 -10.01 4.52 -15.64
C GLU A 237 -9.16 5.55 -14.93
N GLN A 238 -8.03 5.17 -14.32
CA GLN A 238 -7.12 6.24 -13.89
C GLN A 238 -6.32 6.85 -15.05
N GLY A 239 -6.69 6.52 -16.27
CA GLY A 239 -6.15 7.22 -17.40
C GLY A 239 -4.80 6.68 -17.77
N ILE A 240 -4.64 5.36 -17.66
CA ILE A 240 -3.43 4.74 -18.05
C ILE A 240 -3.74 3.97 -19.31
N ASN A 241 -3.10 4.35 -20.39
CA ASN A 241 -3.36 3.67 -21.65
C ASN A 241 -2.62 2.34 -21.75
N VAL A 242 -3.19 1.32 -21.20
CA VAL A 242 -2.50 0.06 -21.15
C VAL A 242 -2.44 -0.55 -22.53
N CYS A 243 -1.73 -1.67 -22.67
CA CYS A 243 -2.01 -2.60 -23.75
C CYS A 243 -2.30 -3.91 -23.04
N LEU A 244 -2.76 -4.93 -23.74
CA LEU A 244 -3.36 -6.05 -23.03
C LEU A 244 -3.35 -7.32 -23.80
N CYS A 245 -3.07 -8.46 -23.18
CA CYS A 245 -3.00 -9.75 -23.90
C CYS A 245 -4.07 -10.70 -23.44
N GLN A 246 -4.82 -11.27 -24.34
CA GLN A 246 -5.88 -12.12 -23.85
C GLN A 246 -5.62 -13.48 -24.38
N SER A 247 -5.98 -14.47 -23.61
CA SER A 247 -5.96 -15.85 -24.06
C SER A 247 -7.35 -16.51 -23.82
N TYR A 248 -7.75 -17.38 -24.70
CA TYR A 248 -9.00 -18.12 -24.54
C TYR A 248 -8.63 -19.58 -24.33
N ALA A 249 -7.36 -19.89 -24.06
CA ALA A 249 -6.95 -21.33 -23.84
C ALA A 249 -7.67 -21.90 -22.61
N1 LLP A 250 0.66 -15.93 -20.07
C2 LLP A 250 0.43 -16.64 -18.97
C2' LLP A 250 0.73 -16.03 -17.66
C3 LLP A 250 -0.01 -17.92 -19.04
O3 LLP A 250 -0.16 -18.49 -18.02
C4 LLP A 250 -0.26 -18.52 -20.24
C4' LLP A 250 -0.82 -19.94 -20.29
C5 LLP A 250 -0.06 -17.76 -21.37
C6 LLP A 250 0.40 -16.47 -21.27
C5' LLP A 250 -0.25 -18.22 -22.75
OP4 LLP A 250 -1.37 -18.97 -23.14
P LLP A 250 -1.52 -19.68 -24.43
OP1 LLP A 250 -1.64 -21.00 -24.16
OP2 LLP A 250 -2.67 -19.05 -24.82
OP3 LLP A 250 -0.45 -19.42 -25.23
N LLP A 250 -7.70 -21.14 -21.54
CA LLP A 250 -8.09 -21.74 -20.33
CB LLP A 250 -7.01 -21.50 -19.25
CG LLP A 250 -5.61 -21.06 -19.85
CD LLP A 250 -4.28 -21.64 -19.21
CE LLP A 250 -2.88 -21.34 -20.00
NZ LLP A 250 -2.19 -19.96 -20.27
C LLP A 250 -9.54 -21.41 -20.01
O LLP A 250 -10.27 -22.26 -19.61
N ASN A 251 -9.99 -20.21 -20.29
CA ASN A 251 -11.36 -19.84 -19.99
C ASN A 251 -12.44 -20.32 -20.96
N MET A 252 -12.04 -20.78 -22.15
CA MET A 252 -12.95 -21.55 -23.02
C MET A 252 -12.40 -22.90 -23.32
N GLY A 253 -11.26 -23.22 -22.75
CA GLY A 253 -10.72 -24.54 -23.03
C GLY A 253 -10.31 -24.72 -24.49
N LEU A 254 -9.86 -23.68 -25.15
CA LEU A 254 -9.46 -23.81 -26.56
C LEU A 254 -7.95 -24.05 -26.81
N TYR A 255 -7.21 -24.36 -25.74
CA TYR A 255 -5.79 -24.61 -25.71
C TYR A 255 -5.15 -24.73 -27.07
N GLY A 256 -5.30 -25.87 -27.74
CA GLY A 256 -4.61 -26.11 -29.01
C GLY A 256 -5.25 -25.49 -30.26
N GLU A 257 -6.23 -24.60 -30.11
CA GLU A 257 -6.85 -23.98 -31.26
C GLU A 257 -6.23 -22.61 -31.45
N ARG A 258 -5.59 -22.13 -30.36
CA ARG A 258 -4.74 -20.94 -30.34
C ARG A 258 -5.55 -19.67 -30.58
N VAL A 259 -6.36 -19.32 -29.60
CA VAL A 259 -7.21 -18.19 -29.78
C VAL A 259 -6.93 -17.16 -28.70
N GLY A 260 -6.46 -15.99 -29.11
CA GLY A 260 -6.17 -14.88 -28.24
C GLY A 260 -6.18 -13.60 -29.01
N ALA A 261 -5.94 -12.48 -28.31
CA ALA A 261 -5.96 -11.16 -28.98
C ALA A 261 -4.94 -10.23 -28.31
N PHE A 262 -4.54 -9.18 -29.01
CA PHE A 262 -3.70 -8.15 -28.43
C PHE A 262 -4.42 -6.80 -28.62
N THR A 263 -4.47 -5.96 -27.58
CA THR A 263 -5.24 -4.72 -27.65
C THR A 263 -4.32 -3.60 -27.15
N VAL A 264 -4.19 -2.51 -27.90
CA VAL A 264 -3.55 -1.30 -27.41
C VAL A 264 -4.67 -0.24 -27.27
N VAL A 265 -4.73 0.46 -26.13
CA VAL A 265 -5.72 1.44 -25.82
C VAL A 265 -5.03 2.74 -26.11
N CYS A 266 -5.56 3.64 -26.95
CA CYS A 266 -4.83 4.88 -27.34
C CYS A 266 -5.48 6.17 -26.93
N LYS A 267 -4.90 7.27 -27.32
CA LYS A 267 -5.50 8.54 -27.02
C LYS A 267 -6.91 8.77 -27.69
N ASP A 268 -7.09 8.22 -28.91
CA ASP A 268 -8.25 8.42 -29.77
C ASP A 268 -8.21 7.44 -30.93
N ALA A 269 -9.27 7.44 -31.72
CA ALA A 269 -9.46 6.46 -32.79
C ALA A 269 -8.45 6.67 -33.95
N GLU A 270 -8.02 7.90 -34.11
CA GLU A 270 -7.04 8.26 -35.12
C GLU A 270 -5.72 7.52 -34.76
N GLU A 271 -5.31 7.55 -33.50
CA GLU A 271 -4.04 6.99 -33.14
C GLU A 271 -4.17 5.50 -33.23
N ALA A 272 -5.35 5.00 -32.94
CA ALA A 272 -5.53 3.60 -33.08
C ALA A 272 -5.41 3.11 -34.52
N LYS A 273 -5.78 3.94 -35.51
CA LYS A 273 -5.71 3.44 -36.92
C LYS A 273 -4.25 3.24 -37.23
N ARG A 274 -3.44 4.23 -36.80
CA ARG A 274 -1.95 4.21 -37.02
C ARG A 274 -1.22 2.98 -36.41
N VAL A 275 -1.46 2.75 -35.10
CA VAL A 275 -0.98 1.57 -34.40
C VAL A 275 -1.53 0.38 -35.17
N GLU A 276 -2.81 0.36 -35.51
CA GLU A 276 -3.32 -0.79 -36.25
C GLU A 276 -2.53 -1.14 -37.55
N SER A 277 -2.34 -0.16 -38.44
CA SER A 277 -1.59 -0.38 -39.65
C SER A 277 -0.18 -0.88 -39.32
N GLN A 278 0.48 -0.32 -38.27
CA GLN A 278 1.80 -0.83 -37.93
C GLN A 278 1.80 -2.20 -37.24
N LEU A 279 0.74 -2.51 -36.50
CA LEU A 279 0.54 -3.84 -35.95
C LEU A 279 0.42 -4.89 -37.06
N LYS A 280 -0.31 -4.53 -38.13
CA LYS A 280 -0.47 -5.43 -39.26
C LYS A 280 0.83 -5.63 -39.96
N ILE A 281 1.69 -4.59 -40.00
CA ILE A 281 2.97 -4.74 -40.67
C ILE A 281 3.92 -5.68 -39.93
N LEU A 282 3.75 -5.79 -38.64
CA LEU A 282 4.54 -6.70 -37.86
C LEU A 282 4.05 -8.11 -37.88
N ILE A 283 2.75 -8.27 -37.98
CA ILE A 283 2.12 -9.63 -38.07
C ILE A 283 2.31 -10.31 -39.38
N ARG A 284 2.10 -9.60 -40.49
CA ARG A 284 2.28 -10.22 -41.80
C ARG A 284 3.58 -11.03 -41.87
N PRO A 285 4.73 -10.45 -41.46
CA PRO A 285 5.94 -11.30 -41.60
C PRO A 285 6.21 -12.34 -40.50
N LEU A 286 5.36 -12.50 -39.52
CA LEU A 286 5.50 -13.60 -38.60
C LEU A 286 4.75 -14.82 -39.06
N TYR A 287 3.52 -14.63 -39.46
CA TYR A 287 2.69 -15.75 -39.81
C TYR A 287 1.63 -15.41 -40.86
N SER A 288 1.76 -14.25 -41.45
CA SER A 288 0.85 -13.76 -42.47
C SER A 288 -0.51 -13.48 -41.91
N ASN A 289 -1.16 -14.50 -41.38
CA ASN A 289 -2.44 -14.32 -40.78
C ASN A 289 -2.91 -15.49 -39.98
N PRO A 290 -3.83 -15.22 -39.10
CA PRO A 290 -4.27 -16.09 -38.03
C PRO A 290 -5.35 -17.09 -38.38
N PRO A 291 -5.51 -18.08 -37.51
CA PRO A 291 -6.35 -19.22 -37.79
C PRO A 291 -7.82 -19.10 -37.46
N LEU A 292 -8.59 -19.77 -38.27
CA LEU A 292 -10.03 -19.67 -38.36
C LEU A 292 -10.86 -20.30 -37.28
N ASN A 293 -10.69 -21.57 -37.03
CA ASN A 293 -11.54 -22.32 -36.17
C ASN A 293 -11.84 -21.69 -34.82
N GLY A 294 -10.82 -21.47 -34.03
CA GLY A 294 -11.01 -21.09 -32.64
C GLY A 294 -11.58 -19.73 -32.54
N ALA A 295 -11.19 -18.85 -33.47
CA ALA A 295 -11.79 -17.53 -33.46
C ALA A 295 -13.30 -17.58 -33.86
N ARG A 296 -13.73 -18.62 -34.59
CA ARG A 296 -15.14 -18.71 -34.95
C ARG A 296 -15.92 -19.20 -33.74
N ILE A 297 -15.50 -20.34 -33.21
CA ILE A 297 -16.02 -20.80 -31.91
C ILE A 297 -16.11 -19.65 -30.97
N ALA A 298 -15.04 -18.88 -30.80
CA ALA A 298 -15.09 -17.92 -29.71
C ALA A 298 -16.06 -16.84 -30.11
N ALA A 299 -15.98 -16.36 -31.33
CA ALA A 299 -16.92 -15.25 -31.78
C ALA A 299 -18.40 -15.63 -31.58
N THR A 300 -18.76 -16.86 -31.99
CA THR A 300 -20.08 -17.37 -31.86
C THR A 300 -20.58 -17.44 -30.43
N ILE A 301 -19.74 -17.90 -29.50
CA ILE A 301 -20.12 -17.87 -28.10
C ILE A 301 -20.35 -16.41 -27.65
N LEU A 302 -19.44 -15.51 -27.96
CA LEU A 302 -19.49 -14.19 -27.32
C LEU A 302 -20.59 -13.30 -27.87
N THR A 303 -21.04 -13.56 -29.09
CA THR A 303 -22.07 -12.71 -29.71
C THR A 303 -23.50 -13.24 -29.54
N SER A 304 -23.65 -14.51 -29.08
CA SER A 304 -24.96 -15.13 -28.90
C SER A 304 -25.40 -15.12 -27.44
N PRO A 305 -26.21 -14.12 -27.00
CA PRO A 305 -26.43 -13.99 -25.53
C PRO A 305 -26.74 -15.25 -24.75
N ASP A 306 -27.54 -16.18 -25.28
CA ASP A 306 -27.67 -17.48 -24.61
C ASP A 306 -26.36 -18.30 -24.42
N LEU A 307 -25.67 -18.64 -25.52
CA LEU A 307 -24.36 -19.38 -25.51
C LEU A 307 -23.38 -18.69 -24.59
N ARG A 308 -23.32 -17.36 -24.69
CA ARG A 308 -22.45 -16.60 -23.85
C ARG A 308 -22.73 -16.86 -22.38
N LYS A 309 -23.97 -16.59 -22.02
CA LYS A 309 -24.44 -16.79 -20.67
C LYS A 309 -24.17 -18.29 -20.31
N GLN A 310 -24.49 -19.26 -21.17
CA GLN A 310 -24.17 -20.66 -20.83
C GLN A 310 -22.61 -20.89 -20.63
N TRP A 311 -21.80 -20.18 -21.44
CA TRP A 311 -20.35 -20.34 -21.37
C TRP A 311 -19.84 -19.82 -20.02
N LEU A 312 -20.23 -18.60 -19.66
CA LEU A 312 -19.92 -18.08 -18.31
C LEU A 312 -20.29 -19.07 -17.19
N GLN A 313 -21.35 -19.88 -17.32
CA GLN A 313 -21.65 -20.76 -16.18
C GLN A 313 -20.67 -21.87 -16.10
N GLU A 314 -20.22 -22.31 -17.28
CA GLU A 314 -19.25 -23.42 -17.40
C GLU A 314 -17.89 -22.99 -16.85
N VAL A 315 -17.59 -21.71 -16.97
CA VAL A 315 -16.36 -21.14 -16.54
C VAL A 315 -16.40 -21.08 -15.05
N LYS A 316 -17.51 -20.55 -14.50
CA LYS A 316 -17.71 -20.57 -13.07
C LYS A 316 -17.57 -21.98 -12.46
N GLY A 317 -18.04 -22.99 -13.18
CA GLY A 317 -17.87 -24.38 -12.77
C GLY A 317 -16.41 -24.72 -12.57
N MET A 318 -15.60 -24.36 -13.57
CA MET A 318 -14.21 -24.68 -13.57
C MET A 318 -13.53 -23.96 -12.41
N ALA A 319 -13.81 -22.68 -12.22
CA ALA A 319 -13.16 -21.88 -11.19
C ALA A 319 -13.49 -22.45 -9.84
N ASP A 320 -14.76 -22.91 -9.73
CA ASP A 320 -15.32 -23.46 -8.48
C ASP A 320 -14.64 -24.79 -8.18
N ARG A 321 -14.39 -25.62 -9.18
CA ARG A 321 -13.83 -26.94 -8.85
C ARG A 321 -12.44 -26.71 -8.26
N ILE A 322 -11.65 -25.84 -8.92
CA ILE A 322 -10.36 -25.33 -8.46
C ILE A 322 -10.40 -24.72 -7.05
N ILE A 323 -11.28 -23.76 -6.80
CA ILE A 323 -11.43 -23.24 -5.46
C ILE A 323 -11.80 -24.35 -4.41
N SER A 324 -12.67 -25.24 -4.79
CA SER A 324 -13.05 -26.29 -3.90
C SER A 324 -11.82 -27.16 -3.48
N MET A 325 -10.94 -27.46 -4.44
CA MET A 325 -9.76 -28.29 -4.20
C MET A 325 -8.80 -27.57 -3.32
N ARG A 326 -8.67 -26.26 -3.49
CA ARG A 326 -7.84 -25.49 -2.60
C ARG A 326 -8.34 -25.58 -1.16
N THR A 327 -9.68 -25.50 -1.00
CA THR A 327 -10.32 -25.40 0.33
C THR A 327 -10.21 -26.75 0.98
N GLN A 328 -10.56 -27.80 0.24
CA GLN A 328 -10.38 -29.13 0.72
C GLN A 328 -8.93 -29.48 1.14
N LEU A 329 -7.95 -29.03 0.37
CA LEU A 329 -6.57 -29.41 0.65
C LEU A 329 -6.25 -28.85 2.00
N VAL A 330 -6.58 -27.59 2.21
CA VAL A 330 -6.32 -26.93 3.46
C VAL A 330 -7.01 -27.62 4.65
N SER A 331 -8.28 -27.96 4.53
CA SER A 331 -8.99 -28.45 5.68
C SER A 331 -8.50 -29.86 5.95
N ASN A 332 -8.11 -30.57 4.90
CA ASN A 332 -7.46 -31.87 5.10
C ASN A 332 -6.11 -31.78 5.77
N LEU A 333 -5.38 -30.69 5.54
CA LEU A 333 -4.13 -30.53 6.26
C LEU A 333 -4.38 -30.31 7.77
N LYS A 334 -5.47 -29.62 8.13
CA LYS A 334 -5.81 -29.47 9.53
C LYS A 334 -6.18 -30.85 10.09
N LYS A 335 -7.03 -31.57 9.35
CA LYS A 335 -7.43 -32.90 9.79
C LYS A 335 -6.21 -33.75 10.07
N GLU A 336 -5.18 -33.68 9.23
CA GLU A 336 -4.01 -34.52 9.39
C GLU A 336 -3.09 -34.09 10.52
N GLY A 337 -3.29 -32.94 11.13
CA GLY A 337 -2.50 -32.55 12.29
C GLY A 337 -1.37 -31.58 12.01
N SER A 338 -1.25 -31.09 10.78
CA SER A 338 -0.17 -30.19 10.45
C SER A 338 -0.40 -28.96 11.29
N SER A 339 0.65 -28.47 11.89
CA SER A 339 0.57 -27.21 12.61
C SER A 339 1.00 -25.92 11.81
N HIS A 340 1.30 -26.02 10.50
CA HIS A 340 1.82 -24.89 9.69
C HIS A 340 0.71 -24.00 9.19
N ASN A 341 0.97 -22.72 8.97
CA ASN A 341 -0.11 -21.95 8.32
C ASN A 341 -0.22 -22.33 6.80
N TRP A 342 -1.41 -22.74 6.36
CA TRP A 342 -1.65 -23.14 4.97
C TRP A 342 -2.60 -22.18 4.28
N GLN A 343 -2.88 -21.03 4.89
CA GLN A 343 -3.94 -20.23 4.35
C GLN A 343 -3.61 -19.67 2.94
N HIS A 344 -2.32 -19.62 2.63
CA HIS A 344 -1.93 -19.15 1.30
C HIS A 344 -2.62 -20.01 0.27
N ILE A 345 -2.82 -21.27 0.61
CA ILE A 345 -3.37 -22.13 -0.37
C ILE A 345 -4.75 -21.62 -0.78
N THR A 346 -5.44 -20.88 0.11
CA THR A 346 -6.77 -20.48 -0.30
C THR A 346 -6.83 -19.04 -0.66
N ASP A 347 -5.90 -18.25 -0.21
CA ASP A 347 -5.84 -16.86 -0.63
C ASP A 347 -5.44 -16.71 -2.13
N GLN A 348 -4.59 -17.62 -2.60
CA GLN A 348 -4.17 -17.63 -3.96
C GLN A 348 -5.34 -17.87 -4.89
N ILE A 349 -5.13 -17.49 -6.15
CA ILE A 349 -6.17 -17.46 -7.13
C ILE A 349 -5.66 -18.23 -8.36
N GLY A 350 -6.47 -19.14 -8.84
CA GLY A 350 -6.29 -19.70 -10.18
C GLY A 350 -5.74 -21.07 -10.03
N MET A 351 -5.33 -21.68 -11.14
CA MET A 351 -4.88 -23.04 -11.11
C MET A 351 -3.45 -23.28 -10.69
N PHE A 352 -2.70 -22.22 -10.43
CA PHE A 352 -1.37 -22.49 -9.90
C PHE A 352 -1.22 -21.99 -8.47
N CYS A 353 -0.49 -22.78 -7.67
CA CYS A 353 -0.27 -22.43 -6.30
C CYS A 353 1.21 -22.68 -5.93
N PHE A 354 1.89 -21.69 -5.42
CA PHE A 354 3.19 -21.92 -4.74
C PHE A 354 2.82 -22.45 -3.31
N THR A 355 3.15 -23.71 -3.06
CA THR A 355 2.85 -24.36 -1.82
C THR A 355 3.72 -23.90 -0.70
N GLY A 356 4.98 -23.62 -0.94
CA GLY A 356 5.87 -23.13 0.06
C GLY A 356 6.88 -24.24 0.33
N LEU A 357 6.72 -25.37 -0.34
CA LEU A 357 7.59 -26.52 -0.19
C LEU A 357 9.02 -26.30 -0.73
N LYS A 358 10.03 -26.70 0.03
CA LYS A 358 11.40 -26.51 -0.42
C LYS A 358 11.81 -27.61 -1.38
N PRO A 359 12.95 -27.42 -2.06
CA PRO A 359 13.24 -28.47 -3.08
C PRO A 359 13.41 -29.86 -2.57
N GLU A 360 14.08 -30.03 -1.44
CA GLU A 360 14.21 -31.33 -0.77
C GLU A 360 12.85 -31.97 -0.47
N GLN A 361 11.90 -31.19 -0.03
CA GLN A 361 10.55 -31.73 0.20
C GLN A 361 9.84 -32.18 -1.08
N VAL A 362 10.00 -31.42 -2.14
CA VAL A 362 9.49 -31.84 -3.43
C VAL A 362 10.09 -33.19 -3.87
N GLU A 363 11.38 -33.39 -3.74
CA GLU A 363 11.96 -34.70 -4.06
C GLU A 363 11.31 -35.87 -3.28
N ARG A 364 11.16 -35.71 -1.95
CA ARG A 364 10.34 -36.66 -1.14
C ARG A 364 8.95 -36.92 -1.67
N LEU A 365 8.17 -35.87 -1.98
CA LEU A 365 6.82 -36.08 -2.53
C LEU A 365 6.86 -36.94 -3.77
N THR A 366 7.85 -36.71 -4.61
CA THR A 366 7.90 -37.48 -5.81
C THR A 366 8.39 -38.92 -5.58
N LYS A 367 9.52 -39.08 -4.89
CA LYS A 367 10.10 -40.39 -4.62
C LYS A 367 9.25 -41.23 -3.66
N GLU A 368 8.78 -40.63 -2.58
CA GLU A 368 8.10 -41.44 -1.57
C GLU A 368 6.64 -41.55 -1.80
N PHE A 369 6.09 -40.63 -2.57
CA PHE A 369 4.66 -40.58 -2.70
C PHE A 369 4.19 -40.58 -4.11
N SER A 370 5.06 -40.29 -5.08
CA SER A 370 4.65 -40.24 -6.51
C SER A 370 3.68 -39.10 -6.77
N VAL A 371 3.80 -38.05 -5.98
CA VAL A 371 3.24 -36.75 -6.29
C VAL A 371 4.23 -35.95 -7.21
N TYR A 372 3.78 -35.52 -8.39
CA TYR A 372 4.70 -34.90 -9.38
C TYR A 372 4.41 -33.44 -9.55
N MET A 373 5.44 -32.65 -9.25
CA MET A 373 5.29 -31.23 -9.31
C MET A 373 6.67 -30.66 -9.62
N THR A 374 6.76 -29.36 -9.94
CA THR A 374 8.07 -28.77 -10.21
C THR A 374 8.82 -28.44 -8.91
N LYS A 375 10.12 -28.32 -9.00
CA LYS A 375 10.97 -28.19 -7.84
C LYS A 375 10.78 -26.89 -7.12
N ASP A 376 10.15 -25.91 -7.74
CA ASP A 376 9.93 -24.59 -7.11
C ASP A 376 8.73 -24.66 -6.10
N GLY A 377 8.06 -25.82 -6.06
CA GLY A 377 6.95 -26.11 -5.16
C GLY A 377 5.61 -25.64 -5.73
N ARG A 378 5.54 -25.49 -7.02
CA ARG A 378 4.34 -25.04 -7.64
C ARG A 378 3.51 -26.23 -7.91
N ILE A 379 2.27 -26.23 -7.47
CA ILE A 379 1.38 -27.30 -7.90
C ILE A 379 0.33 -26.79 -8.85
N SER A 380 -0.04 -27.64 -9.78
CA SER A 380 -1.16 -27.40 -10.58
C SER A 380 -2.41 -27.99 -9.84
N VAL A 381 -3.20 -27.09 -9.30
CA VAL A 381 -4.41 -27.44 -8.64
C VAL A 381 -5.38 -28.25 -9.52
N ALA A 382 -5.12 -28.33 -10.82
CA ALA A 382 -6.08 -28.99 -11.74
C ALA A 382 -5.87 -30.45 -11.65
N GLY A 383 -4.73 -30.86 -11.09
CA GLY A 383 -4.42 -32.28 -10.90
C GLY A 383 -4.97 -32.79 -9.56
N VAL A 384 -5.46 -31.90 -8.73
CA VAL A 384 -6.07 -32.33 -7.50
C VAL A 384 -7.53 -32.69 -7.80
N THR A 385 -7.95 -33.84 -7.25
CA THR A 385 -9.38 -34.23 -7.38
C THR A 385 -9.95 -34.59 -6.00
N SER A 386 -11.27 -34.52 -5.87
CA SER A 386 -11.88 -34.85 -4.61
C SER A 386 -11.51 -36.33 -4.25
N GLY A 387 -11.04 -37.06 -5.22
CA GLY A 387 -10.60 -38.40 -5.00
C GLY A 387 -9.17 -38.50 -4.55
N ASN A 388 -8.33 -37.54 -4.85
CA ASN A 388 -6.95 -37.68 -4.43
C ASN A 388 -6.47 -36.70 -3.40
N VAL A 389 -7.36 -35.81 -3.01
CA VAL A 389 -7.03 -34.70 -2.16
C VAL A 389 -6.66 -35.10 -0.74
N GLY A 390 -7.12 -36.25 -0.29
CA GLY A 390 -6.80 -36.75 1.05
C GLY A 390 -5.38 -37.32 1.06
N TYR A 391 -5.11 -38.18 0.08
CA TYR A 391 -3.76 -38.64 -0.14
C TYR A 391 -2.71 -37.51 -0.19
N LEU A 392 -2.95 -36.53 -1.08
CA LEU A 392 -2.16 -35.31 -1.16
C LEU A 392 -1.86 -34.71 0.18
N ALA A 393 -2.92 -34.38 0.93
CA ALA A 393 -2.72 -33.66 2.18
C ALA A 393 -1.91 -34.53 3.17
N HIS A 394 -2.16 -35.84 3.16
CA HIS A 394 -1.34 -36.69 3.95
C HIS A 394 0.13 -36.58 3.47
N ALA A 395 0.39 -36.73 2.16
CA ALA A 395 1.80 -36.66 1.71
C ALA A 395 2.41 -35.32 2.10
N ILE A 396 1.68 -34.22 1.90
CA ILE A 396 2.27 -32.91 2.20
C ILE A 396 2.62 -32.74 3.67
N HIS A 397 1.72 -33.25 4.52
CA HIS A 397 1.93 -33.19 5.94
C HIS A 397 3.16 -34.01 6.34
N GLN A 398 3.22 -35.22 5.82
CA GLN A 398 4.34 -36.09 6.07
C GLN A 398 5.71 -35.42 5.87
N VAL A 399 5.86 -34.73 4.74
CA VAL A 399 7.20 -34.25 4.34
C VAL A 399 7.45 -32.95 4.96
N THR A 400 6.45 -32.34 5.61
CA THR A 400 6.66 -31.08 6.35
C THR A 400 6.49 -31.19 7.88
N LYS A 401 5.97 -32.31 8.33
CA LYS A 401 5.76 -32.46 9.81
C LYS A 401 7.12 -32.33 10.53
N SER B 1 2.24 13.84 -24.86
CA SER B 1 1.09 13.48 -23.97
C SER B 1 0.38 12.21 -24.56
N SER B 2 1.16 11.36 -25.23
CA SER B 2 0.67 10.09 -25.72
C SER B 2 1.89 9.28 -26.16
N TRP B 3 1.77 7.97 -26.03
CA TRP B 3 2.87 7.04 -26.24
C TRP B 3 3.12 6.92 -27.73
N TRP B 4 2.08 7.05 -28.54
CA TRP B 4 2.16 6.67 -29.95
C TRP B 4 2.07 7.85 -30.92
N THR B 5 2.09 9.07 -30.42
CA THR B 5 1.94 10.21 -31.29
C THR B 5 2.95 10.05 -32.46
N HIS B 6 4.14 9.46 -32.27
CA HIS B 6 5.07 9.48 -33.39
C HIS B 6 5.04 8.22 -34.28
N VAL B 7 4.01 7.38 -34.14
CA VAL B 7 3.88 6.13 -34.93
C VAL B 7 3.14 6.44 -36.24
N GLU B 8 3.81 6.28 -37.37
CA GLU B 8 3.21 6.68 -38.65
C GLU B 8 2.28 5.64 -39.29
N MET B 9 1.27 6.12 -40.03
CA MET B 9 0.40 5.23 -40.79
C MET B 9 1.21 4.46 -41.79
N GLY B 10 0.94 3.16 -41.93
CA GLY B 10 1.61 2.32 -42.92
C GLY B 10 1.27 2.66 -44.37
N PRO B 11 2.14 2.22 -45.32
CA PRO B 11 1.80 2.36 -46.74
C PRO B 11 0.47 1.65 -47.08
N PRO B 12 -0.14 2.02 -48.21
CA PRO B 12 -1.44 1.31 -48.53
C PRO B 12 -1.13 -0.04 -49.12
N ASP B 13 -2.01 -1.00 -48.92
CA ASP B 13 -1.82 -2.28 -49.58
C ASP B 13 -2.22 -2.19 -51.07
N PRO B 14 -1.22 -2.22 -51.99
CA PRO B 14 -1.61 -2.02 -53.42
C PRO B 14 -2.82 -2.91 -53.82
N ILE B 15 -2.72 -4.20 -53.55
CA ILE B 15 -3.69 -5.21 -53.93
C ILE B 15 -5.08 -4.93 -53.40
N LEU B 16 -5.16 -4.72 -52.10
CA LEU B 16 -6.41 -4.35 -51.56
C LEU B 16 -6.99 -3.19 -52.37
N GLY B 17 -6.22 -2.16 -52.54
CA GLY B 17 -6.72 -1.03 -53.26
C GLY B 17 -7.47 -1.54 -54.45
N VAL B 18 -6.84 -2.50 -55.09
CA VAL B 18 -7.32 -3.11 -56.35
C VAL B 18 -8.58 -3.97 -56.15
N THR B 19 -8.53 -4.92 -55.23
CA THR B 19 -9.70 -5.67 -54.82
C THR B 19 -10.90 -4.78 -54.55
N GLU B 20 -10.71 -3.70 -53.84
CA GLU B 20 -11.83 -2.86 -53.45
C GLU B 20 -12.24 -1.84 -54.52
N ALA B 21 -11.33 -1.58 -55.48
CA ALA B 21 -11.72 -0.85 -56.69
C ALA B 21 -12.65 -1.72 -57.56
N PHE B 22 -12.28 -3.00 -57.68
CA PHE B 22 -13.09 -4.00 -58.37
C PHE B 22 -14.55 -3.98 -57.88
N LYS B 23 -14.73 -4.12 -56.55
CA LYS B 23 -16.05 -4.25 -55.88
C LYS B 23 -16.90 -2.98 -56.09
N ARG B 24 -16.27 -1.81 -56.13
CA ARG B 24 -16.92 -0.57 -56.60
C ARG B 24 -17.25 -0.60 -58.10
N ASP B 25 -16.42 -1.27 -58.90
CA ASP B 25 -16.73 -1.28 -60.32
C ASP B 25 -18.13 -1.82 -60.52
N THR B 26 -18.83 -1.14 -61.40
CA THR B 26 -20.25 -1.27 -61.54
C THR B 26 -20.65 -1.96 -62.88
N ASN B 27 -19.82 -1.78 -63.92
CA ASN B 27 -19.86 -2.64 -65.10
C ASN B 27 -20.00 -4.15 -64.72
N SER B 28 -20.69 -4.97 -65.50
CA SER B 28 -20.81 -6.38 -65.10
C SER B 28 -20.05 -7.36 -66.01
N LYS B 29 -19.02 -6.89 -66.66
CA LYS B 29 -18.12 -7.75 -67.41
C LYS B 29 -16.75 -7.84 -66.67
N LYS B 30 -16.72 -7.19 -65.49
CA LYS B 30 -15.54 -7.00 -64.63
C LYS B 30 -14.86 -8.30 -64.15
N MET B 31 -13.55 -8.25 -64.05
CA MET B 31 -12.76 -9.39 -63.57
C MET B 31 -11.74 -8.97 -62.52
N ASN B 32 -11.54 -9.84 -61.56
CA ASN B 32 -10.61 -9.65 -60.46
C ASN B 32 -9.43 -10.60 -60.64
N LEU B 33 -8.42 -10.12 -61.33
CA LEU B 33 -7.25 -10.98 -61.56
C LEU B 33 -6.19 -10.81 -60.48
N GLY B 34 -6.58 -10.22 -59.35
CA GLY B 34 -5.68 -9.91 -58.27
C GLY B 34 -6.01 -10.66 -56.98
N VAL B 35 -6.81 -11.71 -57.13
CA VAL B 35 -7.28 -12.50 -56.02
C VAL B 35 -6.26 -13.61 -55.64
N GLY B 36 -5.81 -13.61 -54.39
CA GLY B 36 -4.70 -14.46 -54.04
C GLY B 36 -5.04 -15.90 -53.71
N ALA B 37 -6.28 -16.39 -53.92
CA ALA B 37 -6.59 -17.79 -53.60
C ALA B 37 -7.25 -18.48 -54.75
N TYR B 38 -7.18 -19.81 -54.80
CA TYR B 38 -7.97 -20.58 -55.71
C TYR B 38 -9.48 -20.20 -55.71
N ARG B 39 -10.02 -20.09 -56.93
CA ARG B 39 -11.43 -19.86 -57.13
C ARG B 39 -11.83 -20.84 -58.21
N ASP B 40 -13.06 -21.26 -58.21
CA ASP B 40 -13.55 -22.22 -59.16
C ASP B 40 -14.14 -21.58 -60.37
N ASP B 41 -14.71 -22.40 -61.21
CA ASP B 41 -15.17 -21.90 -62.49
C ASP B 41 -16.28 -20.83 -62.35
N ASN B 42 -16.98 -20.83 -61.23
CA ASN B 42 -17.96 -19.78 -61.00
C ASN B 42 -17.48 -18.66 -60.15
N GLY B 43 -16.15 -18.59 -59.97
CA GLY B 43 -15.44 -17.57 -59.13
C GLY B 43 -15.66 -17.70 -57.64
N LYS B 44 -15.85 -18.90 -57.13
CA LYS B 44 -16.26 -19.08 -55.75
C LYS B 44 -15.20 -19.84 -54.97
N PRO B 45 -15.10 -19.64 -53.61
CA PRO B 45 -14.13 -20.43 -52.79
C PRO B 45 -14.41 -21.91 -53.01
N TYR B 46 -13.47 -22.77 -52.67
CA TYR B 46 -13.65 -24.18 -52.88
C TYR B 46 -13.13 -25.06 -51.69
N VAL B 47 -13.99 -25.48 -50.79
CA VAL B 47 -13.57 -26.49 -49.82
C VAL B 47 -13.54 -27.82 -50.55
N LEU B 48 -12.48 -28.60 -50.39
CA LEU B 48 -12.34 -29.78 -51.16
C LEU B 48 -13.18 -30.80 -50.55
N PRO B 49 -13.81 -31.65 -51.35
CA PRO B 49 -14.65 -32.65 -50.66
C PRO B 49 -13.93 -33.57 -49.67
N SER B 50 -12.69 -33.91 -49.95
CA SER B 50 -11.90 -34.71 -49.06
C SER B 50 -11.63 -34.01 -47.76
N VAL B 51 -11.65 -32.71 -47.77
CA VAL B 51 -11.56 -31.94 -46.56
C VAL B 51 -12.83 -32.01 -45.73
N ARG B 52 -13.97 -31.78 -46.35
CA ARG B 52 -15.28 -32.00 -45.70
C ARG B 52 -15.30 -33.42 -45.20
N LYS B 53 -14.87 -34.38 -46.01
CA LYS B 53 -14.99 -35.74 -45.56
C LYS B 53 -14.18 -35.95 -44.29
N ALA B 54 -12.99 -35.33 -44.23
CA ALA B 54 -12.01 -35.61 -43.17
C ALA B 54 -12.53 -34.92 -41.94
N GLU B 55 -13.03 -33.72 -42.14
CA GLU B 55 -13.54 -32.99 -41.06
C GLU B 55 -14.59 -33.85 -40.37
N ALA B 56 -15.37 -34.58 -41.18
CA ALA B 56 -16.48 -35.36 -40.69
C ALA B 56 -15.94 -36.52 -39.81
N GLN B 57 -14.97 -37.29 -40.30
CA GLN B 57 -14.42 -38.39 -39.51
C GLN B 57 -13.90 -37.84 -38.20
N ILE B 58 -13.33 -36.65 -38.25
CA ILE B 58 -12.75 -36.04 -37.06
C ILE B 58 -13.84 -35.68 -36.04
N ALA B 59 -14.94 -35.07 -36.50
CA ALA B 59 -16.02 -34.65 -35.57
C ALA B 59 -16.63 -35.90 -34.95
N ALA B 60 -16.76 -36.97 -35.73
CA ALA B 60 -17.23 -38.26 -35.23
C ALA B 60 -16.32 -38.78 -34.10
N LYS B 61 -15.02 -38.61 -34.25
CA LYS B 61 -14.06 -39.07 -33.23
C LYS B 61 -14.20 -38.38 -31.88
N ASN B 62 -14.89 -37.23 -31.85
CA ASN B 62 -15.11 -36.52 -30.58
C ASN B 62 -13.82 -36.18 -29.79
N LEU B 63 -12.80 -35.63 -30.43
CA LEU B 63 -11.51 -35.41 -29.75
C LEU B 63 -11.47 -34.16 -28.84
N ASP B 64 -10.53 -34.16 -27.88
CA ASP B 64 -10.26 -32.96 -27.05
C ASP B 64 -9.59 -31.81 -27.81
N LYS B 65 -9.40 -30.69 -27.12
CA LYS B 65 -8.72 -29.53 -27.71
C LYS B 65 -7.45 -29.19 -26.94
N GLU B 66 -6.75 -30.21 -26.43
CA GLU B 66 -5.56 -29.94 -25.63
C GLU B 66 -4.37 -29.46 -26.48
N TYR B 67 -3.39 -28.86 -25.84
CA TYR B 67 -2.23 -28.32 -26.55
C TYR B 67 -1.48 -29.39 -27.32
N LEU B 68 -1.05 -29.03 -28.56
CA LEU B 68 -0.07 -29.83 -29.26
C LEU B 68 1.33 -29.66 -28.65
N PRO B 69 2.26 -30.60 -28.90
CA PRO B 69 3.67 -30.27 -28.44
C PRO B 69 4.19 -29.10 -29.26
N ILE B 70 5.30 -28.48 -28.82
CA ILE B 70 5.88 -27.34 -29.51
C ILE B 70 6.08 -27.62 -30.99
N GLY B 71 6.64 -28.79 -31.30
CA GLY B 71 6.79 -29.27 -32.67
C GLY B 71 5.50 -29.56 -33.43
N GLY B 72 4.35 -29.70 -32.76
CA GLY B 72 3.06 -29.89 -33.41
C GLY B 72 2.68 -31.35 -33.39
N LEU B 73 1.79 -31.75 -34.30
CA LEU B 73 1.23 -33.10 -34.30
C LEU B 73 2.12 -34.10 -35.09
N ALA B 74 2.61 -35.12 -34.36
CA ALA B 74 3.63 -36.02 -34.86
C ALA B 74 3.21 -36.66 -36.14
N GLU B 75 1.96 -37.12 -36.22
CA GLU B 75 1.58 -37.83 -37.43
C GLU B 75 1.45 -36.90 -38.58
N PHE B 76 1.15 -35.64 -38.35
CA PHE B 76 1.09 -34.70 -39.45
C PHE B 76 2.49 -34.38 -39.95
N CYS B 77 3.44 -34.20 -39.02
CA CYS B 77 4.82 -33.96 -39.36
C CYS B 77 5.41 -35.09 -40.19
N LYS B 78 5.24 -36.33 -39.72
CA LYS B 78 5.80 -37.52 -40.40
C LYS B 78 5.15 -37.62 -41.76
N ALA B 79 3.83 -37.46 -41.85
CA ALA B 79 3.12 -37.48 -43.16
C ALA B 79 3.54 -36.32 -44.07
N SER B 80 3.71 -35.14 -43.46
CA SER B 80 4.21 -33.97 -44.20
C SER B 80 5.61 -34.22 -44.90
N ALA B 81 6.58 -34.77 -44.15
CA ALA B 81 7.87 -35.07 -44.73
C ALA B 81 7.65 -36.06 -45.85
N GLU B 82 6.84 -37.09 -45.63
CA GLU B 82 6.64 -38.11 -46.70
C GLU B 82 6.04 -37.53 -47.97
N LEU B 83 5.10 -36.61 -47.84
CA LEU B 83 4.58 -35.92 -49.02
C LEU B 83 5.76 -35.30 -49.78
N ALA B 84 6.56 -34.47 -49.09
CA ALA B 84 7.62 -33.70 -49.77
C ALA B 84 8.69 -34.61 -50.41
N LEU B 85 9.19 -35.58 -49.70
CA LEU B 85 10.29 -36.36 -50.16
C LEU B 85 9.91 -37.66 -50.81
N GLY B 86 8.68 -38.05 -50.61
CA GLY B 86 8.22 -39.33 -51.07
C GLY B 86 8.64 -40.32 -50.03
N GLU B 87 7.76 -41.20 -49.67
CA GLU B 87 8.19 -42.17 -48.72
C GLU B 87 9.17 -43.08 -49.44
N ASN B 88 10.02 -43.73 -48.69
CA ASN B 88 11.03 -44.55 -49.30
C ASN B 88 12.23 -43.74 -49.67
N ASN B 89 12.16 -42.45 -49.48
CA ASN B 89 13.33 -41.65 -49.57
C ASN B 89 14.35 -42.11 -48.56
N GLU B 90 15.58 -42.17 -48.98
CA GLU B 90 16.69 -42.48 -48.12
C GLU B 90 16.74 -41.55 -46.87
N VAL B 91 16.33 -40.29 -47.00
CA VAL B 91 16.32 -39.37 -45.84
C VAL B 91 15.42 -39.90 -44.73
N LEU B 92 14.24 -40.36 -45.08
CA LEU B 92 13.24 -40.70 -44.10
C LEU B 92 13.59 -42.03 -43.49
N LYS B 93 14.21 -42.89 -44.30
CA LYS B 93 14.49 -44.21 -43.85
C LYS B 93 15.61 -44.20 -42.79
N SER B 94 16.57 -43.29 -42.92
CA SER B 94 17.63 -43.21 -41.93
C SER B 94 17.29 -42.28 -40.84
N GLY B 95 16.24 -41.52 -41.00
CA GLY B 95 15.78 -40.60 -39.94
C GLY B 95 16.61 -39.35 -39.85
N ARG B 96 17.35 -39.01 -40.87
CA ARG B 96 18.18 -37.83 -40.81
C ARG B 96 17.45 -36.55 -41.21
N PHE B 97 16.43 -36.20 -40.47
CA PHE B 97 15.69 -34.99 -40.78
C PHE B 97 14.84 -34.60 -39.55
N VAL B 98 14.46 -33.33 -39.45
CA VAL B 98 13.47 -32.89 -38.53
C VAL B 98 12.43 -32.06 -39.27
N THR B 99 11.14 -32.39 -39.00
CA THR B 99 9.99 -31.64 -39.52
C THR B 99 9.17 -31.14 -38.32
N VAL B 100 8.90 -29.83 -38.31
CA VAL B 100 8.04 -29.31 -37.30
C VAL B 100 6.86 -28.65 -37.98
N GLN B 101 5.70 -28.74 -37.33
CA GLN B 101 4.49 -28.13 -37.82
C GLN B 101 4.58 -26.63 -37.55
N THR B 102 4.12 -25.80 -38.48
CA THR B 102 4.19 -24.37 -38.30
C THR B 102 2.93 -23.73 -38.78
N ILE B 103 2.85 -22.40 -38.65
CA ILE B 103 1.68 -21.68 -38.97
C ILE B 103 1.66 -21.45 -40.46
N SER B 104 1.22 -22.47 -41.19
CA SER B 104 1.31 -22.48 -42.61
C SER B 104 2.76 -22.21 -43.16
N GLY B 105 2.80 -21.70 -44.39
CA GLY B 105 4.08 -21.65 -45.10
C GLY B 105 4.83 -20.41 -44.64
N THR B 106 4.11 -19.29 -44.44
CA THR B 106 4.73 -18.13 -43.84
C THR B 106 5.44 -18.47 -42.50
N GLY B 107 4.78 -19.24 -41.60
CA GLY B 107 5.30 -19.47 -40.26
C GLY B 107 6.52 -20.34 -40.39
N ALA B 108 6.49 -21.30 -41.31
CA ALA B 108 7.64 -22.13 -41.63
C ALA B 108 8.82 -21.26 -42.11
N LEU B 109 8.56 -20.26 -42.95
CA LEU B 109 9.59 -19.41 -43.46
C LEU B 109 10.16 -18.61 -42.32
N ARG B 110 9.29 -18.11 -41.40
CA ARG B 110 9.78 -17.27 -40.33
C ARG B 110 10.60 -18.11 -39.28
N VAL B 111 10.10 -19.30 -38.99
CA VAL B 111 10.78 -20.16 -38.11
C VAL B 111 12.13 -20.47 -38.68
N GLY B 112 12.22 -20.85 -39.96
CA GLY B 112 13.56 -21.18 -40.54
C GLY B 112 14.46 -19.95 -40.63
N ALA B 113 13.90 -18.77 -40.92
CA ALA B 113 14.71 -17.59 -40.92
C ALA B 113 15.31 -17.39 -39.52
N SER B 114 14.55 -17.69 -38.46
CA SER B 114 15.03 -17.40 -37.13
C SER B 114 16.07 -18.44 -36.83
N PHE B 115 15.90 -19.61 -37.39
CA PHE B 115 16.86 -20.60 -37.16
C PHE B 115 18.18 -20.14 -37.80
N LEU B 116 18.08 -19.62 -39.02
CA LEU B 116 19.27 -19.20 -39.74
C LEU B 116 19.97 -18.11 -38.96
N GLN B 117 19.18 -17.14 -38.54
CA GLN B 117 19.74 -15.97 -37.90
C GLN B 117 20.53 -16.35 -36.66
N ARG B 118 20.22 -17.45 -36.05
CA ARG B 118 20.79 -17.76 -34.79
C ARG B 118 21.84 -18.78 -34.92
N PHE B 119 21.74 -19.69 -35.87
CA PHE B 119 22.74 -20.72 -35.97
C PHE B 119 23.52 -20.76 -37.33
N PHE B 120 23.12 -19.99 -38.33
CA PHE B 120 23.89 -19.97 -39.55
C PHE B 120 25.09 -18.97 -39.44
N LYS B 121 26.18 -19.43 -38.86
CA LYS B 121 27.26 -18.47 -38.47
C LYS B 121 28.08 -17.99 -39.71
N PHE B 122 27.97 -18.70 -40.84
CA PHE B 122 28.69 -18.39 -42.09
C PHE B 122 28.29 -17.16 -42.83
N SER B 123 27.07 -16.69 -42.68
CA SER B 123 26.60 -15.57 -43.53
C SER B 123 25.34 -14.90 -42.97
N ARG B 124 25.18 -13.61 -43.18
CA ARG B 124 23.91 -12.99 -42.92
C ARG B 124 23.03 -12.94 -44.17
N ASP B 125 23.60 -13.29 -45.31
CA ASP B 125 22.99 -12.97 -46.62
C ASP B 125 22.05 -14.04 -47.11
N VAL B 126 20.86 -13.60 -47.52
CA VAL B 126 19.82 -14.52 -48.03
C VAL B 126 19.49 -14.07 -49.43
N PHE B 127 19.72 -14.97 -50.39
CA PHE B 127 19.53 -14.63 -51.84
C PHE B 127 18.14 -15.04 -52.37
N LEU B 128 17.37 -14.01 -52.71
CA LEU B 128 16.05 -14.21 -53.31
C LEU B 128 16.15 -13.97 -54.82
N PRO B 129 15.33 -14.71 -55.58
CA PRO B 129 15.12 -14.51 -57.00
C PRO B 129 14.56 -13.11 -57.27
N LYS B 130 14.84 -12.59 -58.48
CA LYS B 130 14.24 -11.30 -58.94
C LYS B 130 13.05 -11.50 -59.92
N PRO B 131 11.79 -11.37 -59.45
CA PRO B 131 11.39 -11.00 -58.10
C PRO B 131 11.05 -12.26 -57.32
N SER B 132 10.76 -12.11 -56.04
CA SER B 132 10.26 -13.22 -55.22
C SER B 132 8.95 -12.77 -54.54
N TRP B 133 8.32 -13.70 -53.84
CA TRP B 133 7.15 -13.35 -53.04
C TRP B 133 7.40 -12.11 -52.21
N GLY B 134 6.49 -11.19 -52.20
CA GLY B 134 6.76 -9.91 -51.50
C GLY B 134 7.14 -10.00 -50.02
N ASN B 135 6.48 -10.93 -49.33
CA ASN B 135 6.66 -11.14 -47.92
C ASN B 135 8.00 -11.79 -47.60
N HIS B 136 8.70 -12.39 -48.55
CA HIS B 136 10.02 -12.94 -48.24
C HIS B 136 10.95 -11.87 -47.62
N THR B 137 11.03 -10.68 -48.21
CA THR B 137 11.87 -9.62 -47.72
C THR B 137 11.68 -9.29 -46.20
N PRO B 138 10.52 -8.73 -45.83
CA PRO B 138 10.29 -8.44 -44.40
C PRO B 138 10.35 -9.64 -43.45
N ILE B 139 10.12 -10.88 -43.94
CA ILE B 139 10.22 -12.08 -43.08
C ILE B 139 11.69 -12.22 -42.63
N PHE B 140 12.59 -12.05 -43.60
CA PHE B 140 14.01 -12.27 -43.36
C PHE B 140 14.62 -11.04 -42.69
N ARG B 141 14.10 -9.90 -43.01
CA ARG B 141 14.54 -8.72 -42.41
C ARG B 141 14.18 -8.68 -40.94
N ASP B 142 12.93 -8.93 -40.61
CA ASP B 142 12.50 -8.89 -39.22
C ASP B 142 13.18 -9.98 -38.43
N ALA B 143 13.46 -11.12 -39.05
CA ALA B 143 14.15 -12.19 -38.37
C ALA B 143 15.65 -11.91 -38.09
N GLY B 144 16.25 -10.96 -38.83
CA GLY B 144 17.60 -10.50 -38.54
C GLY B 144 18.65 -10.83 -39.60
N MET B 145 18.23 -11.11 -40.84
CA MET B 145 19.10 -11.50 -41.91
C MET B 145 19.21 -10.32 -42.90
N GLN B 146 20.13 -10.43 -43.86
CA GLN B 146 20.17 -9.46 -44.96
C GLN B 146 19.66 -10.06 -46.30
N LEU B 147 19.10 -9.23 -47.16
CA LEU B 147 18.63 -9.73 -48.41
C LEU B 147 19.55 -9.37 -49.63
N GLN B 148 19.75 -10.35 -50.49
CA GLN B 148 20.21 -10.03 -51.83
C GLN B 148 19.26 -10.62 -52.84
N GLY B 149 19.53 -10.35 -54.10
CA GLY B 149 18.78 -10.94 -55.20
C GLY B 149 19.72 -11.60 -56.18
N TYR B 150 19.16 -12.49 -56.98
CA TYR B 150 19.84 -13.05 -58.13
C TYR B 150 18.82 -13.10 -59.22
N ARG B 151 19.31 -12.98 -60.44
CA ARG B 151 18.46 -12.86 -61.62
C ARG B 151 17.68 -14.13 -61.78
N TYR B 152 16.42 -13.96 -62.12
CA TYR B 152 15.49 -15.08 -62.27
C TYR B 152 14.52 -14.87 -63.46
N TYR B 153 13.65 -13.87 -63.37
CA TYR B 153 12.77 -13.54 -64.46
C TYR B 153 13.52 -12.81 -65.59
N ASP B 154 13.05 -12.99 -66.82
CA ASP B 154 13.63 -12.33 -67.94
C ASP B 154 12.50 -11.64 -68.67
N PRO B 155 12.38 -10.33 -68.48
CA PRO B 155 11.34 -9.63 -69.19
C PRO B 155 11.47 -9.76 -70.75
N LYS B 156 12.64 -9.98 -71.31
CA LYS B 156 12.66 -10.12 -72.76
C LYS B 156 11.83 -11.32 -73.19
N THR B 157 11.91 -12.44 -72.46
CA THR B 157 11.19 -13.64 -72.92
C THR B 157 9.98 -14.04 -72.08
N CYS B 158 9.66 -13.21 -71.07
CA CYS B 158 8.70 -13.60 -70.01
C CYS B 158 9.00 -15.01 -69.47
N GLY B 159 10.27 -15.36 -69.51
CA GLY B 159 10.71 -16.68 -69.01
C GLY B 159 11.85 -16.59 -67.98
N PHE B 160 12.61 -17.66 -67.87
CA PHE B 160 13.66 -17.86 -66.85
C PHE B 160 14.98 -17.49 -67.45
N ASP B 161 15.59 -16.46 -66.91
CA ASP B 161 16.88 -15.99 -67.34
C ASP B 161 17.89 -16.99 -66.82
N PHE B 162 17.94 -18.14 -67.51
CA PHE B 162 18.73 -19.22 -67.02
C PHE B 162 20.14 -18.72 -66.91
N SER B 163 20.68 -18.09 -67.95
CA SER B 163 22.13 -17.92 -67.92
C SER B 163 22.51 -16.78 -66.94
N GLY B 164 21.54 -15.91 -66.65
CA GLY B 164 21.73 -14.85 -65.67
C GLY B 164 21.74 -15.49 -64.28
N ALA B 165 20.79 -16.39 -64.05
CA ALA B 165 20.67 -17.03 -62.78
C ALA B 165 21.99 -17.74 -62.49
N LEU B 166 22.49 -18.49 -63.47
CA LEU B 166 23.69 -19.24 -63.28
C LEU B 166 24.93 -18.34 -62.99
N GLU B 167 25.10 -17.29 -63.80
CA GLU B 167 26.18 -16.35 -63.60
C GLU B 167 26.09 -15.79 -62.18
N ASP B 168 24.90 -15.31 -61.79
CA ASP B 168 24.64 -14.74 -60.42
C ASP B 168 24.92 -15.73 -59.26
N ILE B 169 24.36 -16.94 -59.35
CA ILE B 169 24.50 -17.92 -58.33
C ILE B 169 25.96 -18.30 -58.23
N SER B 170 26.68 -18.27 -59.35
CA SER B 170 28.12 -18.54 -59.41
C SER B 170 28.97 -17.51 -58.71
N LYS B 171 28.41 -16.33 -58.53
CA LYS B 171 29.16 -15.27 -57.93
C LYS B 171 28.72 -15.00 -56.49
N ILE B 172 27.81 -15.84 -55.98
CA ILE B 172 27.42 -15.82 -54.59
C ILE B 172 28.59 -16.26 -53.71
N PRO B 173 28.98 -15.43 -52.71
CA PRO B 173 30.05 -15.84 -51.81
C PRO B 173 29.74 -17.20 -51.26
N GLU B 174 30.69 -18.10 -51.30
CA GLU B 174 30.54 -19.42 -50.66
C GLU B 174 29.89 -19.41 -49.23
N GLN B 175 29.04 -20.40 -48.98
CA GLN B 175 28.35 -20.46 -47.70
C GLN B 175 27.32 -19.29 -47.47
N SER B 176 26.76 -18.76 -48.54
CA SER B 176 25.59 -17.96 -48.42
C SER B 176 24.28 -18.79 -48.47
N VAL B 177 23.15 -18.15 -48.17
CA VAL B 177 21.89 -18.86 -48.23
C VAL B 177 21.24 -18.47 -49.53
N LEU B 178 20.75 -19.48 -50.24
CA LEU B 178 20.03 -19.32 -51.50
C LEU B 178 18.56 -19.74 -51.33
N LEU B 179 17.60 -18.83 -51.49
CA LEU B 179 16.23 -19.22 -51.43
C LEU B 179 15.75 -19.57 -52.83
N LEU B 180 15.24 -20.82 -52.98
CA LEU B 180 14.65 -21.33 -54.21
C LEU B 180 13.12 -21.68 -54.07
N HIS B 181 12.28 -21.10 -54.90
CA HIS B 181 10.89 -21.53 -55.03
C HIS B 181 10.85 -22.92 -55.63
N ALA B 182 10.21 -23.88 -55.00
CA ALA B 182 10.24 -25.24 -55.47
C ALA B 182 9.56 -25.54 -56.78
N CYS B 183 8.40 -24.92 -56.99
CA CYS B 183 7.60 -25.17 -58.18
C CYS B 183 6.52 -24.09 -58.18
N ALA B 184 6.16 -23.62 -59.37
CA ALA B 184 5.27 -22.50 -59.46
C ALA B 184 5.71 -21.23 -58.81
N HIS B 185 6.78 -20.65 -59.31
CA HIS B 185 7.30 -19.42 -58.78
C HIS B 185 6.26 -18.39 -58.62
N ASN B 186 6.33 -17.62 -57.56
CA ASN B 186 5.30 -16.62 -57.25
C ASN B 186 6.08 -15.33 -57.11
N PRO B 187 5.77 -14.29 -57.92
CA PRO B 187 4.62 -14.02 -58.83
C PRO B 187 4.76 -14.41 -60.32
N THR B 188 5.91 -14.81 -60.79
CA THR B 188 5.98 -14.92 -62.24
C THR B 188 5.31 -16.15 -62.86
N GLY B 189 5.46 -17.34 -62.24
CA GLY B 189 4.95 -18.58 -62.80
C GLY B 189 6.08 -19.28 -63.55
N VAL B 190 7.20 -18.58 -63.68
CA VAL B 190 8.35 -19.09 -64.42
C VAL B 190 9.11 -20.06 -63.54
N ASP B 191 9.41 -21.25 -64.06
CA ASP B 191 10.18 -22.28 -63.32
C ASP B 191 11.33 -22.76 -64.21
N PRO B 192 12.37 -23.36 -63.61
CA PRO B 192 13.33 -23.99 -64.39
C PRO B 192 12.81 -25.38 -64.81
N ARG B 193 13.23 -25.79 -66.01
CA ARG B 193 12.99 -27.12 -66.47
C ARG B 193 14.00 -27.98 -65.69
N PRO B 194 13.70 -29.30 -65.58
CA PRO B 194 14.59 -30.26 -64.89
C PRO B 194 16.11 -30.17 -65.21
N GLU B 195 16.45 -30.23 -66.48
CA GLU B 195 17.87 -30.15 -66.89
C GLU B 195 18.54 -28.84 -66.42
N GLN B 196 17.78 -27.74 -66.40
CA GLN B 196 18.18 -26.50 -65.80
C GLN B 196 18.31 -26.61 -64.28
N TRP B 197 17.42 -27.34 -63.60
CA TRP B 197 17.56 -27.53 -62.12
C TRP B 197 18.86 -28.27 -61.88
N LYS B 198 19.10 -29.33 -62.71
CA LYS B 198 20.33 -30.13 -62.64
C LYS B 198 21.53 -29.17 -62.52
N GLU B 199 21.59 -28.18 -63.42
CA GLU B 199 22.71 -27.26 -63.41
C GLU B 199 22.83 -26.26 -62.20
N ILE B 200 21.69 -25.76 -61.70
CA ILE B 200 21.67 -24.98 -60.41
C ILE B 200 22.18 -25.89 -59.25
N ALA B 201 21.65 -27.11 -59.12
CA ALA B 201 22.13 -28.09 -58.13
C ALA B 201 23.64 -28.32 -58.15
N SER B 202 24.26 -28.55 -59.31
CA SER B 202 25.71 -28.74 -59.27
C SER B 202 26.51 -27.40 -59.01
N VAL B 203 25.99 -26.24 -59.37
CA VAL B 203 26.62 -25.04 -58.82
C VAL B 203 26.47 -24.90 -57.28
N VAL B 204 25.26 -25.16 -56.75
CA VAL B 204 25.03 -24.97 -55.34
C VAL B 204 26.05 -25.86 -54.59
N LYS B 205 26.20 -27.08 -55.10
CA LYS B 205 27.05 -28.11 -54.54
C LYS B 205 28.53 -27.67 -54.70
N LYS B 206 28.88 -27.02 -55.79
CA LYS B 206 30.28 -26.65 -56.01
C LYS B 206 30.67 -25.40 -55.22
N LYS B 207 29.78 -24.42 -55.19
CA LYS B 207 30.06 -23.23 -54.44
C LYS B 207 29.62 -23.28 -52.98
N ASN B 208 29.28 -24.49 -52.50
CA ASN B 208 28.98 -24.72 -51.08
C ASN B 208 27.96 -23.71 -50.51
N LEU B 209 26.82 -23.58 -51.19
CA LEU B 209 25.74 -22.70 -50.78
C LEU B 209 24.67 -23.50 -50.05
N PHE B 210 23.92 -22.82 -49.17
CA PHE B 210 22.87 -23.45 -48.39
C PHE B 210 21.54 -23.21 -49.12
N ALA B 211 20.86 -24.30 -49.46
CA ALA B 211 19.69 -24.21 -50.34
C ALA B 211 18.42 -24.22 -49.49
N PHE B 212 17.68 -23.11 -49.53
CA PHE B 212 16.47 -22.90 -48.74
C PHE B 212 15.28 -23.00 -49.69
N PHE B 213 14.62 -24.15 -49.69
CA PHE B 213 13.44 -24.34 -50.58
C PHE B 213 12.10 -23.85 -49.97
N ASP B 214 11.44 -22.95 -50.69
CA ASP B 214 10.09 -22.56 -50.32
C ASP B 214 9.07 -23.30 -51.27
N MET B 215 8.35 -24.28 -50.74
CA MET B 215 7.43 -25.11 -51.55
C MET B 215 5.92 -24.97 -51.16
N ALA B 216 5.28 -23.92 -51.69
CA ALA B 216 3.87 -23.62 -51.34
C ALA B 216 2.82 -24.33 -52.30
N TYR B 217 3.24 -25.01 -53.37
CA TYR B 217 2.31 -25.42 -54.40
C TYR B 217 2.52 -26.83 -54.86
N GLN B 218 3.14 -27.65 -54.05
CA GLN B 218 3.21 -29.09 -54.41
C GLN B 218 1.83 -29.70 -54.80
N GLY B 219 1.73 -30.30 -55.97
CA GLY B 219 0.47 -30.85 -56.41
C GLY B 219 -0.31 -29.80 -57.20
N PHE B 220 -0.62 -28.68 -56.56
CA PHE B 220 -1.40 -27.61 -57.13
C PHE B 220 -0.80 -27.13 -58.41
N ALA B 221 0.53 -27.16 -58.47
CA ALA B 221 1.27 -26.53 -59.58
C ALA B 221 0.95 -27.21 -60.91
N SER B 222 1.09 -28.54 -60.94
CA SER B 222 1.00 -29.20 -62.19
C SER B 222 0.07 -30.33 -62.08
N GLY B 223 -0.30 -30.71 -60.87
CA GLY B 223 -1.30 -31.72 -60.70
C GLY B 223 -0.66 -33.04 -60.46
N ASP B 224 0.68 -33.00 -60.44
CA ASP B 224 1.53 -34.17 -60.13
C ASP B 224 2.56 -33.90 -58.96
N GLY B 225 2.20 -34.32 -57.74
CA GLY B 225 2.96 -34.05 -56.55
C GLY B 225 4.39 -34.45 -56.81
N ASP B 226 4.60 -35.56 -57.51
CA ASP B 226 5.96 -36.00 -57.73
C ASP B 226 6.72 -35.11 -58.68
N LYS B 227 6.07 -34.61 -59.73
CA LYS B 227 6.82 -33.85 -60.68
C LYS B 227 7.15 -32.52 -59.97
N ASP B 228 6.19 -32.01 -59.21
CA ASP B 228 6.32 -30.74 -58.55
C ASP B 228 7.45 -30.62 -57.50
N ALA B 229 7.74 -31.73 -56.84
CA ALA B 229 8.71 -31.77 -55.75
C ALA B 229 10.00 -32.46 -56.25
N TRP B 230 10.04 -32.59 -57.57
CA TRP B 230 11.17 -33.23 -58.24
C TRP B 230 12.47 -32.52 -57.90
N ALA B 231 12.43 -31.20 -58.03
CA ALA B 231 13.61 -30.37 -57.90
C ALA B 231 14.19 -30.43 -56.50
N VAL B 232 13.35 -30.20 -55.49
CA VAL B 232 13.74 -30.46 -54.12
C VAL B 232 14.37 -31.83 -53.96
N ARG B 233 13.72 -32.88 -54.45
CA ARG B 233 14.22 -34.29 -54.28
C ARG B 233 15.56 -34.47 -54.93
N HIS B 234 15.77 -33.80 -56.08
CA HIS B 234 17.02 -33.95 -56.86
C HIS B 234 18.18 -33.34 -56.07
N PHE B 235 17.97 -32.12 -55.56
CA PHE B 235 18.98 -31.49 -54.70
C PHE B 235 19.43 -32.42 -53.57
N ILE B 236 18.45 -33.02 -52.91
CA ILE B 236 18.81 -33.87 -51.81
C ILE B 236 19.62 -35.07 -52.34
N GLU B 237 19.17 -35.64 -53.43
CA GLU B 237 19.81 -36.81 -54.02
C GLU B 237 21.30 -36.53 -54.37
N GLN B 238 21.59 -35.31 -54.85
CA GLN B 238 22.92 -34.77 -55.10
C GLN B 238 23.76 -34.42 -53.87
N GLY B 239 23.24 -34.70 -52.67
CA GLY B 239 24.00 -34.50 -51.43
C GLY B 239 23.84 -33.13 -50.78
N ILE B 240 22.80 -32.36 -51.16
CA ILE B 240 22.62 -30.99 -50.63
C ILE B 240 21.55 -31.11 -49.53
N ASN B 241 21.96 -30.86 -48.29
CA ASN B 241 21.03 -30.99 -47.21
C ASN B 241 20.25 -29.69 -47.07
N VAL B 242 19.13 -29.59 -47.74
CA VAL B 242 18.36 -28.37 -47.86
C VAL B 242 17.46 -28.20 -46.66
N CYS B 243 16.88 -27.01 -46.54
CA CYS B 243 15.78 -26.93 -45.64
C CYS B 243 14.57 -26.56 -46.49
N LEU B 244 13.37 -26.63 -45.91
CA LEU B 244 12.16 -26.76 -46.71
C LEU B 244 10.94 -26.26 -45.92
N CYS B 245 10.25 -25.26 -46.47
CA CYS B 245 8.97 -24.78 -45.99
C CYS B 245 7.77 -25.37 -46.79
N GLN B 246 6.83 -26.08 -46.15
CA GLN B 246 5.66 -26.59 -46.85
C GLN B 246 4.44 -25.81 -46.49
N SER B 247 3.58 -25.52 -47.45
CA SER B 247 2.26 -24.95 -47.13
C SER B 247 1.15 -25.89 -47.60
N TYR B 248 0.03 -25.95 -46.85
CA TYR B 248 -1.17 -26.62 -47.33
C TYR B 248 -2.35 -25.67 -47.59
N ALA B 249 -2.06 -24.39 -47.61
CA ALA B 249 -3.08 -23.37 -47.93
C ALA B 249 -3.77 -23.58 -49.33
N1 LLP B 250 5.37 -18.71 -49.97
C2 LLP B 250 4.88 -18.52 -51.21
C2' LLP B 250 5.83 -18.45 -52.35
C3 LLP B 250 3.54 -18.33 -51.40
O3 LLP B 250 3.15 -18.15 -52.52
C4 LLP B 250 2.66 -18.40 -50.36
C4' LLP B 250 1.19 -18.27 -50.60
C5 LLP B 250 3.20 -18.63 -49.11
C6 LLP B 250 4.53 -18.78 -48.95
C5' LLP B 250 2.44 -18.71 -47.86
OP4 LLP B 250 1.09 -19.08 -47.76
P LLP B 250 0.57 -19.35 -46.36
OP1 LLP B 250 -0.80 -19.23 -46.44
OP2 LLP B 250 1.06 -20.62 -46.17
OP3 LLP B 250 1.13 -18.36 -45.58
N LLP B 250 -2.95 -23.82 -50.34
CA LLP B 250 -3.39 -23.93 -51.68
CB LLP B 250 -2.47 -23.13 -52.61
CG LLP B 250 -2.30 -21.59 -52.27
CD LLP B 250 -0.95 -21.25 -51.63
CE LLP B 250 -0.59 -19.74 -51.48
NZ LLP B 250 0.64 -19.50 -50.59
C LLP B 250 -3.65 -25.38 -52.11
O LLP B 250 -4.64 -25.63 -52.69
N ASN B 251 -2.80 -26.33 -51.81
CA ASN B 251 -3.10 -27.66 -52.27
C ASN B 251 -4.26 -28.41 -51.57
N MET B 252 -4.61 -28.03 -50.36
CA MET B 252 -5.76 -28.58 -49.67
C MET B 252 -6.76 -27.44 -49.36
N GLY B 253 -6.60 -26.27 -49.95
CA GLY B 253 -7.43 -25.12 -49.64
C GLY B 253 -7.66 -24.91 -48.16
N LEU B 254 -6.62 -25.12 -47.33
CA LEU B 254 -6.76 -24.92 -45.90
C LEU B 254 -6.40 -23.48 -45.51
N TYR B 255 -6.29 -22.57 -46.50
CA TYR B 255 -5.84 -21.17 -46.26
C TYR B 255 -5.85 -20.72 -44.79
N GLY B 256 -7.01 -20.61 -44.21
CA GLY B 256 -7.15 -19.96 -42.92
C GLY B 256 -7.07 -20.90 -41.77
N GLU B 257 -6.82 -22.18 -42.00
CA GLU B 257 -6.51 -23.08 -40.95
C GLU B 257 -5.01 -22.94 -40.55
N ARG B 258 -4.16 -22.48 -41.48
CA ARG B 258 -2.73 -22.22 -41.22
C ARG B 258 -2.00 -23.55 -40.91
N VAL B 259 -1.86 -24.40 -41.93
CA VAL B 259 -1.23 -25.70 -41.77
C VAL B 259 0.01 -25.65 -42.61
N GLY B 260 1.18 -25.75 -41.96
CA GLY B 260 2.45 -25.80 -42.70
C GLY B 260 3.47 -26.67 -42.01
N ALA B 261 4.62 -26.84 -42.65
CA ALA B 261 5.71 -27.48 -41.99
C ALA B 261 7.11 -26.99 -42.43
N PHE B 262 8.06 -27.05 -41.48
CA PHE B 262 9.41 -26.71 -41.77
C PHE B 262 10.26 -27.91 -41.52
N THR B 263 11.05 -28.29 -42.51
CA THR B 263 11.84 -29.50 -42.47
C THR B 263 13.31 -29.17 -42.75
N VAL B 264 14.23 -29.57 -41.88
CA VAL B 264 15.65 -29.41 -42.10
C VAL B 264 16.21 -30.81 -42.39
N VAL B 265 16.81 -30.98 -43.59
CA VAL B 265 17.46 -32.25 -43.87
C VAL B 265 18.85 -32.19 -43.26
N CYS B 266 19.28 -33.27 -42.60
CA CYS B 266 20.55 -33.28 -41.86
C CYS B 266 21.46 -34.42 -42.22
N LYS B 267 22.67 -34.36 -41.71
CA LYS B 267 23.69 -35.30 -42.09
C LYS B 267 23.30 -36.63 -41.47
N ASP B 268 22.68 -36.61 -40.31
CA ASP B 268 22.33 -37.85 -39.66
C ASP B 268 21.27 -37.66 -38.55
N ALA B 269 20.80 -38.76 -37.98
CA ALA B 269 19.76 -38.68 -36.96
C ALA B 269 20.18 -37.90 -35.71
N GLU B 270 21.44 -37.97 -35.32
CA GLU B 270 21.91 -37.26 -34.14
C GLU B 270 21.77 -35.75 -34.31
N GLU B 271 22.26 -35.25 -35.43
CA GLU B 271 22.21 -33.83 -35.76
C GLU B 271 20.76 -33.35 -35.79
N ALA B 272 19.88 -34.17 -36.34
CA ALA B 272 18.46 -33.81 -36.39
C ALA B 272 17.85 -33.57 -34.99
N LYS B 273 18.34 -34.33 -33.99
CA LYS B 273 17.85 -34.14 -32.59
C LYS B 273 18.27 -32.78 -32.07
N ARG B 274 19.50 -32.40 -32.44
CA ARG B 274 20.09 -31.16 -31.90
C ARG B 274 19.34 -30.01 -32.58
N VAL B 275 19.26 -30.05 -33.90
CA VAL B 275 18.49 -29.10 -34.60
C VAL B 275 17.03 -29.08 -34.04
N GLU B 276 16.42 -30.24 -33.89
CA GLU B 276 15.10 -30.16 -33.27
C GLU B 276 15.05 -29.41 -31.90
N SER B 277 15.99 -29.65 -30.98
CA SER B 277 15.83 -28.96 -29.68
C SER B 277 15.80 -27.45 -29.89
N GLN B 278 16.62 -26.99 -30.83
CA GLN B 278 16.77 -25.58 -30.95
C GLN B 278 15.60 -24.96 -31.67
N LEU B 279 14.95 -25.74 -32.51
CA LEU B 279 13.74 -25.26 -33.22
C LEU B 279 12.64 -25.15 -32.18
N LYS B 280 12.58 -26.10 -31.25
CA LYS B 280 11.63 -25.98 -30.17
C LYS B 280 11.83 -24.70 -29.38
N ILE B 281 13.10 -24.42 -29.01
CA ILE B 281 13.48 -23.24 -28.23
C ILE B 281 13.15 -21.93 -28.95
N LEU B 282 13.10 -21.97 -30.24
CA LEU B 282 12.73 -20.85 -31.07
C LEU B 282 11.23 -20.66 -31.28
N ILE B 283 10.50 -21.73 -31.50
CA ILE B 283 9.08 -21.72 -31.67
C ILE B 283 8.38 -21.26 -30.37
N ARG B 284 8.77 -21.87 -29.25
CA ARG B 284 8.10 -21.59 -27.97
C ARG B 284 7.88 -20.10 -27.64
N PRO B 285 8.87 -19.24 -27.89
CA PRO B 285 8.66 -17.76 -27.66
C PRO B 285 8.06 -16.98 -28.81
N LEU B 286 7.72 -17.64 -29.93
CA LEU B 286 6.90 -17.01 -31.01
C LEU B 286 5.41 -17.25 -30.78
N TYR B 287 5.01 -18.50 -30.59
CA TYR B 287 3.57 -18.79 -30.37
C TYR B 287 3.30 -20.01 -29.50
N SER B 288 4.30 -20.48 -28.75
CA SER B 288 4.23 -21.75 -27.91
C SER B 288 4.01 -23.07 -28.65
N ASN B 289 2.91 -23.18 -29.36
CA ASN B 289 2.57 -24.41 -30.02
C ASN B 289 1.58 -24.13 -31.13
N PRO B 290 1.45 -25.02 -32.10
CA PRO B 290 0.67 -24.66 -33.29
C PRO B 290 -0.78 -25.16 -33.23
N PRO B 291 -1.64 -24.53 -34.03
CA PRO B 291 -3.09 -24.86 -34.03
C PRO B 291 -3.39 -26.28 -34.49
N LEU B 292 -4.38 -26.88 -33.85
CA LEU B 292 -4.73 -28.28 -34.02
C LEU B 292 -5.58 -28.62 -35.30
N ASN B 293 -6.57 -27.76 -35.53
CA ASN B 293 -7.61 -28.19 -36.39
C ASN B 293 -7.14 -28.56 -37.84
N GLY B 294 -6.34 -27.70 -38.45
CA GLY B 294 -5.85 -27.98 -39.80
C GLY B 294 -4.88 -29.13 -39.84
N ALA B 295 -3.99 -29.23 -38.87
CA ALA B 295 -3.11 -30.43 -38.79
C ALA B 295 -3.90 -31.72 -38.68
N ARG B 296 -4.91 -31.71 -37.85
CA ARG B 296 -5.82 -32.87 -37.80
C ARG B 296 -6.40 -33.18 -39.20
N ILE B 297 -6.92 -32.14 -39.89
CA ILE B 297 -7.40 -32.41 -41.22
C ILE B 297 -6.35 -33.07 -42.15
N ALA B 298 -5.12 -32.53 -42.13
CA ALA B 298 -4.20 -32.92 -43.15
C ALA B 298 -3.73 -34.33 -42.83
N ALA B 299 -3.53 -34.63 -41.53
CA ALA B 299 -3.04 -35.96 -41.17
C ALA B 299 -4.08 -37.02 -41.52
N THR B 300 -5.34 -36.67 -41.33
CA THR B 300 -6.42 -37.62 -41.65
C THR B 300 -6.41 -37.93 -43.14
N ILE B 301 -6.39 -36.87 -43.96
CA ILE B 301 -6.22 -37.06 -45.43
C ILE B 301 -4.98 -37.86 -45.83
N LEU B 302 -3.83 -37.37 -45.42
CA LEU B 302 -2.55 -37.97 -45.80
C LEU B 302 -2.33 -39.38 -45.28
N THR B 303 -2.97 -39.75 -44.16
CA THR B 303 -2.72 -41.12 -43.64
C THR B 303 -3.75 -42.16 -44.09
N SER B 304 -4.87 -41.74 -44.69
CA SER B 304 -5.83 -42.74 -45.18
C SER B 304 -5.55 -42.98 -46.68
N PRO B 305 -5.15 -44.21 -47.06
CA PRO B 305 -4.85 -44.38 -48.49
C PRO B 305 -6.02 -44.09 -49.37
N ASP B 306 -7.25 -44.23 -48.83
CA ASP B 306 -8.40 -43.79 -49.58
C ASP B 306 -8.59 -42.34 -49.76
N LEU B 307 -8.65 -41.56 -48.70
CA LEU B 307 -8.74 -40.07 -48.82
C LEU B 307 -7.57 -39.41 -49.56
N ARG B 308 -6.39 -40.00 -49.39
CA ARG B 308 -5.20 -39.46 -49.96
C ARG B 308 -5.30 -39.52 -51.47
N LYS B 309 -5.64 -40.69 -51.99
CA LYS B 309 -5.90 -40.81 -53.41
C LYS B 309 -6.99 -39.81 -53.86
N GLN B 310 -8.09 -39.74 -53.13
CA GLN B 310 -9.17 -38.82 -53.54
C GLN B 310 -8.69 -37.36 -53.59
N TRP B 311 -7.97 -36.94 -52.54
CA TRP B 311 -7.43 -35.55 -52.43
C TRP B 311 -6.49 -35.22 -53.56
N LEU B 312 -5.63 -36.17 -53.89
CA LEU B 312 -4.77 -35.99 -55.03
C LEU B 312 -5.57 -35.78 -56.32
N GLN B 313 -6.69 -36.50 -56.50
CA GLN B 313 -7.50 -36.25 -57.68
C GLN B 313 -8.05 -34.83 -57.74
N GLU B 314 -8.56 -34.33 -56.62
CA GLU B 314 -9.12 -32.96 -56.59
C GLU B 314 -8.04 -31.91 -56.80
N VAL B 315 -6.85 -32.19 -56.27
CA VAL B 315 -5.66 -31.39 -56.48
C VAL B 315 -5.37 -31.41 -57.98
N LYS B 316 -5.24 -32.62 -58.55
CA LYS B 316 -5.13 -32.72 -60.03
C LYS B 316 -6.18 -31.93 -60.79
N GLY B 317 -7.41 -31.86 -60.27
CA GLY B 317 -8.46 -31.06 -60.88
C GLY B 317 -8.23 -29.57 -60.82
N MET B 318 -7.64 -29.09 -59.73
CA MET B 318 -7.37 -27.66 -59.61
C MET B 318 -6.27 -27.26 -60.59
N ALA B 319 -5.20 -28.03 -60.58
CA ALA B 319 -4.10 -27.82 -61.49
C ALA B 319 -4.59 -27.81 -62.97
N ASP B 320 -5.40 -28.80 -63.37
CA ASP B 320 -5.97 -28.84 -64.78
C ASP B 320 -6.83 -27.68 -65.08
N ARG B 321 -7.60 -27.20 -64.11
CA ARG B 321 -8.40 -26.06 -64.45
C ARG B 321 -7.56 -24.84 -64.77
N ILE B 322 -6.50 -24.63 -64.00
CA ILE B 322 -5.62 -23.50 -64.16
C ILE B 322 -4.87 -23.61 -65.49
N ILE B 323 -4.29 -24.79 -65.73
CA ILE B 323 -3.72 -25.09 -67.00
C ILE B 323 -4.72 -24.76 -68.17
N SER B 324 -5.95 -25.26 -68.03
CA SER B 324 -6.99 -25.01 -69.03
C SER B 324 -7.24 -23.53 -69.27
N MET B 325 -7.29 -22.70 -68.22
CA MET B 325 -7.47 -21.27 -68.43
C MET B 325 -6.29 -20.71 -69.20
N ARG B 326 -5.09 -21.21 -68.88
CA ARG B 326 -3.90 -20.66 -69.56
C ARG B 326 -4.01 -20.95 -71.08
N THR B 327 -4.24 -22.24 -71.40
CA THR B 327 -4.27 -22.73 -72.77
C THR B 327 -5.36 -22.01 -73.63
N GLN B 328 -6.50 -21.81 -73.05
CA GLN B 328 -7.51 -21.10 -73.72
C GLN B 328 -7.18 -19.62 -73.79
N LEU B 329 -6.44 -19.03 -72.85
CA LEU B 329 -6.30 -17.59 -72.97
C LEU B 329 -5.31 -17.34 -74.11
N VAL B 330 -4.45 -18.33 -74.35
CA VAL B 330 -3.51 -18.36 -75.48
C VAL B 330 -4.25 -18.65 -76.82
N SER B 331 -5.08 -19.69 -76.82
CA SER B 331 -5.99 -20.03 -77.92
C SER B 331 -6.73 -18.79 -78.41
N ASN B 332 -7.40 -18.10 -77.49
CA ASN B 332 -8.25 -16.99 -77.83
C ASN B 332 -7.56 -15.77 -78.32
N LEU B 333 -6.31 -15.60 -77.92
CA LEU B 333 -5.57 -14.45 -78.32
C LEU B 333 -5.13 -14.60 -79.82
N LYS B 334 -4.86 -15.84 -80.22
CA LYS B 334 -4.52 -16.16 -81.59
C LYS B 334 -5.78 -16.01 -82.46
N LYS B 335 -6.94 -16.44 -81.94
CA LYS B 335 -8.23 -16.35 -82.65
C LYS B 335 -8.78 -14.91 -82.72
N GLU B 336 -8.26 -14.03 -81.88
CA GLU B 336 -8.61 -12.63 -81.95
C GLU B 336 -7.61 -12.03 -82.88
N GLY B 337 -6.83 -12.91 -83.50
CA GLY B 337 -5.61 -12.54 -84.22
C GLY B 337 -4.54 -11.55 -83.75
N SER B 338 -4.05 -11.70 -82.51
CA SER B 338 -2.84 -10.97 -82.07
C SER B 338 -1.60 -11.51 -82.70
N SER B 339 -0.60 -10.65 -82.84
CA SER B 339 0.64 -11.11 -83.48
C SER B 339 1.74 -11.43 -82.46
N HIS B 340 1.58 -10.98 -81.22
CA HIS B 340 2.55 -11.24 -80.14
C HIS B 340 2.50 -12.66 -79.76
N ASN B 341 3.69 -13.20 -79.51
CA ASN B 341 3.89 -14.52 -78.93
C ASN B 341 3.40 -14.56 -77.49
N TRP B 342 2.71 -15.62 -77.10
CA TRP B 342 2.22 -15.74 -75.75
C TRP B 342 2.43 -17.14 -75.30
N GLN B 343 3.48 -17.77 -75.76
CA GLN B 343 3.84 -19.06 -75.27
C GLN B 343 4.09 -19.01 -73.78
N HIS B 344 4.52 -17.88 -73.30
CA HIS B 344 4.87 -17.77 -71.93
C HIS B 344 3.72 -18.05 -71.02
N ILE B 345 2.53 -17.74 -71.45
CA ILE B 345 1.39 -18.04 -70.65
C ILE B 345 1.16 -19.51 -70.44
N THR B 346 1.52 -20.34 -71.40
CA THR B 346 1.38 -21.77 -71.20
C THR B 346 2.65 -22.43 -70.74
N ASP B 347 3.75 -21.71 -70.81
CA ASP B 347 5.00 -22.21 -70.29
C ASP B 347 5.07 -22.03 -68.79
N GLN B 348 4.50 -20.96 -68.32
CA GLN B 348 4.34 -20.70 -66.89
C GLN B 348 3.48 -21.76 -66.14
N ILE B 349 3.64 -21.80 -64.80
CA ILE B 349 3.21 -22.93 -64.01
C ILE B 349 2.59 -22.36 -62.75
N GLY B 350 1.48 -22.95 -62.32
CA GLY B 350 0.83 -22.55 -61.09
C GLY B 350 -0.14 -21.45 -61.34
N MET B 351 -0.59 -20.73 -60.32
CA MET B 351 -1.65 -19.74 -60.51
C MET B 351 -1.28 -18.27 -60.69
N PHE B 352 -0.02 -17.93 -60.66
CA PHE B 352 0.32 -16.55 -61.02
C PHE B 352 1.00 -16.50 -62.35
N CYS B 353 0.83 -15.37 -63.01
CA CYS B 353 1.26 -15.26 -64.38
C CYS B 353 1.67 -13.86 -64.70
N PHE B 354 2.92 -13.73 -65.08
CA PHE B 354 3.45 -12.46 -65.52
C PHE B 354 3.11 -12.45 -66.97
N THR B 355 2.36 -11.42 -67.37
CA THR B 355 1.79 -11.33 -68.74
C THR B 355 2.73 -10.73 -69.77
N GLY B 356 3.54 -9.79 -69.33
CA GLY B 356 4.35 -9.06 -70.27
C GLY B 356 3.81 -7.66 -70.27
N LEU B 357 2.54 -7.49 -69.94
CA LEU B 357 1.94 -6.15 -69.92
C LEU B 357 2.68 -5.06 -69.14
N LYS B 358 2.87 -3.93 -69.80
CA LYS B 358 3.43 -2.76 -69.21
C LYS B 358 2.34 -2.11 -68.35
N PRO B 359 2.75 -1.26 -67.40
CA PRO B 359 1.83 -0.55 -66.46
C PRO B 359 0.77 0.33 -67.15
N GLU B 360 1.05 0.76 -68.37
CA GLU B 360 0.10 1.61 -69.11
C GLU B 360 -1.02 0.76 -69.72
N GLN B 361 -0.68 -0.45 -70.11
CA GLN B 361 -1.66 -1.34 -70.72
C GLN B 361 -2.50 -1.92 -69.60
N VAL B 362 -1.94 -2.03 -68.39
CA VAL B 362 -2.72 -2.39 -67.20
C VAL B 362 -3.75 -1.34 -66.84
N GLU B 363 -3.42 -0.06 -66.95
CA GLU B 363 -4.36 1.02 -66.64
C GLU B 363 -5.51 1.01 -67.62
N ARG B 364 -5.16 0.97 -68.90
CA ARG B 364 -6.14 0.84 -69.98
C ARG B 364 -7.08 -0.35 -69.68
N LEU B 365 -6.52 -1.48 -69.25
CA LEU B 365 -7.29 -2.67 -68.91
C LEU B 365 -8.26 -2.44 -67.75
N THR B 366 -7.96 -1.46 -66.90
CA THR B 366 -8.94 -1.17 -65.84
C THR B 366 -9.98 -0.18 -66.32
N LYS B 367 -9.52 0.99 -66.77
CA LYS B 367 -10.41 2.06 -67.24
C LYS B 367 -11.33 1.66 -68.39
N GLU B 368 -10.74 1.19 -69.48
CA GLU B 368 -11.48 0.76 -70.69
C GLU B 368 -12.15 -0.65 -70.62
N PHE B 369 -11.78 -1.49 -69.64
CA PHE B 369 -12.21 -2.89 -69.68
C PHE B 369 -12.68 -3.56 -68.38
N SER B 370 -12.49 -2.89 -67.24
CA SER B 370 -12.82 -3.47 -65.93
C SER B 370 -12.10 -4.81 -65.65
N VAL B 371 -10.86 -4.95 -66.14
CA VAL B 371 -9.99 -6.07 -65.77
C VAL B 371 -9.00 -5.50 -64.70
N TYR B 372 -9.14 -5.97 -63.47
CA TYR B 372 -8.31 -5.56 -62.33
C TYR B 372 -7.20 -6.53 -62.10
N MET B 373 -5.99 -5.99 -61.98
CA MET B 373 -4.72 -6.76 -61.90
C MET B 373 -3.64 -5.78 -61.50
N THR B 374 -2.59 -6.26 -60.86
CA THR B 374 -1.59 -5.32 -60.37
C THR B 374 -0.78 -4.72 -61.50
N LYS B 375 -0.25 -3.50 -61.26
CA LYS B 375 0.63 -2.74 -62.18
C LYS B 375 1.85 -3.49 -62.71
N ASP B 376 2.31 -4.48 -62.00
CA ASP B 376 3.42 -5.26 -62.48
C ASP B 376 3.10 -6.31 -63.62
N GLY B 377 1.81 -6.55 -63.87
CA GLY B 377 1.33 -7.36 -65.00
C GLY B 377 1.08 -8.77 -64.59
N ARG B 378 0.99 -8.93 -63.27
CA ARG B 378 0.65 -10.19 -62.67
C ARG B 378 -0.85 -10.46 -62.80
N ILE B 379 -1.20 -11.66 -63.26
CA ILE B 379 -2.61 -12.02 -63.16
C ILE B 379 -2.75 -13.23 -62.32
N SER B 380 -3.84 -13.28 -61.57
CA SER B 380 -4.15 -14.52 -60.89
C SER B 380 -5.00 -15.35 -61.86
N VAL B 381 -4.41 -16.41 -62.42
CA VAL B 381 -5.09 -17.23 -63.38
C VAL B 381 -6.34 -17.77 -62.78
N ALA B 382 -6.46 -17.76 -61.44
CA ALA B 382 -7.63 -18.37 -60.75
C ALA B 382 -8.88 -17.56 -60.88
N GLY B 383 -8.74 -16.28 -61.23
CA GLY B 383 -9.91 -15.42 -61.34
C GLY B 383 -10.40 -15.46 -62.77
N VAL B 384 -9.82 -16.37 -63.55
CA VAL B 384 -10.12 -16.56 -64.96
C VAL B 384 -11.02 -17.77 -65.02
N THR B 385 -12.12 -17.66 -65.75
CA THR B 385 -13.11 -18.77 -65.80
C THR B 385 -13.49 -18.97 -67.23
N SER B 386 -14.06 -20.14 -67.55
CA SER B 386 -14.51 -20.43 -68.94
C SER B 386 -15.59 -19.46 -69.45
N GLY B 387 -16.39 -18.91 -68.54
CA GLY B 387 -17.22 -17.77 -68.85
C GLY B 387 -16.50 -16.50 -69.30
N ASN B 388 -15.29 -16.21 -68.77
CA ASN B 388 -14.72 -14.88 -69.03
C ASN B 388 -13.41 -14.86 -69.80
N VAL B 389 -12.85 -16.02 -70.06
CA VAL B 389 -11.59 -16.10 -70.75
C VAL B 389 -11.58 -15.40 -72.14
N GLY B 390 -12.68 -15.61 -72.92
CA GLY B 390 -13.00 -14.92 -74.20
C GLY B 390 -13.01 -13.41 -74.08
N TYR B 391 -13.70 -12.91 -73.08
CA TYR B 391 -13.62 -11.50 -72.82
C TYR B 391 -12.18 -11.04 -72.59
N LEU B 392 -11.49 -11.70 -71.66
CA LEU B 392 -10.16 -11.24 -71.28
C LEU B 392 -9.24 -11.32 -72.52
N ALA B 393 -9.33 -12.43 -73.25
CA ALA B 393 -8.52 -12.55 -74.48
C ALA B 393 -8.68 -11.29 -75.36
N HIS B 394 -9.94 -10.86 -75.49
CA HIS B 394 -10.34 -9.74 -76.36
C HIS B 394 -9.68 -8.49 -75.77
N ALA B 395 -10.09 -8.09 -74.56
CA ALA B 395 -9.48 -6.97 -73.85
C ALA B 395 -7.95 -6.94 -74.02
N ILE B 396 -7.26 -8.03 -73.73
CA ILE B 396 -5.81 -8.03 -73.84
C ILE B 396 -5.32 -7.73 -75.28
N HIS B 397 -6.09 -8.14 -76.27
CA HIS B 397 -5.74 -7.81 -77.64
C HIS B 397 -6.01 -6.34 -77.91
N GLN B 398 -7.11 -5.83 -77.40
CA GLN B 398 -7.39 -4.45 -77.63
C GLN B 398 -6.22 -3.60 -77.14
N VAL B 399 -5.71 -3.86 -75.92
CA VAL B 399 -4.65 -3.00 -75.34
C VAL B 399 -3.25 -3.22 -75.92
N THR B 400 -3.09 -4.29 -76.72
CA THR B 400 -1.78 -4.63 -77.27
C THR B 400 -1.73 -4.72 -78.81
N LYS B 401 -2.83 -4.44 -79.49
CA LYS B 401 -2.85 -4.53 -80.97
C LYS B 401 -1.81 -3.57 -81.60
N SER C 1 26.61 39.94 39.43
CA SER C 1 26.11 38.63 39.89
C SER C 1 24.54 38.55 39.98
N SER C 2 24.06 37.33 39.78
CA SER C 2 22.67 36.96 40.00
C SER C 2 22.61 35.47 39.65
N TRP C 3 21.48 34.84 39.93
CA TRP C 3 21.47 33.44 39.65
C TRP C 3 21.24 33.26 38.15
N TRP C 4 20.61 34.25 37.53
CA TRP C 4 20.02 33.95 36.27
C TRP C 4 20.50 34.81 35.14
N THR C 5 21.69 35.41 35.31
CA THR C 5 22.27 36.29 34.27
C THR C 5 22.49 35.55 32.94
N HIS C 6 22.86 34.28 33.08
CA HIS C 6 23.24 33.45 31.93
C HIS C 6 21.95 32.81 31.20
N VAL C 7 20.77 32.85 31.84
CA VAL C 7 19.50 32.39 31.27
C VAL C 7 18.99 33.29 30.13
N GLU C 8 18.94 32.76 28.91
CA GLU C 8 18.58 33.54 27.78
C GLU C 8 17.11 33.69 27.55
N MET C 9 16.74 34.75 26.85
CA MET C 9 15.34 34.97 26.41
C MET C 9 15.00 33.88 25.41
N GLY C 10 13.91 33.14 25.63
CA GLY C 10 13.52 32.04 24.75
C GLY C 10 13.05 32.56 23.40
N PRO C 11 12.95 31.71 22.40
CA PRO C 11 12.50 32.30 21.13
C PRO C 11 11.01 32.65 21.24
N PRO C 12 10.53 33.59 20.41
CA PRO C 12 9.04 33.87 20.33
C PRO C 12 8.20 32.64 19.86
N ASP C 13 6.98 32.50 20.39
CA ASP C 13 6.04 31.45 19.93
C ASP C 13 5.36 31.85 18.56
N PRO C 14 5.76 31.22 17.44
CA PRO C 14 5.28 31.78 16.19
C PRO C 14 3.71 31.82 16.13
N ILE C 15 3.03 30.87 16.70
CA ILE C 15 1.60 30.88 16.58
C ILE C 15 0.99 32.02 17.35
N LEU C 16 1.53 32.30 18.51
CA LEU C 16 1.05 33.37 19.30
C LEU C 16 1.24 34.72 18.63
N GLY C 17 2.30 34.87 17.89
CA GLY C 17 2.52 36.09 17.19
C GLY C 17 1.51 36.38 16.12
N VAL C 18 1.09 35.33 15.44
CA VAL C 18 0.07 35.39 14.41
C VAL C 18 -1.23 35.84 15.03
N THR C 19 -1.61 35.25 16.14
CA THR C 19 -2.82 35.67 16.85
C THR C 19 -2.82 37.11 17.35
N GLU C 20 -1.72 37.53 17.94
CA GLU C 20 -1.58 38.88 18.44
C GLU C 20 -1.50 39.91 17.35
N ALA C 21 -0.84 39.57 16.25
CA ALA C 21 -0.84 40.47 15.10
C ALA C 21 -2.29 40.55 14.55
N PHE C 22 -2.98 39.42 14.41
CA PHE C 22 -4.43 39.46 14.16
C PHE C 22 -5.22 40.41 15.10
N LYS C 23 -5.06 40.28 16.40
CA LYS C 23 -5.77 41.19 17.30
C LYS C 23 -5.58 42.67 16.99
N ARG C 24 -4.34 43.09 16.68
CA ARG C 24 -4.03 44.49 16.42
C ARG C 24 -4.64 44.99 15.11
N ASP C 25 -4.75 44.08 14.15
CA ASP C 25 -5.19 44.49 12.84
C ASP C 25 -6.59 45.12 12.90
N THR C 26 -6.71 46.33 12.35
CA THR C 26 -8.00 47.07 12.36
C THR C 26 -8.75 46.97 11.04
N ASN C 27 -8.42 46.00 10.21
CA ASN C 27 -9.13 45.72 8.97
C ASN C 27 -10.39 44.91 9.19
N SER C 28 -11.51 45.51 8.83
CA SER C 28 -12.80 44.87 9.08
C SER C 28 -12.90 43.44 8.47
N LYS C 29 -12.10 43.18 7.43
CA LYS C 29 -12.17 41.90 6.75
C LYS C 29 -11.25 40.82 7.32
N LYS C 30 -10.45 41.15 8.33
CA LYS C 30 -9.47 40.28 8.91
C LYS C 30 -10.03 38.95 9.37
N MET C 31 -9.26 37.87 9.23
CA MET C 31 -9.63 36.48 9.56
C MET C 31 -8.47 35.88 10.30
N ASN C 32 -8.77 35.12 11.34
CA ASN C 32 -7.71 34.42 12.10
C ASN C 32 -7.72 32.95 11.85
N LEU C 33 -6.91 32.49 10.96
CA LEU C 33 -6.78 31.06 10.75
C LEU C 33 -5.56 30.46 11.44
N GLY C 34 -5.07 31.08 12.53
CA GLY C 34 -4.06 30.41 13.42
C GLY C 34 -4.64 29.92 14.75
N VAL C 35 -5.92 30.16 14.96
CA VAL C 35 -6.61 29.81 16.19
C VAL C 35 -6.54 28.29 16.46
N GLY C 36 -6.20 27.91 17.68
CA GLY C 36 -5.87 26.52 17.95
C GLY C 36 -6.99 25.74 18.61
N ALA C 37 -8.22 26.27 18.56
CA ALA C 37 -9.41 25.62 19.08
C ALA C 37 -10.64 25.81 18.14
N TYR C 38 -11.65 24.94 18.31
CA TYR C 38 -12.92 25.03 17.63
C TYR C 38 -13.59 26.38 17.84
N ARG C 39 -14.23 26.88 16.79
CA ARG C 39 -14.94 28.14 16.83
C ARG C 39 -16.24 27.97 16.05
N ASP C 40 -17.34 28.60 16.48
CA ASP C 40 -18.58 28.45 15.72
C ASP C 40 -18.66 29.45 14.52
N ASP C 41 -19.75 29.37 13.75
CA ASP C 41 -19.90 30.23 12.58
C ASP C 41 -19.82 31.74 12.87
N ASN C 42 -19.88 32.16 14.13
CA ASN C 42 -19.61 33.55 14.40
C ASN C 42 -18.22 33.79 14.99
N GLY C 43 -17.34 32.80 14.84
CA GLY C 43 -16.02 32.83 15.45
C GLY C 43 -16.01 32.96 16.96
N LYS C 44 -16.88 32.21 17.59
CA LYS C 44 -17.05 32.24 19.04
C LYS C 44 -16.67 30.87 19.68
N PRO C 45 -16.08 30.92 20.88
CA PRO C 45 -15.84 29.69 21.54
C PRO C 45 -17.21 29.01 21.81
N TYR C 46 -17.24 27.67 21.67
CA TYR C 46 -18.44 26.85 21.86
C TYR C 46 -18.28 25.82 22.96
N VAL C 47 -18.82 26.13 24.13
CA VAL C 47 -19.10 25.10 25.14
C VAL C 47 -20.25 24.15 24.70
N LEU C 48 -19.99 22.87 24.49
CA LEU C 48 -21.08 21.94 24.26
C LEU C 48 -22.16 22.00 25.38
N PRO C 49 -23.51 22.05 25.00
CA PRO C 49 -24.50 22.13 26.12
C PRO C 49 -24.68 20.75 26.86
N SER C 50 -24.50 19.62 26.17
CA SER C 50 -24.31 18.32 26.84
C SER C 50 -23.25 18.45 27.94
N VAL C 51 -22.14 19.09 27.63
CA VAL C 51 -21.25 19.45 28.71
C VAL C 51 -21.98 20.25 29.80
N ARG C 52 -22.80 21.23 29.41
CA ARG C 52 -23.47 22.17 30.40
C ARG C 52 -24.52 21.42 31.32
N LYS C 53 -25.15 20.40 30.74
CA LYS C 53 -26.18 19.66 31.38
C LYS C 53 -25.45 18.91 32.48
N ALA C 54 -24.58 17.99 32.04
CA ALA C 54 -23.51 17.38 32.86
C ALA C 54 -22.92 18.32 33.91
N GLU C 55 -22.52 19.53 33.59
CA GLU C 55 -22.08 20.41 34.69
C GLU C 55 -23.16 20.76 35.74
N ALA C 56 -24.43 20.66 35.33
CA ALA C 56 -25.61 20.98 36.16
C ALA C 56 -25.90 19.84 37.18
N GLN C 57 -26.06 18.63 36.68
CA GLN C 57 -26.03 17.50 37.53
C GLN C 57 -24.86 17.68 38.47
N ILE C 58 -23.67 17.39 38.03
CA ILE C 58 -22.59 17.41 38.97
C ILE C 58 -22.78 18.41 40.10
N ALA C 59 -23.27 19.59 39.82
CA ALA C 59 -23.28 20.64 40.83
C ALA C 59 -24.39 20.53 41.86
N ALA C 60 -25.38 19.73 41.51
CA ALA C 60 -26.62 19.48 42.23
C ALA C 60 -26.51 18.12 42.93
N LYS C 61 -25.28 17.58 42.97
CA LYS C 61 -24.98 16.34 43.66
C LYS C 61 -24.17 16.74 44.84
N ASN C 62 -23.84 18.03 44.90
CA ASN C 62 -22.99 18.61 45.96
C ASN C 62 -21.66 17.89 46.34
N LEU C 63 -20.89 17.44 45.32
CA LEU C 63 -19.69 16.61 45.55
C LEU C 63 -18.58 17.37 46.22
N ASP C 64 -17.70 16.66 46.93
CA ASP C 64 -16.49 17.25 47.56
C ASP C 64 -15.39 17.47 46.50
N LYS C 65 -14.25 17.92 47.02
CA LYS C 65 -13.07 18.29 46.23
C LYS C 65 -11.78 17.56 46.66
N GLU C 66 -11.91 16.33 47.10
CA GLU C 66 -10.78 15.59 47.56
C GLU C 66 -9.92 15.03 46.42
N TYR C 67 -8.65 14.79 46.73
CA TYR C 67 -7.73 14.23 45.81
C TYR C 67 -8.30 13.01 45.16
N LEU C 68 -7.98 12.83 43.90
CA LEU C 68 -8.25 11.61 43.23
C LEU C 68 -7.08 10.70 43.50
N PRO C 69 -7.22 9.44 43.21
CA PRO C 69 -6.10 8.54 43.17
C PRO C 69 -5.06 9.01 42.15
N ILE C 70 -3.82 8.62 42.32
CA ILE C 70 -2.78 8.93 41.37
C ILE C 70 -3.23 8.63 39.96
N GLY C 71 -3.88 7.51 39.76
CA GLY C 71 -4.38 7.15 38.42
C GLY C 71 -5.64 7.86 37.92
N GLY C 72 -6.14 8.83 38.69
CA GLY C 72 -7.35 9.52 38.34
C GLY C 72 -8.68 8.81 38.63
N LEU C 73 -9.79 9.44 38.27
CA LEU C 73 -11.11 8.86 38.52
C LEU C 73 -11.35 7.55 37.80
N ALA C 74 -11.54 6.49 38.57
CA ALA C 74 -11.52 5.19 37.94
C ALA C 74 -12.61 5.12 36.87
N GLU C 75 -13.70 5.80 37.15
CA GLU C 75 -14.84 5.73 36.29
C GLU C 75 -14.59 6.43 34.91
N PHE C 76 -13.92 7.58 34.97
CA PHE C 76 -13.47 8.22 33.75
C PHE C 76 -12.57 7.29 32.96
N CYS C 77 -11.56 6.74 33.65
CA CYS C 77 -10.67 5.77 33.00
C CYS C 77 -11.37 4.68 32.27
N LYS C 78 -12.33 4.02 32.91
CA LYS C 78 -12.97 2.84 32.25
C LYS C 78 -13.78 3.26 31.01
N ALA C 79 -14.47 4.39 31.20
CA ALA C 79 -15.33 4.96 30.17
C ALA C 79 -14.44 5.31 28.97
N SER C 80 -13.27 5.87 29.33
CA SER C 80 -12.36 6.37 28.33
C SER C 80 -11.90 5.24 27.44
N ALA C 81 -11.69 4.06 27.97
CA ALA C 81 -11.12 3.03 27.18
C ALA C 81 -12.21 2.33 26.37
N GLU C 82 -13.43 2.37 26.89
CA GLU C 82 -14.58 1.89 26.13
C GLU C 82 -14.64 2.71 24.85
N LEU C 83 -14.72 4.02 25.03
CA LEU C 83 -14.67 4.97 23.96
C LEU C 83 -13.67 4.64 22.92
N ALA C 84 -12.43 4.48 23.33
CA ALA C 84 -11.38 4.30 22.37
C ALA C 84 -11.49 2.92 21.72
N LEU C 85 -11.85 1.95 22.54
CA LEU C 85 -11.70 0.58 22.03
C LEU C 85 -12.98 -0.05 21.44
N GLY C 86 -14.11 0.45 21.90
CA GLY C 86 -15.35 -0.25 21.71
C GLY C 86 -15.65 -1.16 22.91
N GLU C 87 -16.81 -0.93 23.53
CA GLU C 87 -17.35 -1.78 24.67
C GLU C 87 -17.14 -3.33 24.67
N ASN C 88 -17.31 -3.95 23.51
CA ASN C 88 -17.25 -5.36 23.47
C ASN C 88 -15.91 -5.86 22.98
N ASN C 89 -14.86 -5.05 23.17
CA ASN C 89 -13.52 -5.37 22.63
C ASN C 89 -12.77 -6.42 23.44
N GLU C 90 -12.27 -7.45 22.79
CA GLU C 90 -11.58 -8.48 23.56
C GLU C 90 -10.56 -7.93 24.60
N VAL C 91 -10.03 -6.70 24.39
CA VAL C 91 -9.08 -6.11 25.31
C VAL C 91 -9.76 -5.77 26.62
N LEU C 92 -10.86 -5.06 26.58
CA LEU C 92 -11.55 -4.72 27.80
C LEU C 92 -12.15 -6.01 28.44
N LYS C 93 -12.59 -6.95 27.62
CA LYS C 93 -13.24 -8.10 28.24
C LYS C 93 -12.20 -8.96 28.91
N SER C 94 -11.04 -9.15 28.27
CA SER C 94 -9.94 -9.83 28.95
C SER C 94 -9.20 -8.99 29.99
N GLY C 95 -9.44 -7.68 30.10
CA GLY C 95 -8.91 -6.85 31.20
C GLY C 95 -7.41 -6.51 31.01
N ARG C 96 -6.88 -6.86 29.85
CA ARG C 96 -5.48 -6.70 29.46
C ARG C 96 -5.06 -5.31 29.02
N PHE C 97 -5.34 -4.33 29.82
CA PHE C 97 -5.02 -3.00 29.46
C PHE C 97 -4.93 -2.28 30.76
N VAL C 98 -4.28 -1.08 30.78
CA VAL C 98 -4.37 -0.13 31.91
C VAL C 98 -4.55 1.25 31.33
N THR C 99 -5.31 2.14 32.00
CA THR C 99 -5.66 3.48 31.54
C THR C 99 -5.60 4.39 32.74
N VAL C 100 -4.96 5.52 32.61
CA VAL C 100 -4.80 6.36 33.76
C VAL C 100 -5.19 7.72 33.26
N GLN C 101 -5.86 8.52 34.06
CA GLN C 101 -6.20 9.86 33.63
C GLN C 101 -4.91 10.72 33.65
N THR C 102 -4.81 11.68 32.72
CA THR C 102 -3.62 12.50 32.60
C THR C 102 -4.07 13.87 32.26
N ILE C 103 -3.15 14.86 32.29
CA ILE C 103 -3.52 16.25 32.12
C ILE C 103 -3.69 16.41 30.64
N SER C 104 -4.88 16.08 30.14
CA SER C 104 -5.21 16.17 28.72
C SER C 104 -4.22 15.35 27.91
N GLY C 105 -4.24 15.52 26.59
CA GLY C 105 -3.39 14.69 25.72
C GLY C 105 -1.89 15.00 25.75
N THR C 106 -1.52 16.28 25.99
CA THR C 106 -0.13 16.59 26.31
C THR C 106 0.38 15.72 27.51
N GLY C 107 -0.32 15.76 28.65
CA GLY C 107 0.11 15.01 29.82
C GLY C 107 0.24 13.55 29.46
N ALA C 108 -0.67 13.02 28.65
CA ALA C 108 -0.65 11.62 28.36
C ALA C 108 0.58 11.35 27.51
N LEU C 109 0.94 12.27 26.62
CA LEU C 109 2.18 12.10 25.83
C LEU C 109 3.38 12.15 26.80
N ARG C 110 3.39 13.08 27.74
CA ARG C 110 4.52 13.09 28.66
C ARG C 110 4.58 11.82 29.56
N VAL C 111 3.47 11.41 30.17
CA VAL C 111 3.51 10.16 30.94
C VAL C 111 3.99 8.96 30.12
N GLY C 112 3.50 8.80 28.90
CA GLY C 112 3.94 7.68 28.08
C GLY C 112 5.40 7.81 27.68
N ALA C 113 5.81 9.03 27.42
CA ALA C 113 7.20 9.25 27.03
C ALA C 113 8.13 8.76 28.21
N SER C 114 7.71 9.13 29.42
CA SER C 114 8.51 8.93 30.58
C SER C 114 8.47 7.41 30.84
N PHE C 115 7.34 6.82 30.55
CA PHE C 115 7.25 5.36 30.76
C PHE C 115 8.21 4.64 29.82
N LEU C 116 8.32 5.09 28.55
CA LEU C 116 9.24 4.46 27.61
C LEU C 116 10.67 4.69 28.02
N GLN C 117 11.01 5.93 28.44
CA GLN C 117 12.36 6.23 28.89
C GLN C 117 12.84 5.17 29.92
N ARG C 118 11.99 4.91 30.89
CA ARG C 118 12.42 4.11 31.97
C ARG C 118 12.17 2.65 31.75
N PHE C 119 11.14 2.27 30.95
CA PHE C 119 10.94 0.84 30.74
C PHE C 119 11.17 0.25 29.37
N PHE C 120 11.26 1.06 28.32
CA PHE C 120 11.29 0.47 27.00
C PHE C 120 12.75 0.15 26.71
N LYS C 121 13.19 -1.00 27.20
CA LYS C 121 14.61 -1.25 27.20
C LYS C 121 15.08 -1.50 25.72
N PHE C 122 14.14 -1.62 24.80
CA PHE C 122 14.49 -2.03 23.41
C PHE C 122 15.00 -0.94 22.50
N SER C 123 14.78 0.33 22.84
CA SER C 123 15.10 1.36 21.97
C SER C 123 15.12 2.68 22.73
N ARG C 124 15.76 3.68 22.17
CA ARG C 124 15.64 5.05 22.57
C ARG C 124 15.07 5.85 21.46
N ASP C 125 14.89 5.29 20.31
CA ASP C 125 14.42 6.07 19.18
C ASP C 125 12.86 6.03 18.98
N VAL C 126 12.25 7.19 18.88
CA VAL C 126 10.82 7.35 18.58
C VAL C 126 10.67 8.04 17.21
N PHE C 127 10.01 7.38 16.26
CA PHE C 127 9.88 7.88 14.88
C PHE C 127 8.61 8.70 14.74
N LEU C 128 8.74 9.99 14.47
CA LEU C 128 7.56 10.83 14.33
C LEU C 128 7.31 11.01 12.83
N PRO C 129 6.04 11.21 12.40
CA PRO C 129 5.83 11.53 11.00
C PRO C 129 6.54 12.84 10.64
N LYS C 130 6.94 13.01 9.36
CA LYS C 130 7.28 14.36 8.79
C LYS C 130 6.18 15.11 8.03
N PRO C 131 5.65 16.21 8.56
CA PRO C 131 5.90 16.86 9.89
C PRO C 131 5.03 16.15 11.00
N SER C 132 5.04 16.73 12.19
CA SER C 132 4.22 16.25 13.28
C SER C 132 3.88 17.41 14.17
N TRP C 133 3.07 17.20 15.20
CA TRP C 133 2.72 18.31 16.08
C TRP C 133 4.04 18.85 16.63
N GLY C 134 4.27 20.16 16.59
CA GLY C 134 5.54 20.74 17.15
C GLY C 134 6.00 20.22 18.52
N ASN C 135 5.14 20.29 19.54
CA ASN C 135 5.40 19.78 20.87
C ASN C 135 5.78 18.27 21.03
N HIS C 136 5.51 17.42 20.03
CA HIS C 136 5.90 16.02 20.18
C HIS C 136 7.41 15.95 20.44
N THR C 137 8.20 16.78 19.73
CA THR C 137 9.68 16.74 19.86
C THR C 137 10.16 17.09 21.28
N PRO C 138 9.86 18.33 21.78
CA PRO C 138 10.29 18.56 23.19
C PRO C 138 9.71 17.63 24.23
N ILE C 139 8.54 17.05 24.00
CA ILE C 139 7.99 16.11 24.95
C ILE C 139 8.88 14.88 25.07
N PHE C 140 9.23 14.26 23.92
CA PHE C 140 10.12 13.12 23.97
C PHE C 140 11.53 13.51 24.35
N ARG C 141 12.02 14.60 23.84
CA ARG C 141 13.29 15.06 24.24
C ARG C 141 13.40 15.28 25.73
N ASP C 142 12.57 16.12 26.29
CA ASP C 142 12.60 16.32 27.77
C ASP C 142 12.35 15.00 28.57
N ALA C 143 11.56 14.06 28.07
CA ALA C 143 11.41 12.84 28.82
C ALA C 143 12.63 11.93 28.72
N GLY C 144 13.54 12.18 27.75
CA GLY C 144 14.82 11.45 27.68
C GLY C 144 14.98 10.46 26.54
N MET C 145 14.22 10.66 25.44
CA MET C 145 14.16 9.80 24.30
C MET C 145 14.78 10.56 23.13
N GLN C 146 15.05 9.87 22.01
CA GLN C 146 15.62 10.46 20.82
C GLN C 146 14.53 10.48 19.79
N LEU C 147 14.59 11.45 18.86
CA LEU C 147 13.62 11.58 17.77
C LEU C 147 14.20 11.17 16.42
N GLN C 148 13.37 10.55 15.59
CA GLN C 148 13.73 10.24 14.22
C GLN C 148 12.53 10.59 13.51
N GLY C 149 12.55 10.44 12.20
CA GLY C 149 11.40 10.87 11.36
C GLY C 149 11.16 9.84 10.30
N TYR C 150 9.93 9.81 9.78
CA TYR C 150 9.60 9.02 8.58
C TYR C 150 8.81 9.85 7.59
N ARG C 151 8.95 9.62 6.31
CA ARG C 151 8.17 10.36 5.37
C ARG C 151 6.66 10.19 5.40
N TYR C 152 5.95 11.27 5.60
CA TYR C 152 4.52 11.25 5.70
C TYR C 152 3.76 12.20 4.77
N TYR C 153 3.86 13.49 4.97
CA TYR C 153 3.25 14.46 4.11
C TYR C 153 3.92 14.61 2.77
N ASP C 154 3.14 14.58 1.72
CA ASP C 154 3.68 14.69 0.35
C ASP C 154 3.49 16.08 -0.24
N PRO C 155 4.61 16.83 -0.32
CA PRO C 155 4.41 18.25 -0.65
C PRO C 155 3.97 18.45 -2.11
N LYS C 156 4.24 17.49 -3.02
CA LYS C 156 3.78 17.66 -4.38
C LYS C 156 2.27 17.54 -4.47
N THR C 157 1.61 16.82 -3.54
CA THR C 157 0.14 16.56 -3.73
C THR C 157 -0.66 17.09 -2.60
N CYS C 158 0.02 17.53 -1.53
CA CYS C 158 -0.68 17.91 -0.29
C CYS C 158 -1.46 16.73 0.26
N GLY C 159 -0.93 15.54 0.07
CA GLY C 159 -1.58 14.37 0.56
C GLY C 159 -0.58 13.48 1.22
N PHE C 160 -0.96 12.24 1.42
CA PHE C 160 -0.15 11.32 2.15
C PHE C 160 0.92 10.70 1.22
N ASP C 161 2.19 10.67 1.58
CA ASP C 161 3.18 10.02 0.75
C ASP C 161 3.26 8.53 1.17
N PHE C 162 2.24 7.80 0.75
CA PHE C 162 2.18 6.40 1.03
C PHE C 162 3.42 5.61 0.78
N SER C 163 4.01 5.72 -0.40
CA SER C 163 5.13 4.81 -0.72
C SER C 163 6.36 5.15 0.05
N GLY C 164 6.51 6.45 0.31
CA GLY C 164 7.59 6.98 1.15
C GLY C 164 7.49 6.58 2.62
N ALA C 165 6.28 6.73 3.16
CA ALA C 165 5.95 6.29 4.51
C ALA C 165 6.14 4.78 4.62
N LEU C 166 5.57 4.02 3.68
CA LEU C 166 5.77 2.60 3.74
C LEU C 166 7.22 2.18 3.58
N GLU C 167 7.97 2.83 2.75
CA GLU C 167 9.41 2.43 2.63
C GLU C 167 10.20 2.80 3.89
N ASP C 168 9.99 4.02 4.33
CA ASP C 168 10.60 4.46 5.56
C ASP C 168 10.19 3.51 6.70
N ILE C 169 8.92 3.17 6.84
CA ILE C 169 8.56 2.45 8.03
C ILE C 169 9.21 1.09 8.03
N SER C 170 9.42 0.54 6.86
CA SER C 170 9.92 -0.81 6.84
C SER C 170 11.42 -0.88 6.95
N LYS C 171 12.11 0.25 7.02
CA LYS C 171 13.58 0.16 7.23
C LYS C 171 13.92 0.69 8.65
N ILE C 172 12.90 1.03 9.42
CA ILE C 172 13.08 1.28 10.83
C ILE C 172 13.64 0.07 11.52
N PRO C 173 14.66 0.26 12.35
CA PRO C 173 15.22 -0.91 13.02
C PRO C 173 14.19 -1.60 13.90
N GLU C 174 14.22 -2.92 13.91
CA GLU C 174 13.20 -3.66 14.63
C GLU C 174 13.12 -3.23 16.09
N GLN C 175 11.94 -3.24 16.66
CA GLN C 175 11.75 -2.86 18.05
C GLN C 175 12.04 -1.40 18.40
N SER C 176 11.97 -0.51 17.39
CA SER C 176 11.88 0.92 17.63
C SER C 176 10.46 1.27 18.03
N VAL C 177 10.25 2.51 18.39
CA VAL C 177 8.96 3.09 18.66
C VAL C 177 8.53 4.01 17.53
N LEU C 178 7.30 3.88 17.13
CA LEU C 178 6.75 4.57 16.02
C LEU C 178 5.57 5.36 16.50
N LEU C 179 5.55 6.65 16.27
CA LEU C 179 4.43 7.38 16.70
C LEU C 179 3.49 7.58 15.52
N LEU C 180 2.21 7.25 15.69
CA LEU C 180 1.17 7.38 14.65
C LEU C 180 0.01 8.32 15.08
N HIS C 181 -0.41 9.23 14.24
CA HIS C 181 -1.53 10.10 14.59
C HIS C 181 -2.74 9.35 14.16
N ALA C 182 -3.67 9.08 15.04
CA ALA C 182 -4.72 8.09 14.82
C ALA C 182 -5.72 8.49 13.77
N CYS C 183 -6.11 9.76 13.83
CA CYS C 183 -7.07 10.35 12.89
C CYS C 183 -6.85 11.85 12.99
N ALA C 184 -7.08 12.56 11.90
CA ALA C 184 -6.84 13.99 11.83
C ALA C 184 -5.47 14.55 12.20
N HIS C 185 -4.51 14.23 11.39
CA HIS C 185 -3.14 14.62 11.58
C HIS C 185 -2.98 16.11 11.70
N ASN C 186 -2.21 16.51 12.69
CA ASN C 186 -1.85 17.88 13.01
C ASN C 186 -0.38 17.99 12.76
N PRO C 187 0.04 18.82 11.82
CA PRO C 187 -0.70 19.98 11.28
C PRO C 187 -1.33 19.82 9.86
N THR C 188 -1.13 18.72 9.15
CA THR C 188 -1.49 18.71 7.75
C THR C 188 -2.98 18.35 7.43
N GLY C 189 -3.62 17.61 8.35
CA GLY C 189 -4.97 17.13 8.05
C GLY C 189 -4.96 15.89 7.15
N VAL C 190 -3.79 15.39 6.81
CA VAL C 190 -3.73 14.24 5.94
C VAL C 190 -3.57 12.93 6.62
N ASP C 191 -4.53 12.07 6.32
CA ASP C 191 -4.69 10.76 7.01
C ASP C 191 -4.49 9.64 6.01
N PRO C 192 -3.87 8.53 6.45
CA PRO C 192 -3.96 7.30 5.64
C PRO C 192 -5.42 6.80 5.56
N ARG C 193 -5.75 6.13 4.48
CA ARG C 193 -7.09 5.53 4.38
C ARG C 193 -7.02 4.04 4.80
N PRO C 194 -8.16 3.47 5.29
CA PRO C 194 -8.14 2.11 5.87
C PRO C 194 -7.20 1.11 5.14
N GLU C 195 -7.40 1.02 3.83
CA GLU C 195 -6.53 0.27 2.96
C GLU C 195 -5.04 0.54 3.22
N GLN C 196 -4.67 1.77 3.58
CA GLN C 196 -3.22 2.03 3.77
C GLN C 196 -2.77 1.71 5.20
N TRP C 197 -3.65 2.04 6.14
CA TRP C 197 -3.46 1.61 7.49
C TRP C 197 -3.23 0.10 7.52
N LYS C 198 -4.01 -0.68 6.76
CA LYS C 198 -3.80 -2.16 6.78
C LYS C 198 -2.38 -2.54 6.57
N GLU C 199 -1.76 -1.94 5.56
CA GLU C 199 -0.40 -2.28 5.10
C GLU C 199 0.67 -1.81 6.08
N ILE C 200 0.44 -0.64 6.67
CA ILE C 200 1.35 -0.14 7.68
C ILE C 200 1.27 -1.13 8.85
N ALA C 201 0.03 -1.34 9.39
CA ALA C 201 -0.17 -2.35 10.47
C ALA C 201 0.67 -3.58 10.19
N SER C 202 0.61 -4.03 8.95
CA SER C 202 1.24 -5.24 8.55
C SER C 202 2.77 -5.20 8.64
N VAL C 203 3.41 -4.15 8.17
CA VAL C 203 4.84 -3.92 8.39
C VAL C 203 5.18 -3.70 9.87
N VAL C 204 4.34 -2.99 10.63
CA VAL C 204 4.59 -2.83 12.05
C VAL C 204 4.74 -4.23 12.68
N LYS C 205 3.86 -5.13 12.29
CA LYS C 205 3.88 -6.42 12.92
C LYS C 205 5.11 -7.21 12.47
N LYS C 206 5.51 -7.08 11.23
CA LYS C 206 6.52 -7.99 10.82
C LYS C 206 7.91 -7.50 11.28
N LYS C 207 8.11 -6.18 11.29
CA LYS C 207 9.35 -5.60 11.79
C LYS C 207 9.33 -5.43 13.32
N ASN C 208 8.21 -5.80 13.95
CA ASN C 208 8.08 -5.86 15.41
C ASN C 208 8.36 -4.51 16.04
N LEU C 209 7.64 -3.49 15.56
CA LEU C 209 7.79 -2.13 16.03
C LEU C 209 6.80 -1.94 17.14
N PHE C 210 7.03 -0.98 18.03
CA PHE C 210 6.05 -0.67 19.03
C PHE C 210 5.26 0.54 18.59
N ALA C 211 3.95 0.41 18.52
CA ALA C 211 3.13 1.47 17.94
C ALA C 211 2.55 2.24 19.04
N PHE C 212 2.71 3.57 18.97
CA PHE C 212 2.35 4.50 19.99
C PHE C 212 1.43 5.47 19.31
N PHE C 213 0.13 5.49 19.66
CA PHE C 213 -0.83 6.30 18.93
C PHE C 213 -1.10 7.61 19.64
N ASP C 214 -1.21 8.71 18.91
CA ASP C 214 -1.72 9.93 19.51
C ASP C 214 -3.17 10.06 18.93
N MET C 215 -4.19 10.17 19.81
CA MET C 215 -5.57 10.27 19.43
C MET C 215 -6.27 11.44 20.11
N ALA C 216 -6.15 12.59 19.47
CA ALA C 216 -6.57 13.83 20.11
C ALA C 216 -7.89 14.31 19.47
N TYR C 217 -8.41 13.55 18.51
CA TYR C 217 -9.58 13.98 17.68
C TYR C 217 -10.64 12.87 17.41
N GLN C 218 -10.88 11.97 18.35
CA GLN C 218 -11.87 10.95 18.08
C GLN C 218 -13.20 11.61 18.13
N GLY C 219 -13.98 11.38 17.06
CA GLY C 219 -15.28 12.01 16.93
C GLY C 219 -15.22 13.28 16.13
N PHE C 220 -14.34 14.18 16.55
CA PHE C 220 -14.12 15.49 15.97
C PHE C 220 -13.63 15.44 14.55
N ALA C 221 -12.82 14.47 14.22
CA ALA C 221 -12.30 14.40 12.89
C ALA C 221 -13.37 14.28 11.78
N SER C 222 -14.05 13.15 11.74
CA SER C 222 -15.04 12.82 10.74
C SER C 222 -16.49 12.84 11.19
N GLY C 223 -16.76 13.14 12.44
CA GLY C 223 -18.12 13.05 12.96
C GLY C 223 -18.46 11.64 13.42
N ASP C 224 -17.63 10.68 13.09
CA ASP C 224 -17.87 9.32 13.50
C ASP C 224 -16.77 8.60 14.29
N GLY C 225 -16.97 8.56 15.59
CA GLY C 225 -16.07 7.89 16.49
C GLY C 225 -15.45 6.58 16.11
N ASP C 226 -16.24 5.66 15.56
CA ASP C 226 -15.76 4.33 15.37
C ASP C 226 -14.84 4.16 14.22
N LYS C 227 -14.90 5.03 13.24
CA LYS C 227 -13.90 4.95 12.21
C LYS C 227 -12.81 5.95 12.38
N ASP C 228 -12.98 6.87 13.30
CA ASP C 228 -11.88 7.69 13.77
C ASP C 228 -10.94 6.80 14.57
N ALA C 229 -11.47 5.85 15.34
CA ALA C 229 -10.62 4.84 16.08
C ALA C 229 -10.29 3.62 15.28
N TRP C 230 -10.64 3.64 14.03
CA TRP C 230 -10.66 2.38 13.35
C TRP C 230 -9.29 1.87 13.22
N ALA C 231 -8.35 2.75 12.90
CA ALA C 231 -6.99 2.27 12.73
C ALA C 231 -6.34 1.72 14.08
N VAL C 232 -6.56 2.44 15.18
CA VAL C 232 -6.13 1.98 16.49
C VAL C 232 -6.69 0.56 16.75
N ARG C 233 -8.05 0.44 16.64
CA ARG C 233 -8.71 -0.86 16.80
C ARG C 233 -8.14 -1.85 15.90
N HIS C 234 -7.94 -1.51 14.65
CA HIS C 234 -7.44 -2.52 13.73
C HIS C 234 -6.06 -2.99 14.08
N PHE C 235 -5.16 -2.11 14.49
CA PHE C 235 -3.79 -2.50 14.92
C PHE C 235 -3.86 -3.53 16.09
N ILE C 236 -4.70 -3.21 17.06
CA ILE C 236 -4.90 -4.11 18.16
C ILE C 236 -5.40 -5.50 17.73
N GLU C 237 -6.55 -5.52 17.06
CA GLU C 237 -7.07 -6.73 16.48
C GLU C 237 -6.02 -7.46 15.66
N GLN C 238 -5.01 -6.76 15.23
CA GLN C 238 -3.95 -7.47 14.48
C GLN C 238 -2.88 -8.07 15.37
N GLY C 239 -3.05 -7.88 16.68
CA GLY C 239 -2.14 -8.48 17.63
C GLY C 239 -0.98 -7.58 17.98
N ILE C 240 -1.20 -6.26 17.78
CA ILE C 240 -0.21 -5.24 18.08
C ILE C 240 -0.65 -4.56 19.37
N ASN C 241 0.21 -4.60 20.36
CA ASN C 241 -0.14 -4.10 21.64
C ASN C 241 0.27 -2.66 21.78
N VAL C 242 -0.56 -1.82 21.22
CA VAL C 242 -0.25 -0.40 21.14
C VAL C 242 -0.34 0.15 22.50
N CYS C 243 0.19 1.37 22.70
CA CYS C 243 -0.22 2.23 23.83
C CYS C 243 -0.87 3.47 23.13
N LEU C 244 -1.51 4.37 23.86
CA LEU C 244 -2.48 5.23 23.23
C LEU C 244 -2.82 6.46 24.03
N CYS C 245 -2.85 7.64 23.40
CA CYS C 245 -3.05 8.93 24.11
C CYS C 245 -4.32 9.61 23.70
N GLN C 246 -5.20 9.94 24.63
CA GLN C 246 -6.52 10.50 24.25
C GLN C 246 -6.69 11.86 24.84
N SER C 247 -7.44 12.69 24.14
CA SER C 247 -7.67 14.06 24.59
C SER C 247 -9.14 14.36 24.43
N TYR C 248 -9.72 15.10 25.35
CA TYR C 248 -11.13 15.45 25.35
C TYR C 248 -11.21 16.98 25.20
N ALA C 249 -10.08 17.55 24.87
CA ALA C 249 -10.00 18.98 24.68
C ALA C 249 -10.86 19.47 23.49
N1 LLP C 250 -1.67 15.93 20.15
C2 LLP C 250 -2.13 16.50 19.04
C2' LLP C 250 -1.81 15.90 17.72
C3 LLP C 250 -2.89 17.62 19.09
O3 LLP C 250 -3.29 18.06 18.06
C4 LLP C 250 -3.22 18.23 20.26
C4' LLP C 250 -4.13 19.45 20.24
C5 LLP C 250 -2.73 17.65 21.41
C6 LLP C 250 -1.96 16.52 21.32
C5' LLP C 250 -2.96 18.15 22.78
OP4 LLP C 250 -4.23 18.50 23.34
P LLP C 250 -4.32 18.81 24.81
OP1 LLP C 250 -4.62 20.16 24.89
OP2 LLP C 250 -5.23 17.89 25.33
OP3 LLP C 250 -3.08 18.62 25.34
N LLP C 250 -10.81 18.77 22.39
CA LLP C 250 -11.45 19.24 21.19
CB LLP C 250 -10.50 19.14 20.00
CG LLP C 250 -9.26 20.09 20.03
CD LLP C 250 -7.97 19.44 20.57
CE LLP C 250 -6.58 20.02 20.10
NZ LLP C 250 -5.41 19.10 20.50
C LLP C 250 -12.78 18.53 20.96
O LLP C 250 -13.79 19.14 20.83
N ASN C 251 -12.77 17.22 20.99
CA ASN C 251 -13.96 16.44 20.82
C ASN C 251 -14.98 16.63 21.94
N MET C 252 -14.61 17.20 23.07
CA MET C 252 -15.64 17.44 24.04
C MET C 252 -15.52 18.89 24.42
N GLY C 253 -14.67 19.62 23.71
CA GLY C 253 -14.58 21.07 23.96
C GLY C 253 -14.11 21.48 25.32
N LEU C 254 -13.49 20.55 26.03
CA LEU C 254 -12.96 20.78 27.40
C LEU C 254 -11.58 21.47 27.58
N TYR C 255 -10.91 21.90 26.48
CA TYR C 255 -9.63 22.68 26.49
C TYR C 255 -8.96 22.96 27.86
N GLY C 256 -9.31 24.07 28.48
CA GLY C 256 -8.67 24.44 29.73
C GLY C 256 -8.97 23.56 30.97
N GLU C 257 -9.79 22.55 30.85
CA GLU C 257 -9.98 21.68 32.00
C GLU C 257 -9.01 20.50 32.02
N ARG C 258 -8.39 20.18 30.89
CA ARG C 258 -7.24 19.24 30.83
C ARG C 258 -7.72 17.84 31.18
N VAL C 259 -8.50 17.25 30.30
CA VAL C 259 -9.02 15.97 30.58
C VAL C 259 -8.43 15.13 29.50
N GLY C 260 -7.71 14.08 29.83
CA GLY C 260 -7.20 13.17 28.86
C GLY C 260 -6.82 11.90 29.57
N ALA C 261 -6.36 10.89 28.80
CA ALA C 261 -6.02 9.64 29.41
C ALA C 261 -4.91 8.96 28.65
N PHE C 262 -4.07 8.19 29.34
CA PHE C 262 -3.05 7.36 28.69
C PHE C 262 -3.36 5.85 28.83
N THR C 263 -3.23 5.07 27.77
CA THR C 263 -3.58 3.64 27.87
C THR C 263 -2.48 2.74 27.31
N VAL C 264 -2.11 1.67 27.99
CA VAL C 264 -1.19 0.64 27.49
C VAL C 264 -2.00 -0.64 27.43
N VAL C 265 -1.83 -1.39 26.33
CA VAL C 265 -2.58 -2.59 26.10
C VAL C 265 -1.55 -3.64 26.29
N CYS C 266 -1.80 -4.63 27.16
CA CYS C 266 -0.79 -5.63 27.46
C CYS C 266 -1.11 -7.05 27.04
N LYS C 267 -0.21 -7.96 27.35
CA LYS C 267 -0.40 -9.35 27.04
C LYS C 267 -1.54 -9.97 27.88
N ASP C 268 -1.71 -9.50 29.14
CA ASP C 268 -2.78 -9.96 30.04
C ASP C 268 -2.96 -9.03 31.17
N ALA C 269 -3.85 -9.42 32.08
CA ALA C 269 -4.25 -8.57 33.21
C ALA C 269 -3.13 -8.35 34.20
N GLU C 270 -2.27 -9.35 34.32
CA GLU C 270 -1.22 -9.36 35.33
C GLU C 270 -0.11 -8.40 34.87
N GLU C 271 0.20 -8.47 33.55
CA GLU C 271 1.08 -7.45 32.90
C GLU C 271 0.59 -6.00 33.14
N ALA C 272 -0.70 -5.71 32.96
CA ALA C 272 -1.23 -4.38 33.28
C ALA C 272 -1.18 -3.98 34.74
N LYS C 273 -1.23 -4.91 35.73
CA LYS C 273 -1.07 -4.44 37.17
C LYS C 273 0.33 -3.93 37.41
N ARG C 274 1.27 -4.71 36.87
CA ARG C 274 2.66 -4.30 36.93
C ARG C 274 2.80 -2.94 36.26
N VAL C 275 2.41 -2.87 34.98
CA VAL C 275 2.44 -1.57 34.26
C VAL C 275 1.78 -0.44 35.01
N GLU C 276 0.54 -0.63 35.46
CA GLU C 276 -0.16 0.39 36.31
C GLU C 276 0.63 0.86 37.53
N SER C 277 1.36 -0.05 38.20
CA SER C 277 2.11 0.38 39.44
C SER C 277 3.25 1.26 39.04
N GLN C 278 3.94 0.94 37.93
CA GLN C 278 5.02 1.82 37.54
C GLN C 278 4.52 3.15 36.98
N LEU C 279 3.40 3.13 36.25
CA LEU C 279 2.85 4.39 35.80
C LEU C 279 2.55 5.26 37.00
N LYS C 280 1.85 4.72 38.02
CA LYS C 280 1.64 5.56 39.24
C LYS C 280 2.96 6.12 39.81
N ILE C 281 4.01 5.30 39.72
CA ILE C 281 5.26 5.67 40.29
C ILE C 281 5.82 6.83 39.53
N LEU C 282 5.53 6.94 38.27
CA LEU C 282 5.95 8.04 37.47
C LEU C 282 5.09 9.28 37.61
N ILE C 283 3.79 9.11 37.75
CA ILE C 283 2.92 10.26 37.86
C ILE C 283 3.12 10.99 39.13
N ARG C 284 3.25 10.28 40.24
CA ARG C 284 3.28 10.97 41.54
C ARG C 284 4.38 12.05 41.57
N PRO C 285 5.57 11.73 41.05
CA PRO C 285 6.57 12.81 41.20
C PRO C 285 6.48 13.91 40.12
N LEU C 286 5.53 13.77 39.15
CA LEU C 286 5.21 14.83 38.18
C LEU C 286 4.22 15.84 38.72
N TYR C 287 3.07 15.41 39.21
CA TYR C 287 1.96 16.34 39.59
C TYR C 287 1.02 15.73 40.75
N SER C 288 1.48 14.62 41.35
CA SER C 288 0.77 13.78 42.39
C SER C 288 -0.50 13.15 41.96
N ASN C 289 -1.45 13.93 41.45
CA ASN C 289 -2.73 13.38 40.97
C ASN C 289 -3.48 14.42 40.08
N PRO C 290 -4.46 13.95 39.29
CA PRO C 290 -5.02 14.82 38.23
C PRO C 290 -6.21 15.64 38.68
N PRO C 291 -6.53 16.71 37.95
CA PRO C 291 -7.65 17.57 38.26
C PRO C 291 -9.04 16.88 38.08
N LEU C 292 -9.91 17.27 38.98
CA LEU C 292 -11.23 16.70 39.17
C LEU C 292 -12.25 17.06 38.13
N ASN C 293 -12.44 18.35 37.92
CA ASN C 293 -13.57 18.92 37.18
C ASN C 293 -13.89 18.23 35.89
N GLY C 294 -12.96 18.39 34.96
CA GLY C 294 -13.20 17.93 33.61
C GLY C 294 -13.41 16.45 33.58
N ALA C 295 -12.77 15.74 34.49
CA ALA C 295 -12.93 14.31 34.52
C ALA C 295 -14.36 13.90 35.02
N ARG C 296 -14.85 14.63 36.00
CA ARG C 296 -16.17 14.43 36.55
C ARG C 296 -17.15 14.65 35.41
N ILE C 297 -17.04 15.81 34.75
CA ILE C 297 -17.82 16.12 33.54
C ILE C 297 -17.74 15.03 32.51
N ALA C 298 -16.55 14.67 32.06
CA ALA C 298 -16.44 13.69 31.00
C ALA C 298 -16.95 12.30 31.33
N ALA C 299 -16.78 11.89 32.59
CA ALA C 299 -17.32 10.60 33.06
C ALA C 299 -18.87 10.61 33.09
N THR C 300 -19.46 11.73 33.60
CA THR C 300 -20.90 11.85 33.53
C THR C 300 -21.34 11.51 32.11
N ILE C 301 -20.82 12.25 31.12
CA ILE C 301 -21.31 12.10 29.81
C ILE C 301 -21.08 10.68 29.37
N LEU C 302 -19.89 10.15 29.50
CA LEU C 302 -19.65 8.90 28.73
C LEU C 302 -20.48 7.71 29.20
N THR C 303 -20.92 7.79 30.47
CA THR C 303 -21.66 6.70 31.13
C THR C 303 -23.22 6.83 31.04
N SER C 304 -23.75 8.07 31.36
CA SER C 304 -25.21 8.41 31.12
C SER C 304 -25.49 8.33 29.64
N PRO C 305 -26.04 7.19 29.18
CA PRO C 305 -25.77 6.81 27.76
C PRO C 305 -26.75 7.57 26.85
N ASP C 306 -27.63 8.31 27.52
CA ASP C 306 -28.41 9.29 26.79
C ASP C 306 -27.66 10.65 26.57
N LEU C 307 -26.92 11.15 27.57
CA LEU C 307 -25.90 12.18 27.38
C LEU C 307 -24.88 11.71 26.35
N ARG C 308 -24.49 10.45 26.36
CA ARG C 308 -23.58 9.91 25.34
C ARG C 308 -24.17 9.85 23.90
N LYS C 309 -25.45 10.17 23.85
CA LYS C 309 -26.20 10.24 22.64
C LYS C 309 -26.16 11.66 22.15
N GLN C 310 -26.39 12.57 23.06
CA GLN C 310 -26.34 13.93 22.74
C GLN C 310 -24.90 14.23 22.31
N TRP C 311 -24.01 14.41 23.26
CA TRP C 311 -22.61 14.63 22.98
C TRP C 311 -22.22 14.08 21.62
N LEU C 312 -22.44 12.81 21.38
CA LEU C 312 -21.94 12.25 20.17
C LEU C 312 -22.39 12.95 18.91
N GLN C 313 -23.40 13.78 19.06
CA GLN C 313 -24.02 14.37 17.92
C GLN C 313 -23.78 15.85 17.96
N GLU C 314 -23.72 16.41 19.14
CA GLU C 314 -23.04 17.66 19.38
C GLU C 314 -21.68 17.62 18.64
N VAL C 315 -21.01 16.48 18.69
CA VAL C 315 -19.70 16.22 18.06
C VAL C 315 -19.80 16.14 16.56
N LYS C 316 -20.88 15.51 16.09
CA LYS C 316 -21.19 15.39 14.63
C LYS C 316 -21.28 16.80 14.00
N GLY C 317 -21.79 17.77 14.74
CA GLY C 317 -22.06 19.04 14.17
C GLY C 317 -21.08 20.13 14.46
N MET C 318 -19.94 19.67 14.94
CA MET C 318 -18.67 20.35 14.98
C MET C 318 -17.89 19.80 13.80
N ALA C 319 -17.87 18.49 13.61
CA ALA C 319 -17.08 17.98 12.54
C ALA C 319 -17.65 18.39 11.25
N ASP C 320 -18.93 18.73 11.26
CA ASP C 320 -19.61 18.94 9.99
C ASP C 320 -19.43 20.37 9.55
N ARG C 321 -19.58 21.33 10.47
CA ARG C 321 -19.20 22.72 10.15
C ARG C 321 -17.76 22.72 9.49
N ILE C 322 -16.77 22.16 10.20
CA ILE C 322 -15.43 22.01 9.61
C ILE C 322 -15.55 21.41 8.26
N ILE C 323 -16.21 20.28 8.12
CA ILE C 323 -16.29 19.73 6.77
C ILE C 323 -16.97 20.69 5.78
N SER C 324 -17.92 21.55 6.20
CA SER C 324 -18.59 22.29 5.13
C SER C 324 -17.74 23.47 4.72
N MET C 325 -16.85 23.94 5.64
CA MET C 325 -15.87 24.99 5.29
C MET C 325 -14.85 24.43 4.30
N ARG C 326 -14.43 23.20 4.46
CA ARG C 326 -13.41 22.74 3.51
C ARG C 326 -14.07 22.63 2.16
N THR C 327 -15.38 22.40 2.22
CA THR C 327 -16.20 22.16 1.05
C THR C 327 -16.58 23.45 0.37
N GLN C 328 -17.09 24.37 1.14
CA GLN C 328 -17.39 25.64 0.61
C GLN C 328 -16.11 26.36 0.15
N LEU C 329 -14.94 25.93 0.63
CA LEU C 329 -13.74 26.64 0.23
C LEU C 329 -13.33 26.12 -1.13
N VAL C 330 -13.21 24.79 -1.32
CA VAL C 330 -12.93 24.29 -2.64
C VAL C 330 -14.01 24.72 -3.64
N SER C 331 -15.22 24.92 -3.17
CA SER C 331 -16.28 25.39 -4.01
C SER C 331 -15.95 26.76 -4.55
N ASN C 332 -15.95 27.74 -3.67
CA ASN C 332 -15.61 29.11 -3.98
C ASN C 332 -14.35 29.33 -4.79
N LEU C 333 -13.33 28.54 -4.62
CA LEU C 333 -12.16 28.74 -5.40
C LEU C 333 -12.39 28.33 -6.87
N LYS C 334 -13.46 27.60 -7.14
CA LYS C 334 -13.66 27.16 -8.51
C LYS C 334 -14.45 28.28 -9.16
N LYS C 335 -15.54 28.70 -8.49
CA LYS C 335 -16.21 29.96 -8.84
C LYS C 335 -15.19 31.11 -9.13
N GLU C 336 -14.18 31.27 -8.27
CA GLU C 336 -13.31 32.44 -8.34
C GLU C 336 -12.43 32.42 -9.59
N GLY C 337 -12.25 31.27 -10.18
CA GLY C 337 -11.58 31.21 -11.41
C GLY C 337 -10.36 30.35 -11.27
N SER C 338 -10.18 29.68 -10.12
CA SER C 338 -8.85 29.15 -9.84
C SER C 338 -8.63 27.99 -10.73
N SER C 339 -7.43 27.85 -11.26
CA SER C 339 -7.21 26.80 -12.19
C SER C 339 -6.32 25.78 -11.46
N HIS C 340 -6.27 25.87 -10.13
CA HIS C 340 -5.41 24.97 -9.34
C HIS C 340 -6.20 23.81 -8.80
N ASN C 341 -5.56 22.66 -8.67
CA ASN C 341 -6.19 21.52 -8.04
C ASN C 341 -6.24 21.70 -6.52
N TRP C 342 -7.43 21.99 -5.98
CA TRP C 342 -7.63 22.28 -4.54
C TRP C 342 -8.30 21.15 -3.71
N GLN C 343 -8.32 19.94 -4.26
CA GLN C 343 -9.14 18.86 -3.71
C GLN C 343 -8.63 18.34 -2.34
N HIS C 344 -7.28 18.37 -2.19
CA HIS C 344 -6.60 18.12 -0.93
C HIS C 344 -7.30 18.85 0.25
N ILE C 345 -7.90 20.01 0.05
CA ILE C 345 -8.58 20.68 1.10
C ILE C 345 -9.75 19.86 1.55
N THR C 346 -10.40 19.14 0.64
CA THR C 346 -11.56 18.34 1.10
C THR C 346 -11.20 16.88 1.46
N ASP C 347 -10.18 16.33 0.82
CA ASP C 347 -9.61 15.06 1.21
C ASP C 347 -9.04 15.08 2.66
N GLN C 348 -8.52 16.22 3.13
CA GLN C 348 -7.85 16.22 4.38
C GLN C 348 -8.97 16.06 5.39
N ILE C 349 -8.60 15.68 6.63
CA ILE C 349 -9.57 15.52 7.71
C ILE C 349 -9.16 16.33 8.93
N GLY C 350 -10.11 17.03 9.54
CA GLY C 350 -9.90 17.56 10.84
C GLY C 350 -9.85 19.04 10.74
N MET C 351 -9.51 19.73 11.82
CA MET C 351 -9.44 21.19 11.80
C MET C 351 -8.14 21.91 11.28
N PHE C 352 -7.06 21.20 11.02
CA PHE C 352 -5.90 21.81 10.30
C PHE C 352 -5.67 21.37 8.87
N CYS C 353 -5.40 22.35 8.04
CA CYS C 353 -5.25 22.16 6.56
C CYS C 353 -3.89 22.67 6.08
N PHE C 354 -3.04 21.80 5.63
CA PHE C 354 -1.92 22.25 4.81
C PHE C 354 -2.46 22.60 3.39
N THR C 355 -2.55 23.90 3.15
CA THR C 355 -3.01 24.44 1.93
C THR C 355 -2.08 24.37 0.72
N GLY C 356 -0.77 24.32 0.90
CA GLY C 356 0.13 24.19 -0.24
C GLY C 356 0.66 25.54 -0.62
N LEU C 357 0.13 26.57 0.02
CA LEU C 357 0.68 27.92 -0.10
C LEU C 357 2.13 28.00 0.36
N LYS C 358 2.92 28.78 -0.38
CA LYS C 358 4.34 28.92 -0.07
C LYS C 358 4.54 30.14 0.84
N PRO C 359 5.69 30.23 1.53
CA PRO C 359 5.82 31.32 2.53
C PRO C 359 5.53 32.74 2.01
N GLU C 360 5.98 33.00 0.76
CA GLU C 360 5.82 34.32 0.15
C GLU C 360 4.35 34.59 0.05
N GLN C 361 3.61 33.58 -0.39
CA GLN C 361 2.17 33.73 -0.54
C GLN C 361 1.48 33.89 0.81
N VAL C 362 1.98 33.25 1.85
CA VAL C 362 1.39 33.54 3.17
C VAL C 362 1.67 34.96 3.56
N GLU C 363 2.88 35.43 3.34
CA GLU C 363 3.23 36.81 3.61
C GLU C 363 2.15 37.75 3.07
N ARG C 364 1.93 37.68 1.75
CA ARG C 364 0.87 38.46 1.11
C ARG C 364 -0.58 38.31 1.61
N LEU C 365 -0.99 37.09 2.04
CA LEU C 365 -2.33 36.94 2.56
C LEU C 365 -2.43 37.75 3.83
N THR C 366 -1.34 37.82 4.59
CA THR C 366 -1.39 38.60 5.82
C THR C 366 -1.38 40.07 5.46
N LYS C 367 -0.31 40.51 4.82
CA LYS C 367 -0.13 41.95 4.53
C LYS C 367 -1.21 42.55 3.63
N GLU C 368 -1.71 41.79 2.65
CA GLU C 368 -2.68 42.32 1.66
C GLU C 368 -4.16 42.02 1.91
N PHE C 369 -4.49 40.93 2.57
CA PHE C 369 -5.87 40.58 2.79
C PHE C 369 -6.20 40.48 4.23
N SER C 370 -5.20 40.23 5.04
CA SER C 370 -5.38 40.19 6.47
C SER C 370 -5.77 38.85 6.98
N VAL C 371 -5.51 37.86 6.18
CA VAL C 371 -5.71 36.50 6.52
C VAL C 371 -4.51 35.98 7.22
N TYR C 372 -4.64 35.68 8.49
CA TYR C 372 -3.52 35.36 9.38
C TYR C 372 -3.31 33.90 9.56
N MET C 373 -2.13 33.44 9.24
CA MET C 373 -1.91 32.01 9.28
C MET C 373 -0.41 31.68 9.44
N THR C 374 -0.06 30.46 9.81
CA THR C 374 1.36 30.22 9.96
C THR C 374 2.12 30.05 8.61
N LYS C 375 3.44 30.33 8.65
CA LYS C 375 4.29 30.36 7.47
C LYS C 375 4.34 29.07 6.68
N ASP C 376 4.12 27.95 7.35
CA ASP C 376 4.07 26.64 6.72
C ASP C 376 2.78 26.33 5.85
N GLY C 377 1.88 27.32 5.76
CA GLY C 377 0.65 27.24 4.96
C GLY C 377 -0.48 26.47 5.65
N ARG C 378 -0.32 26.19 6.94
CA ARG C 378 -1.32 25.56 7.72
C ARG C 378 -2.39 26.52 8.05
N ILE C 379 -3.65 26.17 7.72
CA ILE C 379 -4.75 26.99 8.26
C ILE C 379 -5.55 26.27 9.30
N SER C 380 -6.00 26.98 10.31
CA SER C 380 -7.01 26.42 11.19
C SER C 380 -8.39 26.62 10.52
N VAL C 381 -8.93 25.51 10.03
CA VAL C 381 -10.25 25.56 9.38
C VAL C 381 -11.34 26.14 10.28
N ALA C 382 -11.07 26.21 11.58
CA ALA C 382 -12.11 26.60 12.48
C ALA C 382 -12.38 28.06 12.44
N GLY C 383 -11.59 28.76 11.64
CA GLY C 383 -11.54 30.21 11.66
C GLY C 383 -12.29 30.60 10.43
N VAL C 384 -12.50 29.66 9.54
CA VAL C 384 -13.29 29.92 8.37
C VAL C 384 -14.75 29.86 8.76
N THR C 385 -15.53 30.89 8.41
CA THR C 385 -16.98 30.88 8.69
C THR C 385 -17.71 31.02 7.40
N SER C 386 -19.02 30.94 7.47
CA SER C 386 -19.84 31.06 6.25
C SER C 386 -19.88 32.56 5.88
N GLY C 387 -19.75 33.45 6.87
CA GLY C 387 -19.48 34.86 6.56
C GLY C 387 -18.23 34.99 5.63
N ASN C 388 -17.13 34.34 5.95
CA ASN C 388 -15.91 34.83 5.43
C ASN C 388 -15.30 33.96 4.39
N VAL C 389 -15.87 32.82 4.10
CA VAL C 389 -15.20 31.87 3.17
C VAL C 389 -15.14 32.36 1.72
N GLY C 390 -16.04 33.30 1.40
CA GLY C 390 -16.04 33.98 0.11
C GLY C 390 -14.70 34.72 -0.11
N TYR C 391 -14.44 35.67 0.80
CA TYR C 391 -13.21 36.41 0.86
C TYR C 391 -12.04 35.44 0.93
N LEU C 392 -12.07 34.48 1.85
CA LEU C 392 -10.92 33.58 1.89
C LEU C 392 -10.57 33.04 0.49
N ALA C 393 -11.59 32.66 -0.31
CA ALA C 393 -11.29 32.01 -1.58
C ALA C 393 -10.82 33.06 -2.58
N HIS C 394 -11.46 34.21 -2.59
CA HIS C 394 -10.95 35.36 -3.31
C HIS C 394 -9.49 35.68 -2.97
N ALA C 395 -9.19 35.86 -1.67
CA ALA C 395 -7.82 36.09 -1.24
C ALA C 395 -6.91 35.00 -1.71
N ILE C 396 -7.22 33.75 -1.38
CA ILE C 396 -6.27 32.68 -1.78
C ILE C 396 -6.03 32.62 -3.29
N HIS C 397 -7.09 32.89 -4.05
CA HIS C 397 -7.00 32.92 -5.50
C HIS C 397 -6.01 34.01 -5.99
N GLN C 398 -6.22 35.26 -5.53
CA GLN C 398 -5.31 36.37 -5.88
C GLN C 398 -3.85 36.05 -5.73
N VAL C 399 -3.47 35.51 -4.56
CA VAL C 399 -2.07 35.22 -4.31
C VAL C 399 -1.53 34.05 -5.04
N THR C 400 -2.39 33.24 -5.68
CA THR C 400 -1.96 31.97 -6.34
C THR C 400 -2.11 31.96 -7.85
N LYS C 401 -2.99 32.81 -8.38
CA LYS C 401 -3.28 32.78 -9.81
C LYS C 401 -2.05 33.16 -10.58
N SER D 1 8.88 -12.21 24.68
CA SER D 1 7.77 -12.22 23.67
C SER D 1 6.57 -11.37 24.14
N SER D 2 6.84 -10.29 24.86
CA SER D 2 5.83 -9.32 25.24
C SER D 2 6.67 -8.13 25.67
N TRP D 3 6.17 -6.92 25.44
CA TRP D 3 7.01 -5.77 25.67
C TRP D 3 7.48 -5.58 27.10
N TRP D 4 6.72 -6.06 28.08
CA TRP D 4 6.80 -5.54 29.44
C TRP D 4 6.99 -6.66 30.44
N THR D 5 7.49 -7.77 29.97
CA THR D 5 7.81 -8.86 30.82
C THR D 5 8.70 -8.48 32.01
N HIS D 6 9.50 -7.44 31.89
CA HIS D 6 10.48 -7.14 32.92
C HIS D 6 10.14 -5.91 33.73
N VAL D 7 8.99 -5.31 33.47
CA VAL D 7 8.44 -4.31 34.40
C VAL D 7 8.01 -4.97 35.71
N GLU D 8 8.61 -4.56 36.81
CA GLU D 8 8.29 -5.15 38.12
C GLU D 8 7.13 -4.51 38.79
N MET D 9 6.51 -5.18 39.74
CA MET D 9 5.52 -4.53 40.61
C MET D 9 6.16 -3.48 41.54
N GLY D 10 5.56 -2.32 41.69
CA GLY D 10 6.09 -1.38 42.66
C GLY D 10 5.88 -1.75 44.13
N PRO D 11 6.55 -1.05 45.04
CA PRO D 11 6.30 -1.29 46.48
C PRO D 11 4.80 -1.12 46.84
N PRO D 12 4.29 -1.81 47.89
CA PRO D 12 2.90 -1.49 48.32
C PRO D 12 2.89 -0.15 49.03
N ASP D 13 1.82 0.62 48.88
CA ASP D 13 1.82 1.93 49.50
C ASP D 13 1.54 1.83 51.01
N PRO D 14 2.43 2.42 51.84
CA PRO D 14 2.25 2.19 53.26
C PRO D 14 1.04 2.96 53.79
N ILE D 15 0.90 4.24 53.40
CA ILE D 15 -0.23 5.08 53.80
C ILE D 15 -1.52 4.48 53.26
N LEU D 16 -1.53 4.21 51.96
CA LEU D 16 -2.70 3.61 51.29
C LEU D 16 -3.23 2.29 51.91
N GLY D 17 -2.34 1.33 52.22
CA GLY D 17 -2.74 0.04 52.81
C GLY D 17 -3.22 0.15 54.24
N VAL D 18 -2.71 1.17 54.92
CA VAL D 18 -3.10 1.51 56.29
C VAL D 18 -4.52 2.03 56.29
N THR D 19 -4.80 3.02 55.43
CA THR D 19 -6.16 3.54 55.28
C THR D 19 -7.08 2.38 54.93
N GLU D 20 -6.54 1.44 54.15
CA GLU D 20 -7.29 0.26 53.74
C GLU D 20 -7.56 -0.69 54.91
N ALA D 21 -6.65 -0.68 55.90
CA ALA D 21 -6.80 -1.46 57.13
C ALA D 21 -7.92 -0.89 58.05
N PHE D 22 -7.89 0.42 58.26
CA PHE D 22 -8.92 1.17 58.99
C PHE D 22 -10.28 0.76 58.53
N LYS D 23 -10.54 0.97 57.23
CA LYS D 23 -11.76 0.51 56.52
C LYS D 23 -12.08 -0.97 56.80
N ARG D 24 -11.05 -1.81 56.86
CA ARG D 24 -11.25 -3.25 57.09
C ARG D 24 -11.70 -3.45 58.53
N ASP D 25 -11.35 -2.53 59.43
CA ASP D 25 -11.64 -2.77 60.84
C ASP D 25 -13.10 -2.87 61.26
N THR D 26 -13.30 -3.66 62.28
CA THR D 26 -14.60 -4.13 62.66
C THR D 26 -15.10 -3.43 63.95
N ASN D 27 -14.29 -2.51 64.50
CA ASN D 27 -14.70 -1.72 65.67
C ASN D 27 -15.76 -0.64 65.32
N SER D 28 -16.10 0.20 66.31
CA SER D 28 -16.86 1.46 66.14
C SER D 28 -16.16 2.56 66.93
N LYS D 29 -14.97 2.22 67.41
CA LYS D 29 -14.12 3.15 68.14
C LYS D 29 -12.94 3.63 67.27
N LYS D 30 -12.72 2.90 66.17
CA LYS D 30 -11.54 3.04 65.30
C LYS D 30 -11.34 4.45 64.76
N MET D 31 -10.07 4.85 64.68
CA MET D 31 -9.62 6.18 64.24
C MET D 31 -8.63 6.13 63.06
N ASN D 32 -8.84 7.01 62.08
CA ASN D 32 -7.95 7.20 60.94
C ASN D 32 -7.02 8.39 61.19
N LEU D 33 -5.80 8.13 61.63
CA LEU D 33 -4.88 9.22 61.86
C LEU D 33 -3.84 9.34 60.77
N GLY D 34 -4.13 8.76 59.60
CA GLY D 34 -3.22 8.83 58.44
C GLY D 34 -3.78 9.57 57.23
N VAL D 35 -4.80 10.39 57.49
CA VAL D 35 -5.52 11.09 56.46
C VAL D 35 -4.66 12.26 56.03
N GLY D 36 -4.44 12.41 54.72
CA GLY D 36 -3.57 13.44 54.19
C GLY D 36 -4.24 14.79 54.00
N ALA D 37 -5.55 14.85 54.24
CA ALA D 37 -6.36 16.07 54.10
C ALA D 37 -7.31 16.37 55.26
N TYR D 38 -7.42 17.65 55.59
CA TYR D 38 -8.37 18.20 56.58
C TYR D 38 -9.79 17.63 56.55
N ARG D 39 -10.28 17.34 57.75
CA ARG D 39 -11.67 16.93 57.98
C ARG D 39 -12.29 17.79 59.09
N ASP D 40 -13.61 17.80 59.19
CA ASP D 40 -14.31 18.54 60.23
C ASP D 40 -14.51 17.66 61.44
N ASP D 41 -15.10 18.21 62.50
CA ASP D 41 -15.28 17.46 63.74
C ASP D 41 -16.22 16.28 63.60
N ASN D 42 -16.71 16.07 62.40
CA ASN D 42 -17.45 14.88 62.09
C ASN D 42 -16.64 13.96 61.19
N GLY D 43 -15.42 14.39 60.90
CA GLY D 43 -14.54 13.66 60.02
C GLY D 43 -15.10 13.67 58.63
N LYS D 44 -15.66 14.78 58.24
CA LYS D 44 -16.19 14.90 56.88
C LYS D 44 -15.19 15.71 56.04
N PRO D 45 -15.19 15.48 54.71
CA PRO D 45 -14.44 16.39 53.80
C PRO D 45 -15.09 17.79 53.89
N TYR D 46 -14.32 18.86 53.87
CA TYR D 46 -14.90 20.17 54.20
C TYR D 46 -14.64 21.22 53.12
N VAL D 47 -15.66 21.42 52.26
CA VAL D 47 -15.66 22.49 51.25
C VAL D 47 -16.00 23.84 51.82
N LEU D 48 -15.03 24.75 51.88
CA LEU D 48 -15.27 26.15 52.32
C LEU D 48 -16.49 26.83 51.67
N PRO D 49 -17.20 27.73 52.43
CA PRO D 49 -18.37 28.37 51.72
C PRO D 49 -17.97 29.53 50.80
N SER D 50 -16.87 30.21 51.13
CA SER D 50 -16.21 31.15 50.18
C SER D 50 -16.02 30.51 48.79
N VAL D 51 -15.50 29.30 48.78
CA VAL D 51 -15.37 28.53 47.56
C VAL D 51 -16.72 28.40 46.91
N ARG D 52 -17.69 27.83 47.65
CA ARG D 52 -19.07 27.56 47.13
C ARG D 52 -19.66 28.83 46.55
N LYS D 53 -19.35 29.96 47.22
CA LYS D 53 -19.83 31.28 46.82
C LYS D 53 -19.26 31.61 45.46
N ALA D 54 -17.92 31.81 45.45
CA ALA D 54 -17.11 31.90 44.22
C ALA D 54 -17.61 31.01 43.12
N GLU D 55 -17.80 29.73 43.41
CA GLU D 55 -18.23 28.79 42.40
C GLU D 55 -19.54 29.17 41.74
N ALA D 56 -20.48 29.72 42.51
CA ALA D 56 -21.74 30.15 41.91
C ALA D 56 -21.61 31.51 41.22
N GLN D 57 -20.90 32.47 41.81
CA GLN D 57 -20.51 33.69 41.08
C GLN D 57 -20.00 33.39 39.62
N ILE D 58 -19.02 32.46 39.56
CA ILE D 58 -18.33 32.06 38.35
C ILE D 58 -19.32 31.51 37.37
N ALA D 59 -20.21 30.65 37.85
CA ALA D 59 -21.16 30.00 36.95
C ALA D 59 -22.19 31.01 36.48
N ALA D 60 -22.49 31.99 37.34
CA ALA D 60 -23.39 33.10 36.95
C ALA D 60 -22.91 33.52 35.58
N LYS D 61 -21.59 33.87 35.57
CA LYS D 61 -20.82 34.51 34.47
C LYS D 61 -20.71 33.68 33.19
N ASN D 62 -20.98 32.40 33.30
CA ASN D 62 -21.16 31.68 32.09
C ASN D 62 -19.92 31.53 31.19
N LEU D 63 -18.74 31.75 31.80
CA LEU D 63 -17.42 31.74 31.16
C LEU D 63 -17.21 30.50 30.34
N ASP D 64 -16.22 30.54 29.44
CA ASP D 64 -15.96 29.38 28.55
C ASP D 64 -14.88 28.47 29.13
N LYS D 65 -14.51 27.49 28.32
CA LYS D 65 -13.54 26.47 28.71
C LYS D 65 -12.25 26.42 27.79
N GLU D 66 -11.80 27.57 27.34
CA GLU D 66 -10.71 27.65 26.44
C GLU D 66 -9.42 27.58 27.20
N TYR D 67 -8.36 27.17 26.53
CA TYR D 67 -7.04 27.03 27.10
C TYR D 67 -6.55 28.28 27.79
N LEU D 68 -5.83 28.13 28.87
CA LEU D 68 -5.10 29.21 29.46
C LEU D 68 -3.76 29.41 28.79
N PRO D 69 -3.14 30.54 28.96
CA PRO D 69 -1.76 30.70 28.57
C PRO D 69 -0.91 29.61 29.24
N ILE D 70 0.28 29.32 28.73
CA ILE D 70 1.15 28.32 29.32
C ILE D 70 1.33 28.50 30.79
N GLY D 71 1.53 29.74 31.16
CA GLY D 71 1.69 30.18 32.56
C GLY D 71 0.39 30.30 33.38
N GLY D 72 -0.77 30.06 32.75
CA GLY D 72 -2.07 30.07 33.40
C GLY D 72 -2.65 31.47 33.59
N LEU D 73 -3.51 31.69 34.59
CA LEU D 73 -4.35 32.91 34.64
C LEU D 73 -3.60 34.05 35.26
N ALA D 74 -3.49 35.15 34.53
CA ALA D 74 -2.76 36.30 34.99
C ALA D 74 -3.35 36.83 36.27
N GLU D 75 -4.67 36.91 36.36
CA GLU D 75 -5.32 37.42 37.56
C GLU D 75 -4.91 36.59 38.77
N PHE D 76 -4.95 35.27 38.61
CA PHE D 76 -4.54 34.35 39.66
C PHE D 76 -3.04 34.39 40.02
N CYS D 77 -2.14 34.55 39.05
CA CYS D 77 -0.71 34.52 39.36
C CYS D 77 -0.35 35.74 40.07
N LYS D 78 -0.90 36.87 39.64
CA LYS D 78 -0.68 38.15 40.30
C LYS D 78 -1.20 38.13 41.77
N ALA D 79 -2.45 37.68 41.94
CA ALA D 79 -3.05 37.47 43.29
C ALA D 79 -2.24 36.56 44.22
N SER D 80 -1.90 35.42 43.70
CA SER D 80 -1.09 34.46 44.40
C SER D 80 0.29 35.03 44.84
N ALA D 81 0.91 35.88 44.01
CA ALA D 81 2.18 36.48 44.42
C ALA D 81 1.96 37.48 45.52
N GLU D 82 0.83 38.13 45.42
CA GLU D 82 0.40 39.10 46.40
C GLU D 82 0.18 38.37 47.75
N LEU D 83 -0.66 37.32 47.71
CA LEU D 83 -0.91 36.51 48.88
C LEU D 83 0.39 36.07 49.48
N ALA D 84 1.31 35.60 48.65
CA ALA D 84 2.61 35.12 49.17
C ALA D 84 3.49 36.20 49.79
N LEU D 85 3.49 37.41 49.27
CA LEU D 85 4.60 38.31 49.60
C LEU D 85 4.16 39.61 50.21
N GLY D 86 2.88 39.90 50.15
CA GLY D 86 2.35 41.13 50.69
C GLY D 86 2.10 42.12 49.60
N GLU D 87 0.85 42.48 49.43
CA GLU D 87 0.44 43.43 48.43
C GLU D 87 1.43 44.56 48.18
N ASN D 88 2.23 44.92 49.17
CA ASN D 88 3.14 46.04 49.02
C ASN D 88 4.58 45.66 48.98
N ASN D 89 4.87 44.39 48.85
CA ASN D 89 6.23 44.00 48.72
C ASN D 89 6.97 44.77 47.63
N GLU D 90 8.18 45.15 47.97
CA GLU D 90 9.10 45.81 47.08
C GLU D 90 9.30 45.02 45.70
N VAL D 91 9.23 43.68 45.77
CA VAL D 91 9.40 42.81 44.64
C VAL D 91 8.23 42.97 43.69
N LEU D 92 7.02 42.98 44.25
CA LEU D 92 5.81 43.18 43.45
C LEU D 92 5.82 44.56 42.82
N LYS D 93 6.23 45.58 43.56
CA LYS D 93 6.11 46.92 43.04
C LYS D 93 7.12 47.14 41.92
N SER D 94 8.34 46.63 42.07
CA SER D 94 9.35 46.80 40.99
C SER D 94 9.14 45.86 39.77
N GLY D 95 8.40 44.78 39.98
CA GLY D 95 8.08 43.78 38.97
C GLY D 95 9.18 42.74 38.82
N ARG D 96 9.95 42.51 39.85
CA ARG D 96 11.13 41.76 39.73
C ARG D 96 10.89 40.37 40.19
N PHE D 97 9.95 39.76 39.53
CA PHE D 97 9.56 38.41 39.89
C PHE D 97 8.78 37.80 38.73
N VAL D 98 8.60 36.48 38.78
CA VAL D 98 7.68 35.78 37.92
C VAL D 98 7.00 34.68 38.73
N THR D 99 5.72 34.54 38.45
CA THR D 99 4.88 33.55 39.02
C THR D 99 4.13 32.91 37.87
N VAL D 100 4.00 31.57 37.92
CA VAL D 100 3.28 30.75 36.96
C VAL D 100 2.41 29.72 37.68
N GLN D 101 1.25 29.49 37.12
CA GLN D 101 0.31 28.61 37.71
C GLN D 101 0.86 27.25 37.41
N THR D 102 0.66 26.31 38.31
CA THR D 102 1.26 25.03 38.20
C THR D 102 0.20 24.11 38.68
N ILE D 103 0.33 22.81 38.43
CA ILE D 103 -0.66 21.83 38.86
C ILE D 103 -0.49 21.60 40.35
N SER D 104 -1.16 22.46 41.12
CA SER D 104 -0.97 22.45 42.56
C SER D 104 0.48 22.54 43.01
N GLY D 105 0.69 22.09 44.26
CA GLY D 105 1.98 22.34 44.93
C GLY D 105 3.05 21.47 44.32
N THR D 106 2.72 20.20 44.04
CA THR D 106 3.63 19.21 43.47
C THR D 106 4.15 19.67 42.09
N GLY D 107 3.22 20.12 41.27
CA GLY D 107 3.56 20.59 39.96
C GLY D 107 4.55 21.73 40.08
N ALA D 108 4.44 22.55 41.11
CA ALA D 108 5.39 23.67 41.29
C ALA D 108 6.75 23.14 41.73
N LEU D 109 6.73 22.14 42.61
CA LEU D 109 7.95 21.43 42.90
C LEU D 109 8.54 20.94 41.53
N ARG D 110 7.73 20.27 40.70
CA ARG D 110 8.31 19.66 39.58
C ARG D 110 8.84 20.71 38.61
N VAL D 111 8.14 21.82 38.53
CA VAL D 111 8.50 22.81 37.52
C VAL D 111 9.84 23.41 37.93
N GLY D 112 9.99 23.68 39.22
CA GLY D 112 11.19 24.30 39.75
C GLY D 112 12.32 23.32 39.73
N ALA D 113 12.05 22.05 39.99
CA ALA D 113 13.14 21.10 39.96
C ALA D 113 13.64 21.17 38.54
N SER D 114 12.72 21.03 37.60
CA SER D 114 13.07 21.01 36.20
C SER D 114 13.78 22.32 35.81
N PHE D 115 13.47 23.44 36.48
CA PHE D 115 14.12 24.67 36.13
C PHE D 115 15.54 24.65 36.66
N LEU D 116 15.67 24.24 37.90
CA LEU D 116 17.00 23.99 38.41
C LEU D 116 17.80 23.08 37.43
N GLN D 117 17.26 21.91 37.11
CA GLN D 117 17.98 20.95 36.31
C GLN D 117 18.53 21.60 35.07
N ARG D 118 17.79 22.49 34.43
CA ARG D 118 18.27 22.96 33.15
C ARG D 118 19.13 24.20 33.27
N PHE D 119 18.82 25.10 34.18
CA PHE D 119 19.61 26.32 34.30
C PHE D 119 20.52 26.54 35.55
N PHE D 120 20.29 25.78 36.61
CA PHE D 120 21.15 25.95 37.78
C PHE D 120 22.58 25.32 37.66
N LYS D 121 23.41 25.92 36.83
CA LYS D 121 24.73 25.33 36.46
C LYS D 121 25.66 25.15 37.70
N PHE D 122 25.55 26.02 38.68
CA PHE D 122 26.39 26.00 39.86
C PHE D 122 26.39 24.71 40.69
N SER D 123 25.36 23.86 40.62
CA SER D 123 25.30 22.58 41.41
C SER D 123 24.14 21.65 41.05
N ARG D 124 24.25 20.36 41.44
CA ARG D 124 23.23 19.33 41.22
C ARG D 124 22.64 18.96 42.55
N ASP D 125 23.13 19.57 43.63
CA ASP D 125 22.64 19.18 44.94
C ASP D 125 21.42 19.91 45.50
N VAL D 126 20.48 19.13 45.97
CA VAL D 126 19.31 19.68 46.56
C VAL D 126 19.24 19.10 47.98
N PHE D 127 19.43 19.97 48.96
CA PHE D 127 19.49 19.56 50.35
C PHE D 127 18.13 19.60 50.96
N LEU D 128 17.67 18.46 51.41
CA LEU D 128 16.36 18.38 52.06
C LEU D 128 16.50 18.33 53.60
N PRO D 129 15.50 18.82 54.33
CA PRO D 129 15.47 18.52 55.75
C PRO D 129 15.42 17.01 55.99
N LYS D 130 15.89 16.57 57.15
CA LYS D 130 15.75 15.20 57.56
C LYS D 130 14.75 15.15 58.68
N PRO D 131 13.57 14.65 58.46
CA PRO D 131 13.12 14.14 57.18
C PRO D 131 12.59 15.24 56.33
N SER D 132 11.85 14.87 55.31
CA SER D 132 11.17 15.80 54.44
C SER D 132 9.94 15.14 53.94
N TRP D 133 9.27 15.82 53.04
CA TRP D 133 8.09 15.24 52.42
C TRP D 133 8.52 14.04 51.65
N GLY D 134 7.78 12.97 51.74
CA GLY D 134 8.21 11.78 51.00
C GLY D 134 8.53 12.08 49.50
N ASN D 135 7.60 12.79 48.87
CA ASN D 135 7.57 12.95 47.48
C ASN D 135 8.63 13.88 46.96
N HIS D 136 9.36 14.54 47.85
CA HIS D 136 10.40 15.46 47.39
C HIS D 136 11.54 14.71 46.75
N THR D 137 11.82 13.51 47.22
CA THR D 137 12.99 12.83 46.73
C THR D 137 12.83 12.45 45.23
N PRO D 138 11.76 11.65 44.90
CA PRO D 138 11.36 11.33 43.46
C PRO D 138 11.22 12.59 42.56
N ILE D 139 10.60 13.66 43.05
CA ILE D 139 10.51 14.93 42.29
C ILE D 139 11.86 15.51 41.78
N PHE D 140 12.86 15.65 42.65
CA PHE D 140 14.12 16.17 42.20
C PHE D 140 14.94 15.09 41.46
N ARG D 141 14.79 13.84 41.94
CA ARG D 141 15.49 12.74 41.30
C ARG D 141 14.97 12.58 39.85
N ASP D 142 13.68 12.25 39.71
CA ASP D 142 13.06 12.22 38.35
C ASP D 142 13.51 13.39 37.48
N ALA D 143 13.51 14.62 38.03
CA ALA D 143 13.90 15.82 37.28
C ALA D 143 15.43 15.93 36.96
N GLY D 144 16.28 15.12 37.59
CA GLY D 144 17.70 15.11 37.22
C GLY D 144 18.68 15.70 38.22
N MET D 145 18.26 15.89 39.46
CA MET D 145 19.06 16.49 40.54
C MET D 145 19.44 15.40 41.54
N GLN D 146 20.45 15.72 42.33
CA GLN D 146 20.97 14.86 43.39
C GLN D 146 20.35 15.28 44.73
N LEU D 147 19.93 14.32 45.54
CA LEU D 147 19.51 14.70 46.87
C LEU D 147 20.67 14.65 47.93
N GLN D 148 20.72 15.63 48.86
CA GLN D 148 21.52 15.53 50.09
C GLN D 148 20.62 15.87 51.22
N GLY D 149 21.16 15.98 52.42
CA GLY D 149 20.29 16.22 53.59
C GLY D 149 20.92 17.10 54.64
N TYR D 150 20.09 17.66 55.51
CA TYR D 150 20.59 18.40 56.64
C TYR D 150 19.70 18.03 57.81
N ARG D 151 20.26 17.99 59.04
CA ARG D 151 19.49 17.54 60.23
C ARG D 151 18.41 18.51 60.55
N TYR D 152 17.26 18.00 60.93
CA TYR D 152 16.15 18.94 61.10
C TYR D 152 15.41 18.59 62.33
N TYR D 153 14.90 17.36 62.37
CA TYR D 153 14.30 16.79 63.56
C TYR D 153 15.39 16.44 64.65
N ASP D 154 15.01 16.50 65.93
CA ASP D 154 15.75 15.91 67.05
C ASP D 154 14.75 14.90 67.58
N PRO D 155 14.93 13.60 67.24
CA PRO D 155 13.97 12.59 67.80
C PRO D 155 13.94 12.69 69.32
N LYS D 156 15.07 13.20 69.87
CA LYS D 156 15.31 13.52 71.29
C LYS D 156 14.19 14.39 71.78
N THR D 157 13.92 15.47 71.03
CA THR D 157 13.06 16.56 71.47
C THR D 157 11.65 16.47 70.96
N CYS D 158 11.44 15.78 69.82
CA CYS D 158 10.29 16.08 68.93
C CYS D 158 10.30 17.61 68.65
N GLY D 159 11.50 18.13 68.38
CA GLY D 159 11.71 19.53 68.14
C GLY D 159 12.82 19.75 67.16
N PHE D 160 13.11 21.01 66.90
CA PHE D 160 13.99 21.36 65.84
C PHE D 160 15.41 21.39 66.33
N ASP D 161 16.26 20.47 65.86
CA ASP D 161 17.66 20.43 66.24
C ASP D 161 18.29 21.60 65.55
N PHE D 162 18.13 22.76 66.19
CA PHE D 162 18.64 24.00 65.64
C PHE D 162 20.16 23.96 65.41
N SER D 163 20.97 23.75 66.44
CA SER D 163 22.43 23.76 66.22
C SER D 163 22.95 22.68 65.21
N GLY D 164 22.21 21.60 65.01
CA GLY D 164 22.65 20.60 64.00
C GLY D 164 22.28 21.03 62.57
N ALA D 165 20.98 21.28 62.37
CA ALA D 165 20.57 22.07 61.23
C ALA D 165 21.55 23.21 60.97
N LEU D 166 21.77 24.10 61.95
CA LEU D 166 22.59 25.29 61.71
C LEU D 166 24.03 24.94 61.30
N GLU D 167 24.57 23.87 61.88
CA GLU D 167 25.92 23.44 61.56
C GLU D 167 26.04 22.80 60.15
N ASP D 168 25.14 21.86 59.86
CA ASP D 168 24.96 21.24 58.52
C ASP D 168 24.78 22.26 57.39
N ILE D 169 23.91 23.25 57.62
CA ILE D 169 23.58 24.23 56.60
C ILE D 169 24.81 25.03 56.23
N SER D 170 25.64 25.29 57.23
CA SER D 170 26.94 25.96 57.05
C SER D 170 27.98 25.04 56.41
N LYS D 171 27.76 23.74 56.46
CA LYS D 171 28.64 22.78 55.84
C LYS D 171 28.41 22.66 54.34
N ILE D 172 27.14 22.63 53.94
CA ILE D 172 26.68 22.69 52.57
C ILE D 172 27.59 23.49 51.67
N PRO D 173 28.04 22.92 50.57
CA PRO D 173 28.94 23.65 49.70
C PRO D 173 28.33 24.92 49.15
N GLU D 174 29.20 25.81 48.74
CA GLU D 174 28.74 27.10 48.29
C GLU D 174 28.02 26.98 46.99
N GLN D 175 27.01 27.80 46.83
CA GLN D 175 26.21 27.77 45.63
C GLN D 175 25.36 26.48 45.40
N SER D 176 25.12 25.67 46.45
CA SER D 176 24.22 24.50 46.45
C SER D 176 22.84 24.97 46.71
N VAL D 177 21.86 24.06 46.60
CA VAL D 177 20.45 24.47 46.71
C VAL D 177 19.89 23.95 48.00
N LEU D 178 19.17 24.78 48.71
CA LEU D 178 18.62 24.35 49.97
C LEU D 178 17.11 24.44 50.09
N LEU D 179 16.46 23.29 50.17
CA LEU D 179 15.04 23.27 50.36
C LEU D 179 14.63 23.61 51.81
N LEU D 180 13.59 24.45 51.91
CA LEU D 180 13.00 24.90 53.19
C LEU D 180 11.46 24.90 53.15
N HIS D 181 10.84 24.28 54.16
CA HIS D 181 9.37 24.36 54.33
C HIS D 181 9.01 25.70 54.99
N ALA D 182 8.25 26.55 54.27
CA ALA D 182 8.00 27.92 54.77
C ALA D 182 7.43 27.88 56.23
N CYS D 183 6.65 26.84 56.51
CA CYS D 183 6.01 26.67 57.78
C CYS D 183 5.21 25.37 57.71
N ALA D 184 4.71 24.88 58.83
CA ALA D 184 3.98 23.59 58.93
C ALA D 184 4.71 22.45 58.25
N HIS D 185 5.97 22.25 58.65
CA HIS D 185 6.83 21.17 58.15
C HIS D 185 6.11 19.83 58.10
N ASN D 186 6.29 19.10 57.03
CA ASN D 186 5.65 17.83 56.79
C ASN D 186 6.72 16.78 56.69
N PRO D 187 6.70 15.77 57.55
CA PRO D 187 5.56 15.46 58.40
C PRO D 187 5.70 15.72 59.89
N THR D 188 6.70 16.47 60.34
CA THR D 188 6.87 16.69 61.79
C THR D 188 5.95 17.68 62.46
N GLY D 189 5.91 18.89 61.95
CA GLY D 189 5.11 19.93 62.53
C GLY D 189 6.05 20.94 63.14
N VAL D 190 7.31 20.63 63.05
CA VAL D 190 8.31 21.39 63.69
C VAL D 190 8.92 22.46 62.83
N ASP D 191 8.76 23.70 63.23
CA ASP D 191 9.30 24.81 62.48
C ASP D 191 10.32 25.55 63.29
N PRO D 192 11.19 26.28 62.63
CA PRO D 192 12.10 27.14 63.35
C PRO D 192 11.26 28.27 63.84
N ARG D 193 11.84 29.16 64.61
CA ARG D 193 11.11 30.27 65.15
C ARG D 193 11.73 31.53 64.66
N PRO D 194 10.99 32.61 64.66
CA PRO D 194 11.46 33.81 64.00
C PRO D 194 12.96 34.10 64.14
N GLU D 195 13.43 34.29 65.38
CA GLU D 195 14.87 34.58 65.60
C GLU D 195 15.81 33.38 65.20
N GLN D 196 15.24 32.18 65.05
CA GLN D 196 15.98 31.07 64.48
C GLN D 196 16.15 31.26 62.95
N TRP D 197 15.01 31.45 62.27
CA TRP D 197 14.98 31.76 60.86
C TRP D 197 16.00 32.82 60.45
N LYS D 198 16.11 33.89 61.25
CA LYS D 198 17.08 34.98 60.94
C LYS D 198 18.52 34.47 60.84
N GLU D 199 18.80 33.42 61.60
CA GLU D 199 20.13 32.88 61.75
C GLU D 199 20.45 32.00 60.58
N ILE D 200 19.51 31.13 60.25
CA ILE D 200 19.51 30.36 59.01
C ILE D 200 19.76 31.26 57.83
N ALA D 201 18.96 32.32 57.72
CA ALA D 201 19.11 33.29 56.64
C ALA D 201 20.50 33.90 56.48
N SER D 202 21.20 34.20 57.59
CA SER D 202 22.53 34.86 57.50
C SER D 202 23.55 33.92 56.92
N VAL D 203 23.48 32.66 57.36
CA VAL D 203 24.34 31.61 56.86
C VAL D 203 24.16 31.51 55.34
N VAL D 204 22.89 31.40 54.95
CA VAL D 204 22.48 31.34 53.56
C VAL D 204 22.99 32.55 52.75
N LYS D 205 22.79 33.76 53.29
CA LYS D 205 23.23 34.98 52.63
C LYS D 205 24.75 34.96 52.40
N LYS D 206 25.49 34.28 53.29
CA LYS D 206 26.99 34.34 53.34
C LYS D 206 27.72 33.17 52.77
N LYS D 207 27.17 31.96 52.92
CA LYS D 207 27.59 30.80 52.06
C LYS D 207 27.27 30.90 50.51
N ASN D 208 26.38 31.84 50.11
CA ASN D 208 25.84 32.04 48.74
C ASN D 208 25.07 30.79 48.31
N LEU D 209 24.06 30.44 49.09
CA LEU D 209 23.33 29.23 48.86
C LEU D 209 22.01 29.62 48.20
N PHE D 210 21.38 28.72 47.46
CA PHE D 210 20.15 29.10 46.78
C PHE D 210 18.99 28.63 47.58
N ALA D 211 18.07 29.55 47.87
CA ALA D 211 16.94 29.24 48.74
C ALA D 211 15.63 28.89 48.06
N PHE D 212 15.29 27.62 48.11
CA PHE D 212 14.09 27.14 47.46
C PHE D 212 13.04 26.82 48.55
N PHE D 213 12.03 27.68 48.62
CA PHE D 213 10.98 27.53 49.59
C PHE D 213 9.81 26.75 49.04
N ASP D 214 9.36 25.78 49.85
CA ASP D 214 8.13 25.09 49.64
C ASP D 214 7.13 25.60 50.67
N MET D 215 6.03 26.21 50.19
CA MET D 215 4.99 26.83 51.05
C MET D 215 3.58 26.23 50.83
N ALA D 216 3.35 25.07 51.42
CA ALA D 216 2.11 24.38 51.16
C ALA D 216 0.98 24.78 52.09
N TYR D 217 1.30 25.55 53.14
CA TYR D 217 0.31 25.67 54.20
C TYR D 217 -0.07 27.10 54.59
N GLN D 218 0.28 28.11 53.77
CA GLN D 218 0.13 29.50 54.23
C GLN D 218 -1.27 29.69 54.84
N GLY D 219 -1.32 30.28 56.04
CA GLY D 219 -2.57 30.61 56.70
C GLY D 219 -3.21 29.44 57.42
N PHE D 220 -3.08 28.25 56.85
CA PHE D 220 -3.63 27.03 57.44
C PHE D 220 -2.81 26.61 58.64
N ALA D 221 -1.55 27.04 58.63
CA ALA D 221 -0.61 26.66 59.65
C ALA D 221 -1.06 27.21 61.00
N SER D 222 -1.21 28.53 61.07
CA SER D 222 -1.56 29.21 62.30
C SER D 222 -2.68 30.26 62.15
N GLY D 223 -3.57 30.12 61.13
CA GLY D 223 -4.64 31.12 60.84
C GLY D 223 -4.17 32.56 60.54
N ASP D 224 -2.87 32.83 60.74
CA ASP D 224 -2.33 34.11 60.35
C ASP D 224 -1.49 34.07 59.07
N GLY D 225 -2.16 34.17 57.91
CA GLY D 225 -1.49 34.32 56.62
C GLY D 225 -0.17 35.08 56.65
N ASP D 226 -0.08 36.18 57.40
CA ASP D 226 1.18 36.95 57.40
C ASP D 226 2.31 36.37 58.23
N LYS D 227 1.98 35.68 59.31
CA LYS D 227 2.97 35.09 60.16
C LYS D 227 3.50 33.83 59.49
N ASP D 228 2.60 33.13 58.80
CA ASP D 228 2.96 31.93 57.97
C ASP D 228 4.00 32.25 56.88
N ALA D 229 3.77 33.32 56.12
CA ALA D 229 4.72 33.90 55.13
C ALA D 229 5.93 34.64 55.69
N TRP D 230 6.05 34.69 57.01
CA TRP D 230 7.07 35.56 57.62
C TRP D 230 8.50 35.19 57.15
N ALA D 231 8.84 33.90 57.17
CA ALA D 231 10.24 33.53 56.90
C ALA D 231 10.66 33.80 55.39
N VAL D 232 9.70 33.55 54.48
CA VAL D 232 9.91 33.74 53.07
C VAL D 232 10.28 35.21 52.82
N ARG D 233 9.44 36.10 53.37
CA ARG D 233 9.57 37.58 53.20
C ARG D 233 10.81 38.06 53.81
N HIS D 234 11.10 37.45 54.94
CA HIS D 234 12.32 37.80 55.64
C HIS D 234 13.51 37.60 54.71
N PHE D 235 13.58 36.39 54.11
CA PHE D 235 14.71 36.00 53.26
C PHE D 235 14.89 36.99 52.11
N ILE D 236 13.77 37.44 51.55
CA ILE D 236 13.75 38.47 50.53
C ILE D 236 14.32 39.80 51.03
N GLU D 237 13.66 40.38 52.04
CA GLU D 237 14.12 41.58 52.75
C GLU D 237 15.60 41.50 52.98
N GLN D 238 16.10 40.30 53.21
CA GLN D 238 17.55 40.13 53.46
C GLN D 238 18.53 40.19 52.28
N GLY D 239 17.98 40.13 51.07
CA GLY D 239 18.77 40.20 49.85
C GLY D 239 18.81 38.89 49.07
N ILE D 240 17.95 37.96 49.46
CA ILE D 240 18.00 36.60 48.96
C ILE D 240 16.76 36.42 48.08
N ASN D 241 17.05 36.22 46.80
CA ASN D 241 16.08 35.99 45.77
C ASN D 241 15.74 34.56 45.77
N VAL D 242 14.70 34.23 46.53
CA VAL D 242 14.24 32.88 46.67
C VAL D 242 13.42 32.40 45.49
N CYS D 243 13.05 31.13 45.56
CA CYS D 243 12.04 30.63 44.67
C CYS D 243 11.04 29.88 45.57
N LEU D 244 9.79 29.79 45.15
CA LEU D 244 8.76 29.54 46.09
C LEU D 244 7.68 28.71 45.45
N CYS D 245 7.29 27.60 46.10
CA CYS D 245 6.18 26.78 45.62
C CYS D 245 4.96 26.91 46.50
N GLN D 246 3.82 27.31 45.93
CA GLN D 246 2.60 27.50 46.67
C GLN D 246 1.61 26.46 46.32
N SER D 247 0.84 26.05 47.33
CA SER D 247 -0.31 25.16 47.19
C SER D 247 -1.67 25.78 47.68
N TYR D 248 -2.79 25.29 47.19
CA TYR D 248 -4.08 25.80 47.66
C TYR D 248 -4.90 24.58 47.99
N ALA D 249 -4.21 23.43 48.01
CA ALA D 249 -4.88 22.20 48.25
C ALA D 249 -5.50 22.33 49.66
N1 LLP D 250 4.85 20.23 49.78
C2 LLP D 250 4.51 19.76 51.06
C2' LLP D 250 5.52 19.80 52.17
C3 LLP D 250 3.24 19.20 51.27
O3 LLP D 250 2.95 18.78 52.36
C4 LLP D 250 2.26 19.13 50.27
C4' LLP D 250 0.88 18.55 50.64
C5 LLP D 250 2.61 19.64 48.99
C6 LLP D 250 3.90 20.17 48.79
C5' LLP D 250 1.70 19.68 47.78
OP4 LLP D 250 0.45 18.95 47.58
P LLP D 250 -0.47 19.47 46.37
OP1 LLP D 250 -1.56 18.41 46.19
OP2 LLP D 250 -0.82 20.88 46.71
OP3 LLP D 250 0.54 19.52 45.27
N LLP D 250 -4.66 22.69 50.62
CA LLP D 250 -5.00 22.65 52.04
CB LLP D 250 -3.74 22.34 52.87
CG LLP D 250 -3.18 20.87 52.63
CD LLP D 250 -2.13 20.76 51.49
CE LLP D 250 -1.41 19.36 51.33
NZ LLP D 250 -0.05 19.54 50.54
C LLP D 250 -5.77 23.95 52.45
O LLP D 250 -6.99 23.88 52.72
N ASN D 251 -5.05 25.08 52.47
CA ASN D 251 -5.64 26.41 52.80
C ASN D 251 -6.85 26.87 51.97
N MET D 252 -7.36 26.05 51.06
CA MET D 252 -8.56 26.41 50.35
C MET D 252 -9.41 25.21 50.02
N GLY D 253 -9.05 24.06 50.53
CA GLY D 253 -9.81 22.85 50.18
C GLY D 253 -9.89 22.55 48.70
N LEU D 254 -8.91 23.06 47.94
CA LEU D 254 -8.94 22.82 46.51
C LEU D 254 -8.30 21.48 46.13
N TYR D 255 -7.77 20.75 47.12
CA TYR D 255 -7.27 19.38 46.88
C TYR D 255 -7.25 18.99 45.41
N GLY D 256 -8.33 18.41 44.91
CA GLY D 256 -8.36 17.64 43.68
C GLY D 256 -8.66 18.44 42.43
N GLU D 257 -8.62 19.76 42.53
CA GLU D 257 -8.70 20.63 41.35
C GLU D 257 -7.28 21.23 41.05
N ARG D 258 -6.31 20.91 41.93
CA ARG D 258 -4.90 21.13 41.68
C ARG D 258 -4.59 22.56 41.32
N VAL D 259 -4.42 23.45 42.28
CA VAL D 259 -4.18 24.82 42.01
C VAL D 259 -2.91 25.22 42.77
N GLY D 260 -1.84 25.56 42.09
CA GLY D 260 -0.69 26.15 42.76
C GLY D 260 0.04 27.14 41.87
N ALA D 261 1.21 27.54 42.33
CA ALA D 261 1.95 28.52 41.58
C ALA D 261 3.45 28.42 41.89
N PHE D 262 4.29 28.76 40.93
CA PHE D 262 5.73 28.76 41.19
C PHE D 262 6.25 30.19 40.93
N THR D 263 7.24 30.62 41.71
CA THR D 263 7.64 32.00 41.67
C THR D 263 9.16 32.08 41.82
N VAL D 264 9.79 32.89 41.00
CA VAL D 264 11.20 33.11 41.13
C VAL D 264 11.31 34.62 41.35
N VAL D 265 12.15 35.00 42.31
CA VAL D 265 12.35 36.40 42.57
C VAL D 265 13.63 36.67 41.87
N CYS D 266 13.74 37.82 41.21
CA CYS D 266 14.87 38.04 40.34
C CYS D 266 15.53 39.36 40.67
N LYS D 267 16.75 39.57 40.20
CA LYS D 267 17.38 40.85 40.38
C LYS D 267 16.49 41.92 39.78
N ASP D 268 15.92 41.66 38.59
CA ASP D 268 15.11 42.67 37.94
C ASP D 268 13.94 42.25 37.08
N ALA D 269 13.18 43.23 36.59
CA ALA D 269 12.02 42.99 35.71
C ALA D 269 12.50 42.29 34.45
N GLU D 270 13.57 42.77 33.85
CA GLU D 270 14.07 42.22 32.63
C GLU D 270 14.51 40.76 32.88
N GLU D 271 15.12 40.49 34.03
CA GLU D 271 15.62 39.15 34.26
C GLU D 271 14.46 38.23 34.50
N ALA D 272 13.37 38.73 35.11
CA ALA D 272 12.13 37.91 35.16
C ALA D 272 11.53 37.56 33.80
N LYS D 273 11.52 38.45 32.81
CA LYS D 273 11.00 38.13 31.46
C LYS D 273 11.73 36.96 30.84
N ARG D 274 13.06 36.98 31.00
CA ARG D 274 13.95 35.88 30.60
C ARG D 274 13.64 34.57 31.33
N VAL D 275 13.62 34.56 32.65
CA VAL D 275 13.24 33.33 33.34
C VAL D 275 11.84 32.88 32.90
N GLU D 276 10.91 33.82 32.70
CA GLU D 276 9.52 33.44 32.46
C GLU D 276 9.49 32.59 31.18
N SER D 277 10.21 33.08 30.16
CA SER D 277 10.25 32.49 28.83
C SER D 277 10.75 31.07 28.94
N GLN D 278 11.67 30.81 29.88
CA GLN D 278 12.24 29.47 29.95
C GLN D 278 11.37 28.58 30.77
N LEU D 279 10.62 29.14 31.72
CA LEU D 279 9.68 28.29 32.41
C LEU D 279 8.55 27.88 31.42
N LYS D 280 8.18 28.83 30.57
CA LYS D 280 7.17 28.54 29.57
C LYS D 280 7.64 27.38 28.72
N ILE D 281 8.91 27.43 28.33
CA ILE D 281 9.49 26.37 27.45
C ILE D 281 9.61 25.04 28.18
N LEU D 282 9.67 25.06 29.48
CA LEU D 282 9.69 23.84 30.24
C LEU D 282 8.34 23.24 30.52
N ILE D 283 7.33 24.08 30.70
CA ILE D 283 6.00 23.64 31.08
C ILE D 283 5.35 23.04 29.84
N ARG D 284 5.50 23.71 28.70
CA ARG D 284 4.75 23.32 27.54
C ARG D 284 4.78 21.83 27.28
N PRO D 285 5.95 21.20 27.34
CA PRO D 285 6.13 19.79 27.10
C PRO D 285 5.86 18.87 28.25
N LEU D 286 5.49 19.43 29.39
CA LEU D 286 4.97 18.69 30.50
C LEU D 286 3.48 18.47 30.38
N TYR D 287 2.71 19.54 30.20
CA TYR D 287 1.26 19.45 30.08
C TYR D 287 0.60 20.58 29.28
N SER D 288 1.42 21.36 28.59
CA SER D 288 1.00 22.48 27.73
C SER D 288 0.51 23.66 28.46
N ASN D 289 -0.57 23.46 29.25
CA ASN D 289 -1.20 24.54 30.03
C ASN D 289 -1.97 24.03 31.26
N PRO D 290 -2.16 24.89 32.28
CA PRO D 290 -2.73 24.39 33.58
C PRO D 290 -4.23 24.32 33.62
N PRO D 291 -4.81 23.64 34.66
CA PRO D 291 -6.31 23.50 34.63
C PRO D 291 -7.01 24.80 35.06
N LEU D 292 -8.10 25.11 34.37
CA LEU D 292 -8.85 26.37 34.48
C LEU D 292 -9.59 26.53 35.83
N ASN D 293 -10.41 25.53 36.16
CA ASN D 293 -11.37 25.63 37.28
C ASN D 293 -10.88 26.14 38.64
N GLY D 294 -9.82 25.51 39.15
CA GLY D 294 -9.28 25.78 40.44
C GLY D 294 -8.80 27.18 40.45
N ALA D 295 -8.22 27.62 39.35
CA ALA D 295 -7.59 28.92 39.31
C ALA D 295 -8.63 30.00 39.32
N ARG D 296 -9.68 29.83 38.51
CA ARG D 296 -10.83 30.72 38.53
C ARG D 296 -11.36 30.88 39.96
N ILE D 297 -11.74 29.77 40.61
CA ILE D 297 -12.08 29.83 42.05
C ILE D 297 -11.11 30.64 42.90
N ALA D 298 -9.81 30.31 42.83
CA ALA D 298 -8.85 30.98 43.75
C ALA D 298 -8.63 32.44 43.41
N ALA D 299 -8.83 32.77 42.14
CA ALA D 299 -8.75 34.14 41.71
C ALA D 299 -9.97 34.98 42.16
N THR D 300 -11.15 34.42 41.96
CA THR D 300 -12.41 35.05 42.39
C THR D 300 -12.37 35.29 43.89
N ILE D 301 -12.05 34.29 44.68
CA ILE D 301 -11.85 34.59 46.12
C ILE D 301 -10.83 35.69 46.39
N LEU D 302 -9.65 35.60 45.77
CA LEU D 302 -8.54 36.43 46.22
C LEU D 302 -8.72 37.88 45.81
N THR D 303 -9.29 38.10 44.64
CA THR D 303 -9.36 39.47 44.09
C THR D 303 -10.62 40.26 44.49
N SER D 304 -11.47 39.65 45.33
CA SER D 304 -12.81 40.16 45.67
C SER D 304 -12.97 40.42 47.19
N PRO D 305 -12.57 41.62 47.67
CA PRO D 305 -12.14 41.87 49.07
C PRO D 305 -13.01 41.22 50.17
N ASP D 306 -14.31 41.15 49.92
CA ASP D 306 -15.22 40.47 50.84
C ASP D 306 -14.93 38.99 51.01
N LEU D 307 -15.11 38.24 49.90
CA LEU D 307 -14.79 36.82 49.80
C LEU D 307 -13.40 36.56 50.29
N ARG D 308 -12.48 37.49 50.05
CA ARG D 308 -11.13 37.34 50.60
C ARG D 308 -11.14 37.31 52.13
N LYS D 309 -11.49 38.44 52.78
CA LYS D 309 -11.80 38.54 54.22
C LYS D 309 -12.47 37.28 54.80
N GLN D 310 -13.59 36.82 54.18
CA GLN D 310 -14.33 35.60 54.58
C GLN D 310 -13.46 34.34 54.56
N TRP D 311 -13.03 33.89 53.36
CA TRP D 311 -11.95 32.87 53.22
C TRP D 311 -10.93 32.98 54.32
N LEU D 312 -10.36 34.13 54.57
CA LEU D 312 -9.31 34.22 55.54
C LEU D 312 -9.72 34.00 56.99
N GLN D 313 -10.98 34.27 57.29
CA GLN D 313 -11.60 33.77 58.51
C GLN D 313 -11.84 32.26 58.38
N GLU D 314 -12.42 31.81 57.27
CA GLU D 314 -12.68 30.39 57.08
C GLU D 314 -11.47 29.46 57.21
N VAL D 315 -10.27 29.96 56.99
CA VAL D 315 -9.06 29.16 57.14
C VAL D 315 -8.58 29.24 58.53
N LYS D 316 -8.77 30.40 59.14
CA LYS D 316 -8.62 30.61 60.60
C LYS D 316 -9.44 29.59 61.42
N GLY D 317 -10.70 29.37 61.04
CA GLY D 317 -11.56 28.30 61.59
C GLY D 317 -11.27 26.87 61.15
N MET D 318 -10.18 26.67 60.46
CA MET D 318 -9.69 25.33 60.22
C MET D 318 -8.41 25.19 61.03
N ALA D 319 -7.58 26.24 60.93
CA ALA D 319 -6.35 26.36 61.68
C ALA D 319 -6.64 26.28 63.15
N ASP D 320 -7.86 26.69 63.52
CA ASP D 320 -8.26 26.73 64.92
C ASP D 320 -8.75 25.38 65.40
N ARG D 321 -9.58 24.71 64.62
CA ARG D 321 -10.09 23.39 64.99
C ARG D 321 -8.95 22.39 65.19
N ILE D 322 -7.84 22.62 64.50
CA ILE D 322 -6.67 21.75 64.61
C ILE D 322 -5.90 22.02 65.89
N ILE D 323 -5.70 23.29 66.21
CA ILE D 323 -4.98 23.68 67.41
C ILE D 323 -5.78 23.34 68.67
N SER D 324 -7.08 23.63 68.64
CA SER D 324 -7.95 23.35 69.77
C SER D 324 -7.93 21.87 70.12
N MET D 325 -7.57 21.04 69.16
CA MET D 325 -7.51 19.60 69.36
C MET D 325 -6.08 19.14 69.62
N ARG D 326 -5.12 19.97 69.26
CA ARG D 326 -3.71 19.68 69.47
C ARG D 326 -3.41 19.92 70.94
N THR D 327 -4.26 20.71 71.59
CA THR D 327 -4.11 20.98 73.01
C THR D 327 -5.09 20.13 73.83
N GLN D 328 -6.33 20.03 73.35
CA GLN D 328 -7.29 19.10 73.91
C GLN D 328 -6.79 17.65 73.99
N LEU D 329 -5.71 17.35 73.29
CA LEU D 329 -5.09 16.03 73.41
C LEU D 329 -4.14 16.00 74.60
N VAL D 330 -3.26 17.00 74.70
CA VAL D 330 -2.36 17.11 75.87
C VAL D 330 -3.13 17.32 77.20
N SER D 331 -4.17 18.16 77.18
CA SER D 331 -5.06 18.36 78.35
C SER D 331 -5.68 17.06 78.86
N ASN D 332 -6.13 16.20 77.94
CA ASN D 332 -6.61 14.86 78.24
C ASN D 332 -5.54 13.85 78.53
N LEU D 333 -4.28 14.29 78.49
CA LEU D 333 -3.15 13.42 78.79
C LEU D 333 -2.58 13.76 80.17
N LYS D 334 -3.26 14.72 80.79
CA LYS D 334 -3.12 15.05 82.19
C LYS D 334 -4.27 14.41 83.00
N LYS D 335 -5.52 14.57 82.52
CA LYS D 335 -6.73 13.85 83.05
C LYS D 335 -6.64 12.32 82.85
N GLU D 336 -5.59 11.93 82.13
CA GLU D 336 -5.09 10.57 82.06
C GLU D 336 -3.77 10.70 82.81
N GLY D 337 -3.35 9.65 83.50
CA GLY D 337 -2.33 9.82 84.49
C GLY D 337 -1.04 9.27 84.01
N SER D 338 -0.56 9.85 82.90
CA SER D 338 0.82 9.61 82.43
C SER D 338 1.59 10.90 82.62
N SER D 339 2.90 10.79 82.81
CA SER D 339 3.75 11.91 83.23
C SER D 339 4.50 12.64 82.12
N HIS D 340 4.69 11.97 80.97
CA HIS D 340 5.74 12.31 79.99
C HIS D 340 5.67 13.73 79.44
N ASN D 341 6.82 14.28 79.08
CA ASN D 341 6.89 15.62 78.55
C ASN D 341 6.28 15.73 77.16
N TRP D 342 5.44 16.73 76.92
CA TRP D 342 4.62 16.72 75.72
C TRP D 342 4.32 18.01 75.02
N GLN D 343 5.13 19.03 75.22
CA GLN D 343 4.85 20.31 74.61
C GLN D 343 4.89 20.34 73.11
N HIS D 344 5.57 19.37 72.52
CA HIS D 344 5.74 19.38 71.09
C HIS D 344 4.39 19.33 70.45
N ILE D 345 3.56 18.43 70.89
CA ILE D 345 2.28 18.31 70.28
C ILE D 345 1.70 19.68 70.06
N THR D 346 2.15 20.66 70.83
CA THR D 346 1.60 22.00 70.77
C THR D 346 2.57 23.06 70.33
N ASP D 347 3.81 22.69 70.29
CA ASP D 347 4.85 23.50 69.75
C ASP D 347 4.88 23.25 68.24
N GLN D 348 4.20 22.20 67.81
CA GLN D 348 4.21 21.76 66.43
C GLN D 348 3.14 22.54 65.77
N ILE D 349 3.34 22.83 64.48
CA ILE D 349 2.38 23.64 63.73
C ILE D 349 1.73 22.89 62.58
N GLY D 350 0.45 23.15 62.39
CA GLY D 350 -0.29 22.62 61.27
C GLY D 350 -0.61 21.17 61.46
N MET D 351 -1.30 20.58 60.49
CA MET D 351 -1.99 19.28 60.66
C MET D 351 -1.18 17.98 60.80
N PHE D 352 0.14 18.09 60.81
CA PHE D 352 0.93 16.90 60.87
C PHE D 352 1.85 16.91 62.08
N CYS D 353 1.65 15.91 62.96
CA CYS D 353 2.37 15.85 64.23
C CYS D 353 3.19 14.57 64.40
N PHE D 354 4.49 14.75 64.58
CA PHE D 354 5.34 13.66 65.03
C PHE D 354 5.13 13.48 66.55
N THR D 355 4.48 12.35 66.93
CA THR D 355 3.96 12.14 68.28
C THR D 355 5.07 11.66 69.16
N GLY D 356 5.96 10.87 68.58
CA GLY D 356 7.15 10.45 69.27
C GLY D 356 7.05 8.99 69.61
N LEU D 357 5.84 8.46 69.59
CA LEU D 357 5.67 7.05 69.70
C LEU D 357 6.68 6.31 68.83
N LYS D 358 7.35 5.33 69.43
CA LYS D 358 8.26 4.42 68.71
C LYS D 358 7.38 3.32 68.07
N PRO D 359 7.91 2.63 67.03
CA PRO D 359 7.08 1.78 66.15
C PRO D 359 6.30 0.69 66.87
N GLU D 360 6.91 0.04 67.83
CA GLU D 360 6.26 -1.06 68.53
C GLU D 360 4.99 -0.52 69.17
N GLN D 361 5.13 0.68 69.74
CA GLN D 361 3.99 1.33 70.37
C GLN D 361 2.91 1.58 69.31
N VAL D 362 3.33 1.91 68.08
CA VAL D 362 2.39 2.16 66.99
C VAL D 362 1.59 0.91 66.68
N GLU D 363 2.30 -0.23 66.60
CA GLU D 363 1.70 -1.51 66.16
C GLU D 363 0.63 -1.94 67.15
N ARG D 364 0.93 -1.72 68.43
CA ARG D 364 0.06 -2.11 69.52
C ARG D 364 -1.26 -1.36 69.46
N LEU D 365 -1.18 -0.04 69.17
CA LEU D 365 -2.34 0.85 68.95
C LEU D 365 -3.34 0.38 67.90
N THR D 366 -2.81 -0.23 66.84
CA THR D 366 -3.61 -0.92 65.81
C THR D 366 -4.29 -2.21 66.33
N LYS D 367 -3.48 -3.18 66.78
CA LYS D 367 -4.00 -4.45 67.33
C LYS D 367 -4.95 -4.21 68.50
N GLU D 368 -4.49 -3.42 69.49
CA GLU D 368 -5.28 -3.12 70.72
C GLU D 368 -6.43 -2.11 70.51
N PHE D 369 -6.08 -0.87 70.17
CA PHE D 369 -7.02 0.25 70.14
C PHE D 369 -7.73 0.57 68.83
N SER D 370 -7.23 0.02 67.72
CA SER D 370 -7.69 0.37 66.38
C SER D 370 -7.47 1.87 66.16
N VAL D 371 -6.25 2.30 66.48
CA VAL D 371 -5.78 3.62 66.15
C VAL D 371 -4.72 3.48 65.06
N TYR D 372 -5.10 3.90 63.87
CA TYR D 372 -4.32 3.66 62.69
C TYR D 372 -3.50 4.89 62.33
N MET D 373 -2.20 4.68 62.23
CA MET D 373 -1.26 5.71 61.92
C MET D 373 -0.04 5.07 61.34
N THR D 374 0.91 5.88 60.90
CA THR D 374 2.09 5.36 60.24
C THR D 374 3.07 5.03 61.30
N LYS D 375 3.92 4.06 61.04
CA LYS D 375 4.81 3.60 62.06
C LYS D 375 5.70 4.70 62.52
N ASP D 376 6.14 5.53 61.61
CA ASP D 376 7.07 6.58 62.00
C ASP D 376 6.49 7.46 63.08
N GLY D 377 5.32 7.12 63.58
CA GLY D 377 4.74 7.91 64.63
C GLY D 377 4.10 9.20 64.21
N ARG D 378 3.89 9.38 62.93
CA ARG D 378 3.21 10.57 62.45
C ARG D 378 1.70 10.43 62.66
N ILE D 379 1.11 11.52 63.16
CA ILE D 379 -0.33 11.63 63.17
C ILE D 379 -0.84 12.88 62.43
N SER D 380 -2.02 12.71 61.85
CA SER D 380 -2.80 13.75 61.19
C SER D 380 -3.83 14.26 62.19
N VAL D 381 -3.57 15.44 62.71
CA VAL D 381 -4.44 16.00 63.73
C VAL D 381 -5.85 16.08 63.16
N ALA D 382 -5.96 16.47 61.92
CA ALA D 382 -7.26 16.53 61.24
C ALA D 382 -8.17 15.31 61.48
N GLY D 383 -7.60 14.14 61.76
CA GLY D 383 -8.46 12.97 61.99
C GLY D 383 -8.97 12.79 63.42
N VAL D 384 -8.52 13.68 64.33
CA VAL D 384 -8.88 13.73 65.72
C VAL D 384 -10.13 14.59 65.98
N THR D 385 -11.32 14.03 65.76
CA THR D 385 -12.57 14.75 66.12
C THR D 385 -12.65 15.00 67.65
N SER D 386 -13.54 15.89 68.08
CA SER D 386 -13.72 16.11 69.53
C SER D 386 -14.54 15.07 70.32
N GLY D 387 -15.58 14.50 69.69
CA GLY D 387 -16.30 13.38 70.30
C GLY D 387 -15.40 12.14 70.29
N ASN D 388 -14.12 12.35 70.09
CA ASN D 388 -13.21 11.24 69.92
C ASN D 388 -11.83 11.48 70.52
N VAL D 389 -11.42 12.74 70.61
CA VAL D 389 -10.10 13.00 71.15
C VAL D 389 -9.91 12.33 72.51
N GLY D 390 -11.00 12.30 73.34
CA GLY D 390 -11.01 11.62 74.66
C GLY D 390 -10.49 10.21 74.56
N TYR D 391 -11.20 9.40 73.77
CA TYR D 391 -10.80 8.02 73.47
C TYR D 391 -9.36 7.82 72.95
N LEU D 392 -8.89 8.75 72.12
CA LEU D 392 -7.55 8.67 71.55
C LEU D 392 -6.49 8.77 72.64
N ALA D 393 -6.38 9.95 73.26
CA ALA D 393 -5.40 10.17 74.32
C ALA D 393 -5.30 8.96 75.24
N HIS D 394 -6.45 8.48 75.72
CA HIS D 394 -6.48 7.32 76.61
C HIS D 394 -5.66 6.17 76.05
N ALA D 395 -5.63 6.05 74.73
CA ALA D 395 -4.89 4.99 74.09
C ALA D 395 -3.38 5.16 74.16
N ILE D 396 -2.92 6.40 74.05
CA ILE D 396 -1.49 6.73 74.04
C ILE D 396 -0.90 6.63 75.43
N HIS D 397 -1.74 6.99 76.40
CA HIS D 397 -1.52 6.79 77.83
C HIS D 397 -1.15 5.32 78.13
N GLN D 398 -2.00 4.42 77.63
CA GLN D 398 -1.86 2.97 77.81
C GLN D 398 -0.59 2.34 77.23
N VAL D 399 -0.08 2.86 76.11
CA VAL D 399 1.14 2.30 75.50
C VAL D 399 2.41 3.14 75.77
N THR D 400 2.24 4.21 76.55
CA THR D 400 3.36 5.03 76.99
C THR D 400 3.64 4.87 78.48
N LYS D 401 2.60 4.47 79.23
CA LYS D 401 2.66 4.25 80.70
C LYS D 401 3.86 3.40 81.17
C1 GOL E . 3.52 -23.76 -18.54
O1 GOL E . 2.35 -23.47 -17.75
C2 GOL E . 4.61 -23.11 -17.74
O2 GOL E . 3.84 -22.14 -17.04
C3 GOL E . 5.84 -22.49 -18.48
O3 GOL E . 6.85 -21.91 -17.62
C1 GOL F . -16.69 -28.33 -13.89
O1 GOL F . -17.27 -27.06 -14.17
C2 GOL F . -16.92 -29.22 -15.09
O2 GOL F . -17.87 -30.16 -14.72
C3 GOL F . -15.62 -29.95 -15.35
O3 GOL F . -14.90 -30.06 -14.15
C1 GOL G . 10.81 -6.95 -32.64
O1 GOL G . 10.82 -8.37 -32.55
C2 GOL G . 10.11 -6.28 -33.83
O2 GOL G . 9.82 -4.95 -33.47
C3 GOL G . 10.91 -6.26 -35.17
O3 GOL G . 10.49 -7.26 -36.11
C1 GOL H . -12.42 -28.63 -60.28
O1 GOL H . -11.33 -29.35 -59.79
C2 GOL H . -12.80 -27.70 -59.17
O2 GOL H . -14.20 -27.87 -58.99
C3 GOL H . -12.52 -26.29 -59.60
O3 GOL H . -13.50 -25.38 -59.15
C1 GOL I . 18.31 -17.09 -25.77
O1 GOL I . 18.95 -15.84 -25.96
C2 GOL I . 16.79 -17.03 -26.13
O2 GOL I . 16.12 -15.91 -25.52
C3 GOL I . 16.06 -18.42 -26.12
O3 GOL I . 15.27 -18.68 -27.31
C1 GOL J . 2.22 23.20 15.58
O1 GOL J . 2.58 22.09 14.80
C2 GOL J . 2.37 22.92 17.08
O2 GOL J . 1.21 23.33 17.83
C3 GOL J . 3.65 23.59 17.57
O3 GOL J . 3.87 23.11 18.88
#